data_6N4Y
#
_entry.id   6N4Y
#
_cell.length_a   95.528
_cell.length_b   158.389
_cell.length_c   111.963
_cell.angle_alpha   90.000
_cell.angle_beta   101.930
_cell.angle_gamma   90.000
#
_symmetry.space_group_name_H-M   'P 1 21 1'
#
loop_
_entity.id
_entity.type
_entity.pdbx_description
1 polymer 'Metabotropic glutamate receptor 5'
2 polymer 'Nanobody 43'
3 branched 2-acetamido-2-deoxy-beta-D-glucopyranose-(1-4)-[alpha-L-fucopyranose-(1-6)]2-acetamido-2-deoxy-beta-D-glucopyranose
4 branched alpha-D-mannopyranose-(1-3)-[alpha-D-mannopyranose-(1-6)]beta-D-mannopyranose-(1-4)-2-acetamido-2-deoxy-beta-D-glucopyranose-(1-4)-[alpha-L-fucopyranose-(1-3)][alpha-L-fucopyranose-(1-6)]2-acetamido-2-deoxy-beta-D-glucopyranose
5 branched alpha-D-mannopyranose-(1-3)-beta-D-mannopyranose-(1-3)-2-acetamido-2-deoxy-beta-D-glucopyranose-(1-4)-[alpha-L-fucopyranose-(1-6)]2-acetamido-2-deoxy-beta-D-glucopyranose
6 branched alpha-D-mannopyranose-(1-6)-beta-D-mannopyranose-(1-4)-2-acetamido-2-deoxy-beta-D-glucopyranose-(1-4)-[alpha-L-fucopyranose-(1-3)][alpha-L-fucopyranose-(1-6)]2-acetamido-2-deoxy-beta-D-glucopyranose
7 non-polymer 2-acetamido-2-deoxy-beta-D-glucopyranose
#
loop_
_entity_poly.entity_id
_entity_poly.type
_entity_poly.pdbx_seq_one_letter_code
_entity_poly.pdbx_strand_id
1 'polypeptide(L)'
;MLLVNQSHQGFNKEHTSKMVSAIVLYVLLAAAAHSAFQSSERRVVAHMPGDIIIGALFSVHHQPTVDKVHERKCGAVREQ
YGIQRVEAMLHTLERINSDPTLLPNITLGCEIRDSCWHSAVALEQSIEFIRDSLISSEEEEGLVRCVDGSSSSFRSKKPI
VGVIGPGSSSVAIQVQNLLQLFNIPQIAYSATSMDLSDKTLFKYFMRVVPSDAQQARAMVDIVKRYNWTYVSAVHTEGNY
GESGMEAFKDMSAKEGICIAHSYKIYSNAGEQSFDKLLKKLTSHLPKARVVACFCEGMTVRGLLMAMRRLGLAGEFLLLG
SDGWADRYDVTDGYQREAVGGITIKLQSPDVKWFDDYYLKLRPETNHRNPWFQEFWQHRFQCRLEGFPQENSKYNKTCNS
SLTLKTHHVQDSKMGFVINAIYSMAYGLHNMQMSLCPGYAGLCDAMKPIDGRKLLESLMKTNFTGVSGDTILFDENGDSP
GRYEIMNFKEMGKDYFDYINVGSWDNGELKMDDDEVWSKKSNIIRSVCSEPCEKGQIKVIRKGEVSCCWTCTPCKENEYV
FDEYTCKACQLGSWPTDDLTGCDLIPVQHHHHHHHH
;
A,B,C,D
2 'polypeptide(L)'
;QVQLVESGGGLVQAGGSLRLSCAASGRTFTSYAMGWFRQAPGKERESVAAISSSGGSTHYADSVKGRFTISRDNSKNTVY
LQMNSLKPEDTAVYYCAAAMYGSRWPDWEYDYWGQGTQVTVSS
;
E,F,G,H
#
# COMPACT_ATOMS: atom_id res chain seq x y z
N GLU A 41 -14.39 20.35 -39.84
CA GLU A 41 -14.23 20.27 -41.27
C GLU A 41 -12.78 20.52 -41.70
N ARG A 42 -12.22 19.58 -42.47
CA ARG A 42 -10.89 19.72 -43.06
C ARG A 42 -9.80 19.88 -42.00
N ARG A 43 -9.60 18.83 -41.21
CA ARG A 43 -8.66 18.87 -40.10
C ARG A 43 -7.44 18.00 -40.37
N VAL A 44 -6.27 18.51 -39.94
CA VAL A 44 -5.00 17.79 -39.99
C VAL A 44 -4.81 16.97 -38.72
N VAL A 45 -3.83 16.07 -38.76
CA VAL A 45 -3.49 15.21 -37.63
C VAL A 45 -1.97 15.24 -37.45
N ALA A 46 -1.53 15.06 -36.20
CA ALA A 46 -0.11 14.92 -35.89
C ALA A 46 0.16 13.44 -35.63
N HIS A 47 0.90 12.79 -36.52
CA HIS A 47 1.09 11.36 -36.43
C HIS A 47 2.57 11.02 -36.23
N MET A 48 2.79 9.81 -35.69
CA MET A 48 4.10 9.28 -35.40
C MET A 48 3.96 7.77 -35.53
N PRO A 49 4.83 7.12 -36.31
CA PRO A 49 4.66 5.68 -36.56
C PRO A 49 5.15 4.83 -35.39
N GLY A 50 4.67 3.60 -35.38
CA GLY A 50 5.07 2.66 -34.32
C GLY A 50 4.29 1.36 -34.45
N ASP A 51 4.67 0.42 -33.58
CA ASP A 51 3.99 -0.88 -33.54
C ASP A 51 2.60 -0.75 -32.94
N ILE A 52 2.47 0.05 -31.88
CA ILE A 52 1.20 0.31 -31.21
C ILE A 52 0.94 1.81 -31.29
N ILE A 53 -0.27 2.20 -31.68
CA ILE A 53 -0.62 3.59 -31.89
C ILE A 53 -1.62 4.06 -30.85
N ILE A 54 -1.25 5.10 -30.12
CA ILE A 54 -2.02 5.67 -29.02
C ILE A 54 -2.61 6.99 -29.49
N GLY A 55 -3.94 7.11 -29.42
CA GLY A 55 -4.59 8.34 -29.82
C GLY A 55 -4.63 9.37 -28.71
N ALA A 56 -4.88 10.62 -29.10
CA ALA A 56 -4.92 11.71 -28.13
C ALA A 56 -5.71 12.88 -28.71
N LEU A 57 -6.42 13.58 -27.83
CA LEU A 57 -7.18 14.77 -28.19
C LEU A 57 -6.68 15.94 -27.34
N PHE A 58 -6.28 17.01 -28.01
CA PHE A 58 -5.88 18.25 -27.34
C PHE A 58 -6.56 19.42 -28.01
N SER A 59 -6.98 20.41 -27.21
CA SER A 59 -7.60 21.62 -27.74
C SER A 59 -6.49 22.50 -28.32
N VAL A 60 -6.12 22.20 -29.56
CA VAL A 60 -5.11 22.99 -30.25
C VAL A 60 -5.69 24.35 -30.67
N HIS A 61 -7.02 24.47 -30.70
CA HIS A 61 -7.68 25.72 -31.03
C HIS A 61 -8.80 25.98 -30.04
N HIS A 62 -9.20 27.24 -29.94
CA HIS A 62 -10.35 27.59 -29.12
C HIS A 62 -11.64 27.06 -29.74
N GLN A 63 -12.65 26.88 -28.91
CA GLN A 63 -13.91 26.35 -29.38
C GLN A 63 -14.61 27.35 -30.28
N PRO A 64 -15.45 26.88 -31.20
CA PRO A 64 -16.12 27.78 -32.14
C PRO A 64 -16.99 28.80 -31.42
N THR A 65 -17.24 29.91 -32.12
CA THR A 65 -18.20 30.89 -31.63
C THR A 65 -19.61 30.47 -32.00
N VAL A 66 -20.59 31.07 -31.34
CA VAL A 66 -21.98 30.60 -31.41
C VAL A 66 -22.50 30.62 -32.84
N ASP A 67 -21.99 31.52 -33.68
CA ASP A 67 -22.38 31.51 -35.09
C ASP A 67 -21.77 30.32 -35.82
N LYS A 68 -20.47 30.10 -35.65
CA LYS A 68 -19.75 29.07 -36.37
C LYS A 68 -19.68 27.76 -35.60
N VAL A 69 -20.59 27.55 -34.64
CA VAL A 69 -20.61 26.29 -33.89
C VAL A 69 -21.18 25.17 -34.74
N HIS A 70 -22.11 25.48 -35.65
CA HIS A 70 -22.69 24.46 -36.52
C HIS A 70 -21.72 24.07 -37.62
N GLU A 71 -21.02 25.06 -38.19
CA GLU A 71 -19.95 24.78 -39.13
C GLU A 71 -18.72 24.19 -38.46
N ARG A 72 -18.66 24.25 -37.13
CA ARG A 72 -17.55 23.69 -36.34
C ARG A 72 -16.21 24.28 -36.76
N LYS A 73 -16.21 25.57 -37.10
CA LYS A 73 -14.98 26.29 -37.38
C LYS A 73 -14.43 26.83 -36.07
N CYS A 74 -13.26 26.35 -35.68
CA CYS A 74 -12.70 26.65 -34.36
C CYS A 74 -11.96 27.98 -34.39
N GLY A 75 -11.50 28.41 -33.22
CA GLY A 75 -10.85 29.69 -33.05
C GLY A 75 -9.34 29.64 -33.21
N ALA A 76 -8.67 30.57 -32.55
CA ALA A 76 -7.23 30.74 -32.68
C ALA A 76 -6.48 29.58 -32.02
N VAL A 77 -5.20 29.47 -32.34
CA VAL A 77 -4.37 28.39 -31.82
C VAL A 77 -4.05 28.64 -30.35
N ARG A 78 -3.91 27.57 -29.58
CA ARG A 78 -3.69 27.65 -28.15
C ARG A 78 -2.31 27.06 -27.83
N GLU A 79 -1.56 27.77 -26.99
CA GLU A 79 -0.19 27.36 -26.69
C GLU A 79 -0.14 26.30 -25.59
N GLN A 80 -0.63 26.65 -24.40
CA GLN A 80 -0.45 25.77 -23.25
C GLN A 80 -1.35 24.55 -23.30
N TYR A 81 -2.65 24.75 -23.55
CA TYR A 81 -3.53 23.59 -23.66
C TYR A 81 -3.37 22.86 -25.00
N GLY A 82 -2.71 23.47 -25.97
CA GLY A 82 -2.57 22.88 -27.30
C GLY A 82 -1.16 22.44 -27.65
N ILE A 83 -0.43 23.33 -28.33
CA ILE A 83 0.91 23.10 -28.86
C ILE A 83 1.82 22.39 -27.87
N GLN A 84 1.83 22.85 -26.61
CA GLN A 84 2.75 22.28 -25.64
C GLN A 84 2.36 20.84 -25.29
N ARG A 85 1.07 20.57 -25.15
CA ARG A 85 0.64 19.20 -24.87
C ARG A 85 0.88 18.29 -26.06
N VAL A 86 0.76 18.81 -27.28
CA VAL A 86 1.06 18.03 -28.47
C VAL A 86 2.54 17.65 -28.51
N GLU A 87 3.41 18.66 -28.35
CA GLU A 87 4.85 18.39 -28.33
C GLU A 87 5.23 17.47 -27.19
N ALA A 88 4.54 17.56 -26.05
CA ALA A 88 4.81 16.66 -24.94
C ALA A 88 4.42 15.23 -25.28
N MET A 89 3.26 15.03 -25.90
CA MET A 89 2.87 13.73 -26.43
C MET A 89 4.01 13.15 -27.27
N LEU A 90 4.46 13.92 -28.26
CA LEU A 90 5.48 13.44 -29.19
C LEU A 90 6.77 13.07 -28.47
N HIS A 91 7.28 13.98 -27.63
CA HIS A 91 8.59 13.77 -27.02
C HIS A 91 8.54 12.72 -25.92
N THR A 92 7.43 12.61 -25.19
CA THR A 92 7.29 11.56 -24.20
C THR A 92 7.25 10.19 -24.86
N LEU A 93 6.58 10.09 -26.01
CA LEU A 93 6.64 8.82 -26.74
C LEU A 93 8.05 8.52 -27.23
N GLU A 94 8.78 9.55 -27.69
CA GLU A 94 10.20 9.38 -28.01
C GLU A 94 10.96 8.78 -26.82
N ARG A 95 10.78 9.38 -25.65
CA ARG A 95 11.50 8.93 -24.45
C ARG A 95 11.15 7.49 -24.10
N ILE A 96 9.87 7.13 -24.14
CA ILE A 96 9.46 5.78 -23.80
C ILE A 96 10.00 4.77 -24.80
N ASN A 97 10.03 5.15 -26.09
CA ASN A 97 10.64 4.27 -27.08
C ASN A 97 12.11 4.07 -26.80
N SER A 98 12.81 5.14 -26.40
CA SER A 98 14.23 5.04 -26.08
C SER A 98 14.49 4.37 -24.73
N ASP A 99 13.46 4.18 -23.91
CA ASP A 99 13.64 3.51 -22.62
C ASP A 99 13.71 2.00 -22.83
N PRO A 100 14.80 1.34 -22.45
CA PRO A 100 14.88 -0.13 -22.62
C PRO A 100 14.11 -0.89 -21.56
N THR A 101 13.95 -0.30 -20.38
CA THR A 101 13.21 -0.97 -19.31
C THR A 101 11.72 -1.05 -19.61
N LEU A 102 11.19 -0.07 -20.33
CA LEU A 102 9.76 0.04 -20.60
C LEU A 102 9.52 -0.26 -22.08
N LEU A 103 8.73 -1.31 -22.34
CA LEU A 103 8.43 -1.76 -23.70
C LEU A 103 9.70 -1.88 -24.53
N PRO A 104 10.53 -2.90 -24.30
CA PRO A 104 11.68 -3.12 -25.16
C PRO A 104 11.28 -3.79 -26.46
N ASN A 105 11.88 -3.33 -27.56
CA ASN A 105 11.61 -3.85 -28.89
C ASN A 105 10.15 -3.68 -29.31
N ILE A 106 9.45 -2.72 -28.70
CA ILE A 106 8.09 -2.34 -29.10
C ILE A 106 8.06 -0.83 -29.23
N THR A 107 7.69 -0.35 -30.42
CA THR A 107 7.64 1.08 -30.69
C THR A 107 6.22 1.59 -30.48
N LEU A 108 6.10 2.76 -29.88
CA LEU A 108 4.82 3.41 -29.67
C LEU A 108 4.69 4.61 -30.61
N GLY A 109 3.61 4.60 -31.40
CA GLY A 109 3.25 5.72 -32.22
C GLY A 109 2.03 6.45 -31.68
N CYS A 110 1.58 7.44 -32.45
CA CYS A 110 0.46 8.24 -31.98
C CYS A 110 -0.25 8.92 -33.14
N GLU A 111 -1.55 9.16 -32.92
CA GLU A 111 -2.41 9.96 -33.78
C GLU A 111 -3.03 11.04 -32.90
N ILE A 112 -2.62 12.28 -33.09
CA ILE A 112 -3.00 13.41 -32.23
C ILE A 112 -3.95 14.28 -33.03
N ARG A 113 -5.16 14.48 -32.52
CA ARG A 113 -6.18 15.27 -33.19
C ARG A 113 -6.62 16.43 -32.31
N ASP A 114 -7.24 17.41 -32.95
CA ASP A 114 -7.63 18.67 -32.33
C ASP A 114 -9.06 18.57 -31.81
N SER A 115 -9.23 18.78 -30.50
CA SER A 115 -10.55 18.67 -29.88
C SER A 115 -11.31 19.98 -29.82
N CYS A 116 -10.62 21.11 -29.94
CA CYS A 116 -11.20 22.45 -29.87
C CYS A 116 -11.93 22.71 -28.55
N TRP A 117 -11.73 21.86 -27.54
CA TRP A 117 -12.43 22.01 -26.26
C TRP A 117 -13.94 22.05 -26.49
N HIS A 118 -14.41 21.26 -27.45
CA HIS A 118 -15.81 21.30 -27.88
C HIS A 118 -16.28 19.90 -28.20
N SER A 119 -17.49 19.56 -27.76
CA SER A 119 -17.95 18.18 -27.82
C SER A 119 -18.24 17.73 -29.24
N ALA A 120 -18.76 18.63 -30.08
CA ALA A 120 -19.02 18.28 -31.47
C ALA A 120 -17.73 17.93 -32.20
N VAL A 121 -16.73 18.80 -32.09
CA VAL A 121 -15.44 18.56 -32.72
C VAL A 121 -14.80 17.28 -32.18
N ALA A 122 -14.88 17.09 -30.86
CA ALA A 122 -14.27 15.92 -30.25
C ALA A 122 -14.92 14.63 -30.73
N LEU A 123 -16.26 14.60 -30.78
CA LEU A 123 -16.95 13.42 -31.29
C LEU A 123 -16.61 13.16 -32.75
N GLU A 124 -16.52 14.24 -33.54
CA GLU A 124 -16.06 14.12 -34.92
C GLU A 124 -14.73 13.38 -35.01
N GLN A 125 -13.74 13.86 -34.25
CA GLN A 125 -12.40 13.28 -34.34
C GLN A 125 -12.36 11.87 -33.75
N SER A 126 -13.22 11.55 -32.79
CA SER A 126 -13.25 10.19 -32.26
C SER A 126 -13.87 9.22 -33.27
N ILE A 127 -14.89 9.68 -34.01
CA ILE A 127 -15.39 8.91 -35.13
C ILE A 127 -14.25 8.65 -36.12
N GLU A 128 -13.43 9.67 -36.38
CA GLU A 128 -12.26 9.45 -37.22
C GLU A 128 -11.31 8.43 -36.63
N PHE A 129 -11.26 8.33 -35.31
CA PHE A 129 -10.45 7.29 -34.66
C PHE A 129 -10.96 5.89 -35.00
N ILE A 130 -12.28 5.67 -34.85
CA ILE A 130 -12.84 4.32 -35.08
C ILE A 130 -13.23 4.08 -36.54
N ARG A 131 -12.96 5.02 -37.43
CA ARG A 131 -13.21 4.87 -38.86
C ARG A 131 -12.70 3.52 -39.37
N ASP A 132 -11.42 3.24 -39.16
CA ASP A 132 -10.83 2.01 -39.69
C ASP A 132 -11.46 0.77 -39.05
N SER A 133 -11.75 0.84 -37.75
CA SER A 133 -12.37 -0.29 -37.08
C SER A 133 -13.73 -0.63 -37.67
N LEU A 134 -14.41 0.36 -38.26
CA LEU A 134 -15.76 0.11 -38.78
C LEU A 134 -15.77 -0.87 -39.96
N ILE A 135 -14.86 -0.70 -40.93
CA ILE A 135 -15.00 -1.46 -42.18
C ILE A 135 -14.83 -2.95 -41.96
N SER A 136 -13.97 -3.36 -41.03
CA SER A 136 -13.73 -4.78 -40.79
C SER A 136 -14.86 -5.40 -39.97
N LYS A 157 -5.22 2.93 -40.98
CA LYS A 157 -4.15 1.94 -40.83
C LYS A 157 -3.65 1.89 -39.40
N LYS A 158 -3.45 0.67 -38.87
CA LYS A 158 -2.96 0.45 -37.51
C LYS A 158 -3.91 1.08 -36.48
N PRO A 159 -5.04 0.42 -36.20
CA PRO A 159 -6.07 1.02 -35.34
C PRO A 159 -5.60 1.53 -33.99
N ILE A 160 -6.41 2.40 -33.38
CA ILE A 160 -6.06 3.08 -32.14
C ILE A 160 -6.23 2.11 -30.96
N VAL A 161 -5.22 2.07 -30.09
CA VAL A 161 -5.28 1.16 -28.95
C VAL A 161 -5.85 1.85 -27.72
N GLY A 162 -5.52 3.13 -27.52
CA GLY A 162 -6.08 3.91 -26.41
C GLY A 162 -6.03 5.38 -26.77
N VAL A 163 -6.71 6.19 -25.95
CA VAL A 163 -6.84 7.62 -26.21
C VAL A 163 -6.51 8.39 -24.95
N ILE A 164 -5.78 9.51 -25.12
CA ILE A 164 -5.40 10.40 -24.03
C ILE A 164 -6.26 11.65 -24.11
N GLY A 165 -6.90 12.02 -23.00
CA GLY A 165 -7.70 13.21 -22.95
C GLY A 165 -9.18 12.92 -23.07
N PRO A 166 -10.00 13.95 -23.37
CA PRO A 166 -9.65 15.38 -23.50
C PRO A 166 -9.66 16.13 -22.17
N GLY A 167 -9.77 17.45 -22.24
CA GLY A 167 -9.67 18.29 -21.06
C GLY A 167 -10.95 18.51 -20.27
N SER A 168 -12.01 18.95 -20.94
CA SER A 168 -13.28 19.18 -20.27
C SER A 168 -13.91 17.87 -19.85
N SER A 169 -14.56 17.86 -18.68
CA SER A 169 -15.20 16.65 -18.20
C SER A 169 -16.41 16.29 -19.07
N SER A 170 -17.15 17.29 -19.52
CA SER A 170 -18.29 17.05 -20.41
C SER A 170 -17.82 16.49 -21.75
N VAL A 171 -16.79 17.11 -22.33
CA VAL A 171 -16.23 16.62 -23.59
C VAL A 171 -15.65 15.22 -23.39
N ALA A 172 -15.05 14.97 -22.23
CA ALA A 172 -14.52 13.63 -21.94
C ALA A 172 -15.65 12.60 -21.87
N ILE A 173 -16.79 12.98 -21.29
CA ILE A 173 -17.94 12.08 -21.25
C ILE A 173 -18.42 11.78 -22.66
N GLN A 174 -18.54 12.82 -23.49
CA GLN A 174 -19.00 12.63 -24.86
C GLN A 174 -18.08 11.69 -25.62
N VAL A 175 -16.76 11.87 -25.48
CA VAL A 175 -15.81 10.99 -26.15
C VAL A 175 -15.88 9.58 -25.58
N GLN A 176 -16.11 9.46 -24.27
CA GLN A 176 -16.14 8.16 -23.62
C GLN A 176 -17.33 7.34 -24.10
N ASN A 177 -18.49 7.98 -24.28
CA ASN A 177 -19.68 7.25 -24.72
C ASN A 177 -19.45 6.57 -26.06
N LEU A 178 -18.55 7.11 -26.88
CA LEU A 178 -18.18 6.51 -28.16
C LEU A 178 -17.05 5.50 -28.00
N LEU A 179 -16.01 5.85 -27.25
CA LEU A 179 -14.85 4.96 -27.15
C LEU A 179 -15.20 3.66 -26.46
N GLN A 180 -16.15 3.67 -25.51
CA GLN A 180 -16.51 2.44 -24.82
C GLN A 180 -17.10 1.40 -25.76
N LEU A 181 -17.74 1.85 -26.84
CA LEU A 181 -18.39 0.91 -27.75
C LEU A 181 -17.38 -0.01 -28.41
N PHE A 182 -16.24 0.54 -28.84
CA PHE A 182 -15.19 -0.26 -29.45
C PHE A 182 -14.09 -0.65 -28.48
N ASN A 183 -14.38 -0.59 -27.18
CA ASN A 183 -13.49 -1.10 -26.14
C ASN A 183 -12.10 -0.46 -26.22
N ILE A 184 -12.08 0.87 -26.31
CA ILE A 184 -10.84 1.63 -26.38
C ILE A 184 -10.62 2.30 -25.02
N PRO A 185 -9.62 1.88 -24.25
CA PRO A 185 -9.37 2.53 -22.95
C PRO A 185 -9.00 3.99 -23.12
N GLN A 186 -9.48 4.82 -22.19
CA GLN A 186 -9.27 6.26 -22.21
C GLN A 186 -8.67 6.70 -20.89
N ILE A 187 -7.63 7.53 -20.96
CA ILE A 187 -6.96 8.08 -19.77
C ILE A 187 -6.92 9.59 -19.91
N ALA A 188 -7.48 10.29 -18.94
CA ALA A 188 -7.62 11.74 -18.95
C ALA A 188 -6.70 12.38 -17.92
N TYR A 189 -6.41 13.66 -18.14
CA TYR A 189 -5.44 14.39 -17.34
C TYR A 189 -5.97 15.66 -16.69
N SER A 190 -7.16 16.13 -17.06
CA SER A 190 -7.72 17.31 -16.41
C SER A 190 -9.23 17.25 -16.20
N ALA A 191 -9.88 16.15 -16.53
CA ALA A 191 -11.33 16.00 -16.34
C ALA A 191 -11.57 15.41 -14.95
N THR A 192 -12.14 16.21 -14.06
CA THR A 192 -12.21 15.87 -12.64
C THR A 192 -13.64 15.65 -12.15
N SER A 193 -14.61 15.50 -13.03
CA SER A 193 -16.01 15.35 -12.62
C SER A 193 -16.22 14.04 -11.87
N MET A 194 -17.01 14.10 -10.80
CA MET A 194 -17.36 12.89 -10.06
C MET A 194 -18.21 11.94 -10.91
N ASP A 195 -18.95 12.48 -11.89
CA ASP A 195 -19.77 11.65 -12.76
C ASP A 195 -18.95 10.54 -13.39
N LEU A 196 -17.70 10.84 -13.76
CA LEU A 196 -16.81 9.91 -14.44
C LEU A 196 -16.33 8.76 -13.56
N SER A 197 -16.72 8.71 -12.28
CA SER A 197 -16.31 7.60 -11.44
C SER A 197 -17.22 6.38 -11.58
N ASP A 198 -18.42 6.55 -12.13
CA ASP A 198 -19.39 5.47 -12.28
C ASP A 198 -18.95 4.54 -13.40
N LYS A 199 -18.36 3.39 -13.06
CA LYS A 199 -17.79 2.51 -14.06
C LYS A 199 -18.83 1.61 -14.72
N THR A 200 -20.11 1.72 -14.36
CA THR A 200 -21.16 1.12 -15.17
C THR A 200 -21.55 2.02 -16.33
N LEU A 201 -21.30 3.32 -16.22
CA LEU A 201 -21.55 4.28 -17.29
C LEU A 201 -20.31 4.64 -18.09
N PHE A 202 -19.12 4.48 -17.49
CA PHE A 202 -17.86 4.95 -18.09
C PHE A 202 -16.78 3.89 -17.94
N LYS A 203 -17.09 2.65 -18.33
CA LYS A 203 -16.25 1.50 -17.97
C LYS A 203 -14.80 1.68 -18.41
N TYR A 204 -14.56 2.27 -19.58
CA TYR A 204 -13.19 2.41 -20.06
C TYR A 204 -12.64 3.81 -19.84
N PHE A 205 -12.98 4.44 -18.72
CA PHE A 205 -12.45 5.76 -18.39
C PHE A 205 -11.57 5.66 -17.14
N MET A 206 -10.42 6.30 -17.20
CA MET A 206 -9.50 6.40 -16.06
C MET A 206 -8.83 7.75 -16.11
N ARG A 207 -8.49 8.29 -14.95
CA ARG A 207 -7.79 9.57 -14.89
C ARG A 207 -6.67 9.52 -13.86
N VAL A 208 -5.61 10.28 -14.15
CA VAL A 208 -4.49 10.45 -13.25
C VAL A 208 -4.63 11.72 -12.41
N VAL A 209 -5.81 12.32 -12.39
CA VAL A 209 -6.12 13.45 -11.51
C VAL A 209 -7.12 13.01 -10.45
N PRO A 210 -7.08 13.60 -9.26
CA PRO A 210 -8.14 13.34 -8.27
C PRO A 210 -9.42 14.05 -8.66
N SER A 211 -10.54 13.38 -8.38
CA SER A 211 -11.84 13.99 -8.67
C SER A 211 -12.11 15.12 -7.68
N ASP A 212 -13.20 15.84 -7.93
CA ASP A 212 -13.58 16.95 -7.07
C ASP A 212 -13.90 16.47 -5.65
N ALA A 213 -14.31 15.21 -5.52
CA ALA A 213 -14.53 14.61 -4.21
C ALA A 213 -13.30 14.75 -3.33
N GLN A 214 -12.10 14.66 -3.91
CA GLN A 214 -10.89 14.80 -3.12
C GLN A 214 -10.70 16.24 -2.64
N GLN A 215 -11.13 17.23 -3.45
CA GLN A 215 -11.09 18.60 -2.99
C GLN A 215 -12.02 18.81 -1.81
N ALA A 216 -13.24 18.28 -1.90
CA ALA A 216 -14.16 18.36 -0.77
C ALA A 216 -13.57 17.67 0.46
N ARG A 217 -12.94 16.51 0.27
CA ARG A 217 -12.33 15.79 1.38
C ARG A 217 -11.23 16.61 2.05
N ALA A 218 -10.36 17.22 1.24
CA ALA A 218 -9.28 18.01 1.79
C ALA A 218 -9.80 19.24 2.53
N MET A 219 -10.88 19.84 2.04
CA MET A 219 -11.44 20.98 2.77
C MET A 219 -12.06 20.54 4.09
N VAL A 220 -12.72 19.37 4.10
CA VAL A 220 -13.27 18.85 5.36
C VAL A 220 -12.15 18.64 6.36
N ASP A 221 -11.00 18.13 5.91
CA ASP A 221 -9.89 17.91 6.82
C ASP A 221 -9.29 19.24 7.30
N ILE A 222 -9.23 20.25 6.41
CA ILE A 222 -8.76 21.57 6.81
C ILE A 222 -9.69 22.16 7.87
N VAL A 223 -11.00 21.99 7.69
CA VAL A 223 -11.96 22.51 8.67
C VAL A 223 -11.81 21.77 10.00
N LYS A 224 -11.54 20.47 9.94
CA LYS A 224 -11.30 19.71 11.17
C LYS A 224 -10.08 20.22 11.91
N ARG A 225 -8.97 20.44 11.21
CA ARG A 225 -7.72 20.76 11.89
C ARG A 225 -7.70 22.16 12.51
N TYR A 226 -8.73 22.97 12.30
CA TYR A 226 -8.81 24.29 12.93
C TYR A 226 -10.09 24.48 13.72
N ASN A 227 -10.76 23.38 14.08
CA ASN A 227 -11.94 23.39 14.93
C ASN A 227 -12.99 24.39 14.44
N TRP A 228 -13.27 24.32 13.13
CA TRP A 228 -14.27 25.18 12.51
C TRP A 228 -15.60 24.43 12.33
N THR A 229 -16.19 24.07 13.47
CA THR A 229 -17.30 23.12 13.47
C THR A 229 -18.63 23.71 12.99
N TYR A 230 -18.69 25.01 12.72
CA TYR A 230 -19.91 25.65 12.23
C TYR A 230 -19.50 26.66 11.17
N VAL A 231 -19.77 26.34 9.90
CA VAL A 231 -19.31 27.14 8.77
C VAL A 231 -20.45 27.36 7.79
N SER A 232 -20.34 28.44 7.01
CA SER A 232 -21.25 28.68 5.90
C SER A 232 -20.69 28.06 4.62
N ALA A 233 -21.57 27.88 3.64
CA ALA A 233 -21.18 27.21 2.41
C ALA A 233 -21.75 27.92 1.20
N VAL A 234 -20.89 28.18 0.22
CA VAL A 234 -21.28 28.72 -1.08
C VAL A 234 -20.65 27.84 -2.15
N HIS A 235 -21.42 27.50 -3.17
CA HIS A 235 -20.88 26.78 -4.31
C HIS A 235 -21.44 27.36 -5.60
N THR A 236 -20.70 27.16 -6.68
CA THR A 236 -21.11 27.69 -7.97
C THR A 236 -22.08 26.75 -8.67
N GLU A 237 -23.17 27.31 -9.19
CA GLU A 237 -24.15 26.56 -9.96
C GLU A 237 -23.50 25.80 -11.11
N GLY A 238 -23.68 24.49 -11.13
CA GLY A 238 -23.14 23.64 -12.16
C GLY A 238 -22.68 22.32 -11.60
N ASN A 239 -22.02 21.53 -12.46
CA ASN A 239 -21.53 20.21 -12.05
C ASN A 239 -20.48 20.35 -10.95
N TYR A 240 -19.43 21.14 -11.22
CA TYR A 240 -18.33 21.32 -10.28
C TYR A 240 -18.86 21.74 -8.91
N GLY A 241 -19.54 22.88 -8.85
CA GLY A 241 -19.98 23.42 -7.58
C GLY A 241 -20.88 22.48 -6.82
N GLU A 242 -21.90 21.94 -7.49
CA GLU A 242 -22.90 21.15 -6.78
C GLU A 242 -22.36 19.78 -6.38
N SER A 243 -21.65 19.10 -7.26
CA SER A 243 -21.03 17.82 -6.89
C SER A 243 -20.06 18.01 -5.72
N GLY A 244 -19.16 18.99 -5.83
CA GLY A 244 -18.20 19.20 -4.77
C GLY A 244 -18.85 19.62 -3.46
N MET A 245 -19.90 20.44 -3.54
CA MET A 245 -20.54 20.89 -2.32
C MET A 245 -21.35 19.78 -1.66
N GLU A 246 -21.96 18.89 -2.46
CA GLU A 246 -22.61 17.72 -1.86
C GLU A 246 -21.60 16.82 -1.19
N ALA A 247 -20.44 16.59 -1.83
CA ALA A 247 -19.40 15.81 -1.20
C ALA A 247 -18.93 16.46 0.10
N PHE A 248 -18.79 17.79 0.09
CA PHE A 248 -18.38 18.51 1.28
C PHE A 248 -19.42 18.38 2.38
N LYS A 249 -20.70 18.56 2.04
CA LYS A 249 -21.77 18.40 3.02
C LYS A 249 -21.71 17.02 3.67
N ASP A 250 -21.68 15.96 2.85
CA ASP A 250 -21.65 14.60 3.39
C ASP A 250 -20.44 14.39 4.30
N MET A 251 -19.24 14.70 3.78
CA MET A 251 -18.02 14.39 4.53
C MET A 251 -17.92 15.22 5.81
N SER A 252 -18.33 16.49 5.76
CA SER A 252 -18.26 17.33 6.95
C SER A 252 -19.31 16.92 7.98
N ALA A 253 -20.51 16.54 7.51
CA ALA A 253 -21.54 16.06 8.43
C ALA A 253 -21.09 14.79 9.14
N LYS A 254 -20.44 13.88 8.42
CA LYS A 254 -19.94 12.67 9.05
C LYS A 254 -18.83 12.96 10.06
N GLU A 255 -18.11 14.07 9.92
CA GLU A 255 -17.05 14.45 10.85
C GLU A 255 -17.55 15.35 11.97
N GLY A 256 -18.85 15.54 12.12
CA GLY A 256 -19.37 16.42 13.14
C GLY A 256 -19.16 17.89 12.86
N ILE A 257 -19.36 18.31 11.61
CA ILE A 257 -19.26 19.70 11.21
C ILE A 257 -20.60 20.11 10.61
N CYS A 258 -21.07 21.29 10.97
CA CYS A 258 -22.40 21.75 10.62
C CYS A 258 -22.34 22.92 9.67
N ILE A 259 -23.35 23.02 8.80
CA ILE A 259 -23.46 24.11 7.83
C ILE A 259 -24.53 25.07 8.33
N ALA A 260 -24.14 26.33 8.56
CA ALA A 260 -25.11 27.35 8.91
C ALA A 260 -26.21 27.43 7.86
N HIS A 261 -25.82 27.58 6.60
CA HIS A 261 -26.73 27.55 5.47
C HIS A 261 -25.90 27.43 4.20
N SER A 262 -26.45 26.72 3.22
CA SER A 262 -25.77 26.51 1.94
C SER A 262 -26.37 27.42 0.88
N TYR A 263 -25.51 28.01 0.05
CA TYR A 263 -25.94 28.94 -0.97
C TYR A 263 -25.36 28.52 -2.32
N LYS A 264 -25.97 29.04 -3.39
CA LYS A 264 -25.50 28.74 -4.74
C LYS A 264 -25.83 29.92 -5.64
N ILE A 265 -25.01 30.09 -6.67
CA ILE A 265 -25.02 31.30 -7.49
C ILE A 265 -24.21 31.03 -8.75
N TYR A 266 -24.51 31.71 -9.85
CA TYR A 266 -23.62 31.64 -11.00
C TYR A 266 -22.60 32.77 -10.95
N SER A 267 -21.45 32.52 -11.60
CA SER A 267 -20.43 33.55 -11.73
C SER A 267 -20.95 34.77 -12.48
N ASN A 268 -21.86 34.56 -13.43
CA ASN A 268 -22.37 35.64 -14.28
C ASN A 268 -23.57 36.35 -13.68
N ALA A 269 -24.01 35.96 -12.48
CA ALA A 269 -25.08 36.68 -11.81
C ALA A 269 -24.63 38.08 -11.44
N GLY A 270 -25.59 39.00 -11.35
CA GLY A 270 -25.28 40.40 -11.23
C GLY A 270 -24.67 40.79 -9.88
N GLU A 271 -24.14 42.01 -9.86
CA GLU A 271 -23.73 42.62 -8.60
C GLU A 271 -24.89 42.63 -7.61
N GLN A 272 -26.10 42.84 -8.11
CA GLN A 272 -27.32 42.59 -7.34
C GLN A 272 -27.25 41.27 -6.59
N SER A 273 -27.03 40.19 -7.34
CA SER A 273 -27.08 38.85 -6.77
C SER A 273 -25.97 38.63 -5.77
N PHE A 274 -24.74 39.07 -6.07
CA PHE A 274 -23.70 38.83 -5.08
C PHE A 274 -23.84 39.73 -3.86
N ASP A 275 -24.45 40.91 -4.00
CA ASP A 275 -24.74 41.72 -2.83
C ASP A 275 -25.75 41.02 -1.93
N LYS A 276 -26.81 40.46 -2.53
CA LYS A 276 -27.75 39.67 -1.76
C LYS A 276 -27.07 38.50 -1.06
N LEU A 277 -26.19 37.80 -1.78
CA LEU A 277 -25.47 36.67 -1.20
C LEU A 277 -24.60 37.12 -0.02
N LEU A 278 -23.90 38.24 -0.16
CA LEU A 278 -23.02 38.68 0.92
C LEU A 278 -23.82 39.14 2.14
N LYS A 279 -24.96 39.80 1.91
CA LYS A 279 -25.81 40.17 3.05
C LYS A 279 -26.34 38.93 3.77
N LYS A 280 -26.78 37.92 3.00
CA LYS A 280 -27.23 36.68 3.64
C LYS A 280 -26.10 35.98 4.37
N LEU A 281 -24.86 36.11 3.89
CA LEU A 281 -23.72 35.58 4.63
C LEU A 281 -23.50 36.35 5.92
N THR A 282 -23.68 37.67 5.89
CA THR A 282 -23.57 38.48 7.10
C THR A 282 -24.64 38.10 8.11
N SER A 283 -25.79 37.60 7.63
CA SER A 283 -26.86 37.19 8.55
C SER A 283 -26.36 36.22 9.62
N HIS A 284 -25.39 35.36 9.28
CA HIS A 284 -24.84 34.37 10.21
C HIS A 284 -23.62 34.89 10.96
N LEU A 285 -23.26 36.17 10.80
CA LEU A 285 -21.90 36.59 11.05
C LEU A 285 -21.36 36.32 12.46
N PRO A 286 -22.10 36.55 13.56
CA PRO A 286 -21.47 36.38 14.88
C PRO A 286 -20.87 34.99 15.09
N LYS A 287 -21.47 33.95 14.53
CA LYS A 287 -21.11 32.57 14.83
C LYS A 287 -20.33 31.87 13.72
N ALA A 288 -20.74 32.03 12.47
CA ALA A 288 -20.14 31.32 11.34
C ALA A 288 -19.35 32.31 10.49
N ARG A 289 -18.02 32.28 10.61
CA ARG A 289 -17.16 33.20 9.90
C ARG A 289 -16.41 32.57 8.72
N VAL A 290 -16.28 31.26 8.69
CA VAL A 290 -15.59 30.58 7.60
C VAL A 290 -16.60 30.18 6.55
N VAL A 291 -16.34 30.56 5.31
CA VAL A 291 -17.22 30.29 4.18
C VAL A 291 -16.50 29.29 3.29
N ALA A 292 -16.86 28.01 3.39
CA ALA A 292 -16.39 27.02 2.44
C ALA A 292 -17.01 27.30 1.09
N CYS A 293 -16.17 27.63 0.11
CA CYS A 293 -16.64 28.05 -1.21
C CYS A 293 -16.13 27.02 -2.22
N PHE A 294 -17.02 26.13 -2.65
CA PHE A 294 -16.71 25.21 -3.75
C PHE A 294 -17.13 25.96 -5.01
N CYS A 295 -16.20 26.76 -5.52
CA CYS A 295 -16.55 27.84 -6.43
C CYS A 295 -15.47 27.96 -7.49
N GLU A 296 -15.87 28.19 -8.73
CA GLU A 296 -14.92 28.59 -9.75
C GLU A 296 -14.58 30.06 -9.58
N GLY A 297 -13.34 30.40 -9.94
CA GLY A 297 -12.71 31.67 -9.60
C GLY A 297 -13.56 32.93 -9.67
N MET A 298 -14.39 33.05 -10.70
CA MET A 298 -15.16 34.29 -10.86
C MET A 298 -16.24 34.45 -9.81
N THR A 299 -16.72 33.35 -9.21
CA THR A 299 -17.64 33.47 -8.09
C THR A 299 -16.94 34.08 -6.88
N VAL A 300 -15.73 33.61 -6.58
CA VAL A 300 -14.93 34.20 -5.51
C VAL A 300 -14.63 35.66 -5.80
N ARG A 301 -14.32 35.98 -7.06
CA ARG A 301 -14.06 37.37 -7.42
C ARG A 301 -15.30 38.23 -7.23
N GLY A 302 -16.48 37.67 -7.53
CA GLY A 302 -17.70 38.42 -7.31
C GLY A 302 -17.97 38.66 -5.83
N LEU A 303 -17.70 37.66 -5.00
CA LEU A 303 -17.82 37.87 -3.55
C LEU A 303 -16.85 38.95 -3.08
N LEU A 304 -15.63 38.97 -3.62
CA LEU A 304 -14.68 40.01 -3.24
C LEU A 304 -15.15 41.38 -3.70
N MET A 305 -15.72 41.46 -4.90
CA MET A 305 -16.26 42.73 -5.38
C MET A 305 -17.45 43.18 -4.54
N ALA A 306 -18.25 42.24 -4.05
CA ALA A 306 -19.34 42.60 -3.14
C ALA A 306 -18.80 43.08 -1.80
N MET A 307 -17.75 42.43 -1.29
CA MET A 307 -17.12 42.88 -0.06
C MET A 307 -16.55 44.29 -0.23
N ARG A 308 -16.07 44.62 -1.42
CA ARG A 308 -15.71 45.99 -1.73
C ARG A 308 -16.92 46.91 -1.69
N ARG A 309 -17.99 46.51 -2.39
CA ARG A 309 -19.17 47.38 -2.52
C ARG A 309 -19.82 47.67 -1.18
N LEU A 310 -19.80 46.71 -0.25
CA LEU A 310 -20.44 46.89 1.05
C LEU A 310 -19.48 47.27 2.15
N GLY A 311 -18.17 47.28 1.89
CA GLY A 311 -17.20 47.61 2.92
C GLY A 311 -17.04 46.56 4.00
N LEU A 312 -17.36 45.30 3.69
CA LEU A 312 -17.29 44.20 4.64
C LEU A 312 -16.01 43.38 4.48
N ALA A 313 -14.95 43.99 3.96
CA ALA A 313 -13.71 43.27 3.76
C ALA A 313 -13.12 42.83 5.09
N GLY A 314 -12.82 41.54 5.20
CA GLY A 314 -12.16 41.02 6.37
C GLY A 314 -13.05 40.59 7.51
N GLU A 315 -14.35 40.40 7.27
CA GLU A 315 -15.24 39.82 8.27
C GLU A 315 -15.49 38.35 8.03
N PHE A 316 -14.91 37.77 6.98
CA PHE A 316 -15.04 36.36 6.66
C PHE A 316 -13.67 35.79 6.32
N LEU A 317 -13.56 34.46 6.41
CA LEU A 317 -12.44 33.71 5.87
C LEU A 317 -13.00 32.76 4.82
N LEU A 318 -12.48 32.88 3.59
CA LEU A 318 -12.96 32.07 2.48
C LEU A 318 -12.07 30.85 2.31
N LEU A 319 -12.70 29.68 2.20
CA LEU A 319 -11.99 28.42 2.00
C LEU A 319 -12.28 27.98 0.58
N GLY A 320 -11.37 28.32 -0.34
CA GLY A 320 -11.61 28.15 -1.75
C GLY A 320 -11.21 26.79 -2.28
N SER A 321 -11.92 26.37 -3.34
CA SER A 321 -11.62 25.14 -4.04
C SER A 321 -10.50 25.37 -5.06
N ASP A 322 -10.20 24.34 -5.85
CA ASP A 322 -9.17 24.48 -6.87
C ASP A 322 -9.59 25.47 -7.96
N GLY A 323 -10.87 25.82 -8.03
CA GLY A 323 -11.32 26.86 -8.96
C GLY A 323 -10.68 28.21 -8.70
N TRP A 324 -10.22 28.44 -7.48
CA TRP A 324 -9.42 29.61 -7.11
C TRP A 324 -8.27 29.07 -6.25
N ALA A 325 -7.20 28.62 -6.89
CA ALA A 325 -6.08 28.02 -6.18
C ALA A 325 -5.00 29.03 -5.85
N ASP A 326 -4.36 29.60 -6.88
CA ASP A 326 -3.50 30.77 -6.73
C ASP A 326 -3.70 31.69 -7.92
N ARG A 327 -4.88 31.61 -8.53
CA ARG A 327 -5.26 32.40 -9.69
C ARG A 327 -5.25 33.89 -9.36
N TYR A 328 -4.33 34.64 -9.96
CA TYR A 328 -4.28 36.07 -9.70
C TYR A 328 -5.45 36.79 -10.35
N ASP A 329 -6.01 36.26 -11.44
CA ASP A 329 -7.15 36.91 -12.08
C ASP A 329 -8.38 36.99 -11.18
N VAL A 330 -8.34 36.36 -10.01
CA VAL A 330 -9.42 36.45 -9.04
C VAL A 330 -9.17 37.55 -8.02
N THR A 331 -7.98 37.56 -7.42
CA THR A 331 -7.67 38.50 -6.35
C THR A 331 -7.04 39.80 -6.82
N ASP A 332 -6.60 39.89 -8.08
CA ASP A 332 -6.03 41.13 -8.58
C ASP A 332 -7.09 42.23 -8.57
N GLY A 333 -6.73 43.38 -8.01
CA GLY A 333 -7.62 44.50 -7.88
C GLY A 333 -8.38 44.55 -6.57
N TYR A 334 -8.61 43.39 -5.95
CA TYR A 334 -9.27 43.31 -4.65
C TYR A 334 -8.48 42.41 -3.71
N GLN A 335 -7.17 42.66 -3.64
CA GLN A 335 -6.34 41.89 -2.72
C GLN A 335 -6.73 42.14 -1.27
N ARG A 336 -7.06 43.39 -0.93
CA ARG A 336 -7.34 43.74 0.45
C ARG A 336 -8.57 43.02 0.98
N GLU A 337 -9.53 42.71 0.10
CA GLU A 337 -10.70 41.95 0.52
C GLU A 337 -10.35 40.48 0.76
N ALA A 338 -9.46 39.93 -0.06
CA ALA A 338 -9.18 38.49 -0.05
C ALA A 338 -8.11 38.08 0.94
N VAL A 339 -7.44 39.03 1.59
CA VAL A 339 -6.34 38.68 2.49
C VAL A 339 -6.85 37.80 3.62
N GLY A 340 -6.09 36.76 3.94
CA GLY A 340 -6.48 35.76 4.92
C GLY A 340 -7.08 34.50 4.32
N GLY A 341 -7.40 34.51 3.03
CA GLY A 341 -8.05 33.37 2.42
C GLY A 341 -7.14 32.15 2.34
N ILE A 342 -7.77 30.99 2.43
CA ILE A 342 -7.10 29.70 2.34
C ILE A 342 -7.68 28.94 1.16
N THR A 343 -6.81 28.45 0.28
CA THR A 343 -7.25 27.77 -0.93
C THR A 343 -6.52 26.45 -1.09
N ILE A 344 -7.06 25.61 -1.96
CA ILE A 344 -6.46 24.34 -2.36
C ILE A 344 -5.91 24.51 -3.78
N LYS A 345 -4.68 24.04 -3.99
CA LYS A 345 -4.05 24.11 -5.30
C LYS A 345 -3.57 22.72 -5.68
N LEU A 346 -3.97 22.23 -6.84
CA LEU A 346 -3.52 20.91 -7.25
C LEU A 346 -2.02 20.95 -7.45
N GLN A 347 -1.30 20.12 -6.71
CA GLN A 347 0.16 20.10 -6.80
C GLN A 347 0.59 19.48 -8.12
N SER A 348 1.28 20.28 -8.94
CA SER A 348 1.87 19.77 -10.18
C SER A 348 3.14 20.57 -10.45
N PRO A 349 4.28 20.08 -10.02
CA PRO A 349 5.54 20.80 -10.26
C PRO A 349 5.95 20.70 -11.72
N ASP A 350 6.72 21.69 -12.16
CA ASP A 350 7.14 21.73 -13.54
C ASP A 350 8.03 20.56 -13.90
N VAL A 351 7.98 20.17 -15.17
CA VAL A 351 8.85 19.13 -15.73
C VAL A 351 9.99 19.82 -16.44
N LYS A 352 11.22 19.59 -15.97
CA LYS A 352 12.37 20.31 -16.51
C LYS A 352 12.70 19.85 -17.93
N TRP A 353 12.72 18.53 -18.16
CA TRP A 353 13.13 18.03 -19.46
C TRP A 353 12.16 18.44 -20.56
N PHE A 354 10.88 18.66 -20.22
CA PHE A 354 9.98 19.19 -21.24
C PHE A 354 10.38 20.59 -21.66
N ASP A 355 10.77 21.45 -20.72
CA ASP A 355 11.26 22.77 -21.10
C ASP A 355 12.51 22.65 -21.95
N ASP A 356 13.44 21.77 -21.54
CA ASP A 356 14.65 21.54 -22.33
C ASP A 356 14.32 21.21 -23.78
N TYR A 357 13.43 20.24 -23.98
CA TYR A 357 13.03 19.85 -25.34
C TYR A 357 12.32 21.00 -26.05
N TYR A 358 11.27 21.55 -25.42
CA TYR A 358 10.33 22.42 -26.11
C TYR A 358 10.97 23.76 -26.50
N LEU A 359 11.85 24.29 -25.64
CA LEU A 359 12.37 25.64 -25.90
C LEU A 359 13.33 25.66 -27.09
N LYS A 360 13.96 24.52 -27.39
CA LYS A 360 14.87 24.45 -28.53
C LYS A 360 14.14 24.38 -29.86
N LEU A 361 12.82 24.21 -29.86
CA LEU A 361 12.09 23.96 -31.10
C LEU A 361 12.07 25.21 -31.98
N ARG A 362 12.41 25.03 -33.25
CA ARG A 362 12.34 26.05 -34.28
C ARG A 362 11.34 25.63 -35.34
N PRO A 363 10.65 26.58 -35.99
CA PRO A 363 9.73 26.19 -37.06
C PRO A 363 10.44 25.59 -38.26
N GLU A 364 11.69 25.95 -38.48
CA GLU A 364 12.45 25.39 -39.60
C GLU A 364 12.76 23.92 -39.42
N THR A 365 12.78 23.43 -38.18
CA THR A 365 13.20 22.07 -37.89
C THR A 365 12.08 21.20 -37.33
N ASN A 366 10.90 21.75 -37.04
CA ASN A 366 9.79 20.96 -36.54
C ASN A 366 9.03 20.40 -37.74
N HIS A 367 9.27 19.12 -38.04
CA HIS A 367 8.74 18.47 -39.23
C HIS A 367 7.65 17.46 -38.88
N ARG A 368 7.06 17.57 -37.70
CA ARG A 368 6.01 16.63 -37.28
C ARG A 368 4.81 17.29 -36.61
N ASN A 369 4.87 18.57 -36.24
CA ASN A 369 3.72 19.26 -35.66
C ASN A 369 3.08 20.11 -36.74
N PRO A 370 1.93 19.73 -37.29
CA PRO A 370 1.35 20.50 -38.39
C PRO A 370 0.88 21.88 -37.99
N TRP A 371 0.52 22.08 -36.73
CA TRP A 371 0.05 23.38 -36.28
C TRP A 371 1.18 24.30 -35.83
N PHE A 372 2.42 23.82 -35.85
CA PHE A 372 3.51 24.57 -35.24
C PHE A 372 3.82 25.86 -35.98
N GLN A 373 3.48 25.96 -37.27
CA GLN A 373 3.82 27.18 -38.00
C GLN A 373 2.81 28.29 -37.77
N GLU A 374 1.51 27.98 -37.80
CA GLU A 374 0.54 29.01 -37.41
C GLU A 374 0.75 29.41 -35.95
N PHE A 375 1.10 28.45 -35.10
CA PHE A 375 1.46 28.77 -33.73
C PHE A 375 2.63 29.74 -33.66
N TRP A 376 3.70 29.45 -34.42
CA TRP A 376 4.87 30.31 -34.38
C TRP A 376 4.54 31.72 -34.85
N GLN A 377 3.79 31.82 -35.95
CA GLN A 377 3.49 33.13 -36.50
C GLN A 377 2.46 33.90 -35.67
N HIS A 378 1.66 33.19 -34.87
CA HIS A 378 0.74 33.87 -33.97
C HIS A 378 1.43 34.29 -32.68
N ARG A 379 2.39 33.49 -32.22
CA ARG A 379 3.14 33.80 -31.01
C ARG A 379 3.85 35.14 -31.12
N PHE A 380 4.68 35.31 -32.15
CA PHE A 380 5.42 36.54 -32.34
C PHE A 380 4.85 37.40 -33.47
N GLN A 381 3.55 37.24 -33.76
CA GLN A 381 2.81 38.11 -34.68
C GLN A 381 3.61 38.50 -35.91
N CYS A 382 4.32 37.54 -36.48
CA CYS A 382 5.19 37.77 -37.63
C CYS A 382 4.79 36.83 -38.77
N ARG A 383 5.52 36.94 -39.87
CA ARG A 383 5.22 36.23 -41.12
C ARG A 383 6.42 35.37 -41.49
N LEU A 384 6.25 34.05 -41.45
CA LEU A 384 7.34 33.14 -41.81
C LEU A 384 7.58 33.23 -43.31
N GLU A 385 8.61 33.97 -43.70
CA GLU A 385 8.87 34.30 -45.10
C GLU A 385 9.25 33.03 -45.87
N GLY A 386 8.44 32.69 -46.87
CA GLY A 386 8.76 31.59 -47.77
C GLY A 386 8.47 30.20 -47.25
N PHE A 387 7.76 30.08 -46.14
CA PHE A 387 7.42 28.82 -45.49
C PHE A 387 6.14 28.23 -46.08
N PRO A 388 5.93 26.91 -45.93
CA PRO A 388 4.73 26.30 -46.54
C PRO A 388 3.43 26.85 -45.99
N GLN A 389 3.29 26.99 -44.67
CA GLN A 389 2.14 27.62 -44.05
C GLN A 389 2.38 29.09 -43.74
N GLU A 390 3.13 29.78 -44.60
CA GLU A 390 3.26 31.22 -44.47
C GLU A 390 1.89 31.88 -44.45
N ASN A 391 1.66 32.71 -43.43
CA ASN A 391 0.42 33.45 -43.28
C ASN A 391 0.67 34.91 -43.62
N SER A 392 -0.17 35.47 -44.47
CA SER A 392 -0.14 36.90 -44.75
C SER A 392 -0.83 37.63 -43.59
N LYS A 393 -1.13 38.91 -43.78
CA LYS A 393 -1.82 39.76 -42.83
C LYS A 393 -0.98 40.07 -41.58
N TYR A 394 0.21 39.49 -41.46
CA TYR A 394 1.17 39.91 -40.46
C TYR A 394 2.06 40.99 -41.05
N ASN A 395 2.27 42.06 -40.28
CA ASN A 395 2.91 43.26 -40.79
C ASN A 395 4.42 43.25 -40.66
N LYS A 396 5.01 42.14 -40.20
CA LYS A 396 6.46 42.05 -40.06
C LYS A 396 6.89 40.60 -40.27
N THR A 397 8.13 40.42 -40.70
CA THR A 397 8.68 39.11 -40.96
C THR A 397 9.40 38.57 -39.71
N CYS A 398 9.50 37.25 -39.65
CA CYS A 398 10.04 36.59 -38.47
C CYS A 398 11.56 36.61 -38.49
N ASN A 399 12.16 37.03 -37.39
CA ASN A 399 13.62 37.06 -37.29
C ASN A 399 14.15 35.67 -36.95
N SER A 400 15.44 35.46 -37.27
CA SER A 400 16.13 34.27 -36.80
C SER A 400 16.46 34.35 -35.32
N SER A 401 16.23 35.51 -34.69
CA SER A 401 16.49 35.71 -33.27
C SER A 401 15.30 35.39 -32.38
N LEU A 402 14.14 35.10 -32.97
CA LEU A 402 12.97 34.75 -32.18
C LEU A 402 13.18 33.40 -31.49
N THR A 403 12.79 33.33 -30.22
CA THR A 403 12.91 32.10 -29.45
C THR A 403 11.71 31.93 -28.53
N LEU A 404 11.35 30.68 -28.29
CA LEU A 404 10.25 30.39 -27.36
C LEU A 404 10.64 30.67 -25.93
N LYS A 405 11.94 30.84 -25.65
CA LYS A 405 12.38 31.19 -24.30
C LYS A 405 11.82 32.52 -23.85
N THR A 406 11.48 33.40 -24.80
CA THR A 406 10.98 34.74 -24.47
C THR A 406 9.58 34.63 -23.88
N HIS A 407 9.44 34.98 -22.60
CA HIS A 407 8.18 34.91 -21.88
C HIS A 407 7.59 33.50 -21.92
N HIS A 408 8.39 32.52 -21.54
CA HIS A 408 7.93 31.14 -21.51
C HIS A 408 7.16 30.85 -20.22
N VAL A 409 6.07 30.12 -20.36
CA VAL A 409 5.24 29.69 -19.23
C VAL A 409 4.80 28.26 -19.52
N GLN A 410 5.31 27.30 -18.74
CA GLN A 410 4.96 25.91 -18.98
C GLN A 410 3.49 25.68 -18.68
N ASP A 411 2.92 24.68 -19.36
CA ASP A 411 1.54 24.31 -19.07
C ASP A 411 1.40 23.83 -17.63
N SER A 412 0.32 24.28 -16.98
CA SER A 412 0.12 23.96 -15.58
C SER A 412 -0.08 22.47 -15.36
N LYS A 413 -0.71 21.78 -16.30
CA LYS A 413 -1.07 20.38 -16.17
C LYS A 413 -0.12 19.45 -16.92
N MET A 414 1.11 19.90 -17.19
CA MET A 414 2.03 19.13 -18.02
C MET A 414 2.35 17.78 -17.40
N GLY A 415 2.65 17.77 -16.11
CA GLY A 415 2.95 16.53 -15.42
C GLY A 415 1.85 15.50 -15.57
N PHE A 416 0.60 15.96 -15.60
CA PHE A 416 -0.52 15.02 -15.71
C PHE A 416 -0.65 14.46 -17.11
N VAL A 417 -0.43 15.28 -18.13
CA VAL A 417 -0.36 14.77 -19.50
C VAL A 417 0.69 13.67 -19.60
N ILE A 418 1.87 13.96 -19.07
CA ILE A 418 2.98 13.01 -19.15
C ILE A 418 2.66 11.74 -18.37
N ASN A 419 1.99 11.87 -17.22
CA ASN A 419 1.67 10.70 -16.42
C ASN A 419 0.57 9.86 -17.07
N ALA A 420 -0.37 10.49 -17.77
CA ALA A 420 -1.35 9.72 -18.52
C ALA A 420 -0.69 8.92 -19.64
N ILE A 421 0.27 9.55 -20.33
CA ILE A 421 0.99 8.85 -21.39
C ILE A 421 1.77 7.67 -20.81
N TYR A 422 2.48 7.90 -19.70
CA TYR A 422 3.18 6.80 -19.03
C TYR A 422 2.23 5.73 -18.53
N SER A 423 1.01 6.10 -18.12
CA SER A 423 0.03 5.11 -17.72
C SER A 423 -0.32 4.18 -18.87
N MET A 424 -0.62 4.76 -20.03
CA MET A 424 -0.86 3.94 -21.22
C MET A 424 0.31 3.03 -21.51
N ALA A 425 1.53 3.57 -21.42
CA ALA A 425 2.72 2.80 -21.74
C ALA A 425 2.88 1.61 -20.79
N TYR A 426 2.80 1.86 -19.47
CA TYR A 426 2.98 0.78 -18.50
C TYR A 426 1.86 -0.25 -18.58
N GLY A 427 0.64 0.17 -18.94
CA GLY A 427 -0.41 -0.80 -19.17
C GLY A 427 -0.08 -1.73 -20.32
N LEU A 428 0.36 -1.16 -21.45
CA LEU A 428 0.78 -1.97 -22.58
C LEU A 428 1.93 -2.90 -22.19
N HIS A 429 2.86 -2.41 -21.36
CA HIS A 429 4.01 -3.20 -20.94
C HIS A 429 3.58 -4.40 -20.10
N ASN A 430 2.71 -4.17 -19.13
CA ASN A 430 2.25 -5.27 -18.27
C ASN A 430 1.44 -6.29 -19.07
N MET A 431 0.60 -5.81 -19.99
CA MET A 431 -0.14 -6.73 -20.85
C MET A 431 0.81 -7.57 -21.69
N GLN A 432 1.86 -6.94 -22.25
CA GLN A 432 2.85 -7.69 -23.01
C GLN A 432 3.52 -8.77 -22.16
N MET A 433 3.85 -8.44 -20.91
CA MET A 433 4.54 -9.42 -20.07
C MET A 433 3.61 -10.54 -19.63
N SER A 434 2.30 -10.28 -19.54
CA SER A 434 1.39 -11.35 -19.15
C SER A 434 0.96 -12.23 -20.33
N LEU A 435 0.90 -11.67 -21.53
CA LEU A 435 0.49 -12.46 -22.70
C LEU A 435 1.64 -12.99 -23.51
N CYS A 436 2.78 -12.31 -23.53
CA CYS A 436 3.97 -12.72 -24.28
C CYS A 436 5.14 -12.85 -23.32
N PRO A 437 5.13 -13.87 -22.45
CA PRO A 437 6.14 -13.93 -21.37
C PRO A 437 7.57 -14.05 -21.87
N GLY A 438 7.85 -15.06 -22.68
CA GLY A 438 9.20 -15.27 -23.18
C GLY A 438 9.59 -14.41 -24.36
N TYR A 439 8.73 -13.51 -24.79
CA TYR A 439 8.98 -12.66 -25.94
C TYR A 439 9.51 -11.30 -25.49
N ALA A 440 10.14 -10.60 -26.44
CA ALA A 440 10.46 -9.18 -26.31
C ALA A 440 9.90 -8.52 -27.56
N GLY A 441 8.61 -8.19 -27.52
CA GLY A 441 7.89 -7.70 -28.66
C GLY A 441 6.50 -8.29 -28.68
N LEU A 442 5.78 -8.01 -29.77
CA LEU A 442 4.40 -8.48 -29.92
C LEU A 442 4.39 -9.93 -30.39
N CYS A 443 3.84 -10.82 -29.57
CA CYS A 443 3.56 -12.18 -30.00
C CYS A 443 2.15 -12.23 -30.59
N ASP A 444 1.70 -13.43 -30.96
CA ASP A 444 0.37 -13.55 -31.55
C ASP A 444 -0.74 -13.36 -30.52
N ALA A 445 -0.42 -13.43 -29.23
CA ALA A 445 -1.44 -13.17 -28.22
C ALA A 445 -1.91 -11.72 -28.25
N MET A 446 -1.02 -10.79 -28.58
CA MET A 446 -1.36 -9.38 -28.67
C MET A 446 -1.58 -8.92 -30.11
N LYS A 447 -1.93 -9.84 -31.01
CA LYS A 447 -2.20 -9.51 -32.41
C LYS A 447 -3.60 -9.99 -32.75
N PRO A 448 -4.62 -9.13 -32.63
CA PRO A 448 -4.52 -7.73 -32.20
C PRO A 448 -4.59 -7.55 -30.69
N ILE A 449 -4.57 -6.31 -30.23
CA ILE A 449 -4.64 -6.01 -28.80
C ILE A 449 -6.09 -5.99 -28.36
N ASP A 450 -6.44 -6.79 -27.35
CA ASP A 450 -7.79 -6.84 -26.82
C ASP A 450 -7.98 -5.69 -25.84
N GLY A 451 -8.84 -4.73 -26.22
CA GLY A 451 -9.10 -3.59 -25.35
C GLY A 451 -9.62 -3.97 -23.99
N ARG A 452 -10.39 -5.06 -23.91
CA ARG A 452 -10.78 -5.63 -22.62
C ARG A 452 -9.57 -5.90 -21.76
N LYS A 453 -8.59 -6.63 -22.31
CA LYS A 453 -7.40 -7.00 -21.54
C LYS A 453 -6.52 -5.80 -21.25
N LEU A 454 -6.47 -4.83 -22.15
CA LEU A 454 -5.72 -3.60 -21.87
C LEU A 454 -6.34 -2.83 -20.72
N LEU A 455 -7.68 -2.73 -20.70
CA LEU A 455 -8.36 -2.12 -19.56
C LEU A 455 -8.06 -2.88 -18.27
N GLU A 456 -8.15 -4.21 -18.34
CA GLU A 456 -7.87 -5.06 -17.18
C GLU A 456 -6.48 -4.80 -16.63
N SER A 457 -5.50 -4.60 -17.52
CA SER A 457 -4.13 -4.37 -17.09
C SER A 457 -3.91 -2.93 -16.63
N LEU A 458 -4.63 -1.97 -17.22
CA LEU A 458 -4.50 -0.58 -16.81
C LEU A 458 -5.09 -0.33 -15.44
N MET A 459 -6.18 -1.02 -15.10
CA MET A 459 -6.73 -0.88 -13.75
C MET A 459 -5.75 -1.39 -12.70
N LYS A 460 -4.92 -2.37 -13.06
CA LYS A 460 -3.87 -2.88 -12.19
C LYS A 460 -2.59 -2.05 -12.22
N THR A 461 -2.49 -1.08 -13.13
CA THR A 461 -1.23 -0.40 -13.40
C THR A 461 -0.85 0.57 -12.28
N ASN A 462 0.45 0.79 -12.15
CA ASN A 462 1.06 1.36 -10.95
C ASN A 462 2.50 1.69 -11.31
N PHE A 463 2.85 2.98 -11.33
CA PHE A 463 4.27 3.31 -11.49
C PHE A 463 4.70 4.40 -10.52
N THR A 464 5.93 4.89 -10.71
CA THR A 464 6.41 6.12 -10.10
C THR A 464 6.37 7.24 -11.16
N GLY A 465 5.67 8.32 -10.84
CA GLY A 465 5.35 9.34 -11.81
C GLY A 465 6.51 10.24 -12.19
N VAL A 466 6.19 11.23 -13.02
CA VAL A 466 7.20 12.15 -13.56
C VAL A 466 7.84 13.00 -12.47
N SER A 467 7.16 13.18 -11.34
CA SER A 467 7.68 14.00 -10.25
C SER A 467 8.04 13.18 -9.01
N GLY A 468 8.05 11.85 -9.13
CA GLY A 468 8.28 10.97 -8.01
C GLY A 468 7.02 10.39 -7.40
N ASP A 469 5.86 10.98 -7.69
CA ASP A 469 4.59 10.47 -7.17
C ASP A 469 4.33 9.08 -7.72
N THR A 470 3.89 8.17 -6.86
CA THR A 470 3.47 6.86 -7.31
C THR A 470 2.04 6.94 -7.83
N ILE A 471 1.86 6.69 -9.12
CA ILE A 471 0.57 6.78 -9.79
C ILE A 471 -0.09 5.42 -9.75
N LEU A 472 -1.39 5.43 -9.46
CA LEU A 472 -2.16 4.25 -9.09
C LEU A 472 -3.64 4.55 -9.29
N PHE A 473 -4.42 3.52 -9.64
CA PHE A 473 -5.84 3.65 -9.89
C PHE A 473 -6.63 2.78 -8.92
N ASP A 474 -7.74 3.31 -8.41
CA ASP A 474 -8.59 2.58 -7.47
C ASP A 474 -9.57 1.69 -8.25
N GLU A 475 -10.58 1.16 -7.56
CA GLU A 475 -11.57 0.32 -8.22
C GLU A 475 -12.46 1.11 -9.17
N ASN A 476 -12.39 2.44 -9.16
CA ASN A 476 -13.14 3.29 -10.07
C ASN A 476 -12.26 3.93 -11.13
N GLY A 477 -10.99 3.54 -11.21
CA GLY A 477 -10.07 4.20 -12.11
C GLY A 477 -9.76 5.62 -11.73
N ASP A 478 -9.89 5.97 -10.46
CA ASP A 478 -9.60 7.31 -9.97
C ASP A 478 -8.20 7.35 -9.36
N SER A 479 -7.56 8.52 -9.46
CA SER A 479 -6.21 8.66 -8.92
C SER A 479 -6.24 9.42 -7.61
N PRO A 480 -5.38 9.07 -6.65
CA PRO A 480 -5.34 9.82 -5.39
C PRO A 480 -4.86 11.25 -5.61
N GLY A 481 -5.15 12.08 -4.61
CA GLY A 481 -4.97 13.51 -4.73
C GLY A 481 -3.90 14.02 -3.78
N ARG A 482 -3.01 14.83 -4.34
CA ARG A 482 -2.01 15.57 -3.57
C ARG A 482 -2.17 17.05 -3.94
N TYR A 483 -2.82 17.80 -3.05
CA TYR A 483 -2.87 19.24 -3.22
C TYR A 483 -1.98 19.93 -2.20
N GLU A 484 -1.69 21.19 -2.48
CA GLU A 484 -0.96 22.05 -1.56
C GLU A 484 -1.87 23.19 -1.13
N ILE A 485 -1.88 23.46 0.17
CA ILE A 485 -2.79 24.42 0.78
C ILE A 485 -2.11 25.78 0.76
N MET A 486 -2.73 26.74 0.06
CA MET A 486 -2.23 28.09 -0.13
C MET A 486 -2.92 29.05 0.83
N ASN A 487 -2.18 30.09 1.23
CA ASN A 487 -2.71 31.19 2.01
C ASN A 487 -2.42 32.50 1.28
N PHE A 488 -3.45 33.32 1.09
CA PHE A 488 -3.28 34.62 0.43
C PHE A 488 -2.94 35.65 1.50
N LYS A 489 -1.66 35.69 1.86
CA LYS A 489 -1.15 36.53 2.92
C LYS A 489 -0.79 37.91 2.38
N GLU A 490 -0.70 38.88 3.29
CA GLU A 490 -0.15 40.20 2.99
C GLU A 490 1.36 40.14 3.20
N MET A 491 2.12 40.26 2.11
CA MET A 491 3.58 40.14 2.16
C MET A 491 4.17 41.53 2.26
N GLY A 492 4.10 42.09 3.47
CA GLY A 492 4.62 43.43 3.72
C GLY A 492 3.58 44.51 3.46
N LYS A 493 4.04 45.65 2.95
CA LYS A 493 3.17 46.79 2.67
C LYS A 493 2.78 46.77 1.20
N ASP A 494 1.47 46.70 0.94
CA ASP A 494 0.91 46.80 -0.41
C ASP A 494 1.44 45.71 -1.35
N TYR A 495 1.82 44.56 -0.79
CA TYR A 495 2.14 43.39 -1.59
C TYR A 495 1.38 42.20 -1.04
N PHE A 496 0.63 41.52 -1.91
CA PHE A 496 -0.20 40.38 -1.55
C PHE A 496 0.15 39.23 -2.48
N ASP A 497 0.33 38.04 -1.90
CA ASP A 497 0.72 36.90 -2.73
C ASP A 497 0.37 35.60 -2.02
N TYR A 498 0.19 34.56 -2.81
CA TYR A 498 -0.15 33.23 -2.29
C TYR A 498 1.09 32.59 -1.68
N ILE A 499 0.89 31.89 -0.56
CA ILE A 499 1.98 31.29 0.20
C ILE A 499 1.65 29.83 0.43
N ASN A 500 2.62 28.95 0.24
CA ASN A 500 2.42 27.53 0.49
C ASN A 500 2.42 27.31 2.00
N VAL A 501 1.26 26.90 2.53
CA VAL A 501 1.08 26.68 3.95
C VAL A 501 1.04 25.20 4.30
N GLY A 502 0.45 24.39 3.44
CA GLY A 502 0.36 22.97 3.76
C GLY A 502 0.32 22.01 2.59
N SER A 503 0.13 20.73 2.90
CA SER A 503 0.03 19.69 1.89
C SER A 503 -1.00 18.65 2.34
N TRP A 504 -1.80 18.20 1.39
CA TRP A 504 -2.82 17.18 1.60
C TRP A 504 -2.51 16.05 0.63
N ASP A 505 -2.05 14.91 1.15
CA ASP A 505 -1.65 13.77 0.33
C ASP A 505 -2.57 12.60 0.67
N ASN A 506 -3.61 12.41 -0.15
CA ASN A 506 -4.53 11.28 -0.07
C ASN A 506 -5.03 11.06 1.36
N GLY A 507 -5.42 12.15 2.01
CA GLY A 507 -5.97 12.11 3.35
C GLY A 507 -5.01 12.54 4.44
N GLU A 508 -3.71 12.46 4.19
CA GLU A 508 -2.71 12.84 5.19
C GLU A 508 -2.47 14.34 5.07
N LEU A 509 -2.89 15.09 6.08
CA LEU A 509 -2.82 16.55 6.09
C LEU A 509 -1.66 17.00 6.97
N LYS A 510 -0.74 17.76 6.39
CA LYS A 510 0.35 18.36 7.13
C LYS A 510 0.36 19.85 6.84
N MET A 511 0.38 20.68 7.87
CA MET A 511 0.34 22.12 7.67
C MET A 511 1.43 22.80 8.48
N ASP A 512 2.17 23.68 7.82
CA ASP A 512 3.29 24.41 8.42
C ASP A 512 2.68 25.49 9.32
N ASP A 513 2.35 25.08 10.55
CA ASP A 513 1.39 25.78 11.38
C ASP A 513 1.95 27.13 11.85
N ASP A 514 1.11 27.85 12.59
CA ASP A 514 1.42 29.19 13.12
C ASP A 514 1.68 30.19 11.98
N GLU A 515 0.66 30.36 11.15
CA GLU A 515 0.74 31.31 10.04
C GLU A 515 -0.53 32.15 9.95
N ILE A 523 -5.93 33.45 15.86
CA ILE A 523 -6.63 32.52 14.98
C ILE A 523 -8.07 32.99 14.75
N ILE A 524 -8.83 32.20 14.00
CA ILE A 524 -10.21 32.52 13.65
C ILE A 524 -11.10 31.45 14.26
N ARG A 525 -12.18 31.88 14.91
CA ARG A 525 -13.10 30.99 15.60
C ARG A 525 -14.45 31.01 14.91
N SER A 526 -14.90 29.86 14.41
CA SER A 526 -16.20 29.71 13.77
C SER A 526 -16.88 28.49 14.40
N VAL A 527 -17.58 28.72 15.51
CA VAL A 527 -18.28 27.68 16.26
C VAL A 527 -19.69 28.22 16.52
N CYS A 528 -20.64 27.30 16.71
CA CYS A 528 -21.99 27.75 17.05
C CYS A 528 -22.19 27.93 18.55
N SER A 529 -21.68 27.01 19.37
CA SER A 529 -21.86 27.09 20.81
C SER A 529 -20.61 26.61 21.52
N GLU A 530 -20.39 27.15 22.72
CA GLU A 530 -19.22 26.82 23.52
C GLU A 530 -19.45 25.54 24.31
N PRO A 531 -18.37 24.86 24.74
CA PRO A 531 -18.54 23.60 25.46
C PRO A 531 -19.17 23.80 26.83
N CYS A 532 -19.65 22.70 27.39
CA CYS A 532 -20.44 22.70 28.61
C CYS A 532 -19.60 22.29 29.81
N GLU A 533 -20.13 22.60 30.99
CA GLU A 533 -19.63 22.10 32.26
C GLU A 533 -20.73 21.34 32.96
N LYS A 534 -20.34 20.46 33.89
CA LYS A 534 -21.32 19.67 34.62
C LYS A 534 -21.81 20.38 35.87
N LYS A 538 -24.97 19.34 30.71
CA LYS A 538 -25.20 18.47 29.56
C LYS A 538 -25.64 19.26 28.33
N VAL A 539 -25.32 18.71 27.16
CA VAL A 539 -25.65 19.32 25.89
C VAL A 539 -27.08 18.98 25.51
N ILE A 540 -27.87 19.99 25.13
CA ILE A 540 -29.21 19.76 24.64
C ILE A 540 -29.49 20.67 23.46
N ARG A 541 -30.13 20.13 22.42
CA ARG A 541 -30.34 20.84 21.17
C ARG A 541 -31.83 21.09 20.94
N LYS A 542 -32.14 22.25 20.37
CA LYS A 542 -33.48 22.58 19.91
C LYS A 542 -33.73 21.93 18.55
N GLY A 543 -34.77 22.38 17.86
CA GLY A 543 -35.04 21.88 16.51
C GLY A 543 -33.99 22.26 15.49
N GLU A 544 -32.89 22.85 15.93
CA GLU A 544 -31.81 23.29 15.07
C GLU A 544 -30.75 22.20 14.90
N VAL A 545 -29.57 22.59 14.42
CA VAL A 545 -28.54 21.66 13.99
C VAL A 545 -27.75 21.14 15.19
N SER A 546 -27.04 20.03 14.98
CA SER A 546 -26.36 19.33 16.06
C SER A 546 -25.26 20.14 16.73
N CYS A 547 -24.75 21.19 16.07
CA CYS A 547 -23.65 21.97 16.61
C CYS A 547 -24.11 23.16 17.44
N CYS A 548 -25.41 23.44 17.48
CA CYS A 548 -25.96 24.58 18.19
C CYS A 548 -26.71 24.05 19.40
N TRP A 549 -26.11 24.16 20.59
CA TRP A 549 -26.63 23.52 21.77
C TRP A 549 -26.74 24.50 22.93
N THR A 550 -27.37 24.03 24.00
CA THR A 550 -27.52 24.73 25.26
C THR A 550 -27.00 23.84 26.37
N CYS A 551 -26.31 24.45 27.33
CA CYS A 551 -25.69 23.72 28.45
C CYS A 551 -26.68 23.71 29.61
N THR A 552 -27.43 22.61 29.74
CA THR A 552 -28.43 22.47 30.80
C THR A 552 -27.85 21.64 31.93
N PRO A 553 -27.81 22.15 33.16
CA PRO A 553 -27.25 21.37 34.27
C PRO A 553 -28.12 20.17 34.63
N CYS A 554 -27.53 19.26 35.40
CA CYS A 554 -28.19 18.05 35.85
C CYS A 554 -28.52 18.14 37.33
N LYS A 555 -29.26 17.14 37.81
CA LYS A 555 -29.62 17.08 39.21
C LYS A 555 -28.42 16.69 40.06
N GLU A 556 -28.58 16.81 41.38
CA GLU A 556 -27.48 16.48 42.28
C GLU A 556 -27.25 14.99 42.38
N ASN A 557 -28.28 14.18 42.12
CA ASN A 557 -28.14 12.72 42.13
C ASN A 557 -27.80 12.14 40.76
N GLU A 558 -27.75 12.96 39.72
CA GLU A 558 -27.52 12.51 38.37
C GLU A 558 -26.06 12.72 37.96
N TYR A 559 -25.56 11.82 37.14
CA TYR A 559 -24.20 11.89 36.62
C TYR A 559 -24.25 12.05 35.10
N VAL A 560 -23.14 12.55 34.55
CA VAL A 560 -23.04 12.83 33.11
C VAL A 560 -22.80 11.49 32.40
N PHE A 561 -23.84 10.94 31.78
CA PHE A 561 -23.71 9.68 31.04
C PHE A 561 -22.87 9.89 29.79
N ASP A 562 -23.30 10.78 28.91
CA ASP A 562 -22.51 11.23 27.77
C ASP A 562 -22.81 12.71 27.56
N GLU A 563 -22.31 13.26 26.44
CA GLU A 563 -22.45 14.69 26.21
C GLU A 563 -23.91 15.12 26.13
N TYR A 564 -24.78 14.25 25.62
CA TYR A 564 -26.14 14.64 25.28
C TYR A 564 -27.20 14.14 26.25
N THR A 565 -26.93 13.06 27.00
CA THR A 565 -27.92 12.44 27.85
C THR A 565 -27.45 12.44 29.29
N CYS A 566 -28.37 12.61 30.22
CA CYS A 566 -28.05 12.71 31.64
C CYS A 566 -28.84 11.70 32.47
N GLN A 570 -27.44 5.84 40.28
CA GLN A 570 -27.59 4.59 41.01
C GLN A 570 -27.86 4.84 42.48
N LEU A 571 -28.56 3.89 43.12
CA LEU A 571 -28.92 4.03 44.53
C LEU A 571 -27.79 3.54 45.42
N GLY A 572 -27.62 4.20 46.56
CA GLY A 572 -26.50 3.95 47.44
C GLY A 572 -25.23 4.65 47.05
N SER A 573 -25.12 5.11 45.81
CA SER A 573 -23.97 5.87 45.31
C SER A 573 -24.36 7.32 45.09
N TRP A 574 -23.35 8.19 45.05
CA TRP A 574 -23.52 9.60 44.79
C TRP A 574 -22.61 10.00 43.65
N PRO A 575 -23.06 10.89 42.76
CA PRO A 575 -22.22 11.27 41.61
C PRO A 575 -20.83 11.74 42.05
N THR A 576 -19.82 11.26 41.34
CA THR A 576 -18.43 11.47 41.73
C THR A 576 -18.05 12.94 41.62
N ASP A 577 -16.83 13.25 42.06
CA ASP A 577 -16.32 14.61 42.01
C ASP A 577 -16.06 15.06 40.58
N ASP A 578 -15.91 14.12 39.65
CA ASP A 578 -15.85 14.44 38.22
C ASP A 578 -17.22 14.40 37.55
N LEU A 579 -18.24 13.87 38.24
CA LEU A 579 -19.55 13.64 37.66
C LEU A 579 -19.44 12.76 36.41
N THR A 580 -18.70 11.66 36.56
CA THR A 580 -18.47 10.73 35.46
C THR A 580 -19.60 9.71 35.35
N GLU B 41 -10.29 -27.20 38.83
CA GLU B 41 -9.93 -27.90 37.61
C GLU B 41 -9.63 -26.89 36.49
N ARG B 42 -9.36 -25.65 36.89
CA ARG B 42 -8.97 -24.59 35.98
C ARG B 42 -7.45 -24.47 35.93
N ARG B 43 -6.92 -24.15 34.75
CA ARG B 43 -5.49 -24.06 34.54
C ARG B 43 -4.93 -22.78 35.14
N VAL B 44 -3.61 -22.77 35.34
CA VAL B 44 -2.92 -21.63 35.90
C VAL B 44 -2.53 -20.66 34.80
N VAL B 45 -2.27 -19.41 35.21
CA VAL B 45 -1.93 -18.31 34.31
C VAL B 45 -0.72 -17.59 34.87
N ALA B 46 0.14 -17.10 33.97
CA ALA B 46 1.25 -16.23 34.35
C ALA B 46 0.85 -14.79 34.08
N HIS B 47 0.58 -14.04 35.14
CA HIS B 47 0.07 -12.68 34.99
C HIS B 47 1.08 -11.67 35.52
N MET B 48 0.97 -10.44 34.98
CA MET B 48 1.85 -9.34 35.33
C MET B 48 1.01 -8.09 35.20
N PRO B 49 0.94 -7.23 36.22
CA PRO B 49 0.05 -6.08 36.18
C PRO B 49 0.61 -4.96 35.30
N GLY B 50 -0.27 -4.01 35.00
CA GLY B 50 0.11 -2.88 34.18
C GLY B 50 -1.11 -2.12 33.69
N ASP B 51 -0.83 -1.07 32.90
CA ASP B 51 -1.90 -0.23 32.37
C ASP B 51 -2.61 -0.90 31.20
N ILE B 52 -1.86 -1.57 30.33
CA ILE B 52 -2.41 -2.27 29.17
C ILE B 52 -1.96 -3.72 29.27
N ILE B 53 -2.91 -4.65 29.14
CA ILE B 53 -2.63 -6.07 29.34
C ILE B 53 -2.67 -6.79 28.01
N ILE B 54 -1.55 -7.41 27.67
CA ILE B 54 -1.34 -8.12 26.41
C ILE B 54 -1.43 -9.62 26.67
N GLY B 55 -2.29 -10.30 25.91
CA GLY B 55 -2.43 -11.74 26.06
C GLY B 55 -1.37 -12.51 25.27
N ALA B 56 -1.17 -13.76 25.67
CA ALA B 56 -0.17 -14.59 25.00
C ALA B 56 -0.51 -16.06 25.24
N LEU B 57 -0.21 -16.87 24.22
CA LEU B 57 -0.39 -18.31 24.28
C LEU B 57 0.91 -19.00 23.93
N PHE B 58 1.40 -19.87 24.82
CA PHE B 58 2.58 -20.67 24.55
C PHE B 58 2.30 -22.10 24.99
N SER B 59 2.85 -23.05 24.25
CA SER B 59 2.67 -24.47 24.57
C SER B 59 3.62 -24.84 25.71
N VAL B 60 3.20 -24.49 26.92
CA VAL B 60 4.00 -24.84 28.10
C VAL B 60 3.99 -26.35 28.32
N HIS B 61 3.02 -27.05 27.76
CA HIS B 61 2.94 -28.50 27.88
C HIS B 61 2.69 -29.12 26.51
N HIS B 62 2.91 -30.43 26.42
CA HIS B 62 2.59 -31.15 25.20
C HIS B 62 1.08 -31.38 25.09
N GLN B 63 0.64 -31.64 23.87
CA GLN B 63 -0.78 -31.82 23.61
C GLN B 63 -1.27 -33.13 24.23
N PRO B 64 -2.57 -33.21 24.51
CA PRO B 64 -3.11 -34.43 25.14
C PRO B 64 -2.93 -35.65 24.25
N THR B 65 -2.62 -36.74 24.89
CA THR B 65 -2.52 -37.99 24.23
C THR B 65 -3.94 -38.32 23.84
N VAL B 66 -4.10 -39.28 22.96
CA VAL B 66 -5.42 -39.52 22.43
C VAL B 66 -6.53 -39.86 23.36
N ASP B 67 -6.28 -40.61 24.38
CA ASP B 67 -7.33 -40.90 25.31
C ASP B 67 -7.87 -39.68 26.06
N LYS B 68 -7.02 -38.70 26.32
CA LYS B 68 -7.27 -37.56 27.13
C LYS B 68 -7.69 -36.44 26.25
N VAL B 69 -7.68 -36.60 24.96
CA VAL B 69 -8.00 -35.44 24.13
C VAL B 69 -9.34 -34.85 24.56
N HIS B 70 -10.27 -35.68 25.01
CA HIS B 70 -11.58 -35.20 25.40
C HIS B 70 -11.58 -34.65 26.82
N GLU B 71 -10.66 -35.12 27.67
CA GLU B 71 -10.42 -34.49 28.95
C GLU B 71 -9.62 -33.21 28.81
N ARG B 72 -8.87 -33.06 27.71
CA ARG B 72 -7.95 -31.95 27.50
C ARG B 72 -6.89 -31.91 28.61
N LYS B 73 -6.42 -33.08 29.02
CA LYS B 73 -5.32 -33.21 29.97
C LYS B 73 -4.01 -33.27 29.21
N CYS B 74 -3.19 -32.26 29.36
CA CYS B 74 -2.00 -32.07 28.53
C CYS B 74 -0.85 -32.95 29.03
N GLY B 75 0.24 -32.92 28.29
CA GLY B 75 1.40 -33.76 28.55
C GLY B 75 2.47 -33.07 29.39
N ALA B 76 3.72 -33.43 29.11
CA ALA B 76 4.83 -32.95 29.92
C ALA B 76 5.16 -31.50 29.60
N VAL B 77 5.83 -30.85 30.56
CA VAL B 77 6.19 -29.44 30.43
C VAL B 77 7.28 -29.28 29.38
N ARG B 78 7.22 -28.20 28.61
CA ARG B 78 8.11 -27.96 27.50
C ARG B 78 9.02 -26.78 27.79
N GLU B 79 10.30 -26.92 27.45
CA GLU B 79 11.30 -25.90 27.77
C GLU B 79 11.41 -24.83 26.69
N GLN B 80 11.75 -25.24 25.46
CA GLN B 80 12.01 -24.26 24.41
C GLN B 80 10.72 -23.60 23.92
N TYR B 81 9.73 -24.40 23.51
CA TYR B 81 8.47 -23.80 23.09
C TYR B 81 7.65 -23.27 24.26
N GLY B 82 7.99 -23.64 25.48
CA GLY B 82 7.21 -23.28 26.65
C GLY B 82 7.90 -22.30 27.58
N ILE B 83 8.57 -22.86 28.60
CA ILE B 83 9.17 -22.07 29.68
C ILE B 83 9.97 -20.90 29.14
N GLN B 84 10.79 -21.14 28.11
CA GLN B 84 11.67 -20.09 27.61
C GLN B 84 10.88 -18.95 26.98
N ARG B 85 9.84 -19.28 26.21
CA ARG B 85 9.01 -18.24 25.62
C ARG B 85 8.22 -17.48 26.67
N VAL B 86 7.78 -18.15 27.73
CA VAL B 86 7.09 -17.47 28.83
C VAL B 86 8.02 -16.47 29.50
N GLU B 87 9.23 -16.93 29.87
CA GLU B 87 10.19 -16.03 30.49
C GLU B 87 10.59 -14.89 29.56
N ALA B 88 10.66 -15.17 28.26
CA ALA B 88 10.96 -14.12 27.30
C ALA B 88 9.86 -13.06 27.26
N MET B 89 8.61 -13.51 27.25
CA MET B 89 7.48 -12.58 27.36
C MET B 89 7.65 -11.66 28.57
N LEU B 90 7.85 -12.27 29.75
CA LEU B 90 7.94 -11.49 30.98
C LEU B 90 9.10 -10.49 30.92
N HIS B 91 10.29 -10.97 30.54
CA HIS B 91 11.48 -10.13 30.59
C HIS B 91 11.46 -9.05 29.51
N THR B 92 10.91 -9.37 28.34
CA THR B 92 10.77 -8.36 27.29
C THR B 92 9.80 -7.28 27.72
N LEU B 93 8.74 -7.64 28.44
CA LEU B 93 7.85 -6.59 28.95
C LEU B 93 8.54 -5.75 30.00
N GLU B 94 9.37 -6.37 30.85
CA GLU B 94 10.20 -5.58 31.76
C GLU B 94 11.03 -4.55 31.00
N ARG B 95 11.75 -5.01 29.97
CA ARG B 95 12.59 -4.11 29.17
C ARG B 95 11.77 -2.98 28.56
N ILE B 96 10.62 -3.32 27.97
CA ILE B 96 9.79 -2.30 27.31
C ILE B 96 9.30 -1.27 28.32
N ASN B 97 8.93 -1.71 29.52
CA ASN B 97 8.52 -0.75 30.55
C ASN B 97 9.68 0.15 30.95
N SER B 98 10.88 -0.42 31.08
CA SER B 98 12.04 0.38 31.49
C SER B 98 12.51 1.33 30.40
N ASP B 99 12.10 1.13 29.15
CA ASP B 99 12.59 1.94 28.05
C ASP B 99 11.85 3.29 28.04
N PRO B 100 12.57 4.42 28.09
CA PRO B 100 11.87 5.72 28.08
C PRO B 100 11.43 6.19 26.70
N THR B 101 12.09 5.74 25.63
CA THR B 101 11.68 6.14 24.29
C THR B 101 10.40 5.43 23.84
N LEU B 102 10.11 4.27 24.42
CA LEU B 102 8.99 3.43 24.01
C LEU B 102 7.95 3.42 25.12
N LEU B 103 6.75 3.90 24.82
CA LEU B 103 5.64 3.98 25.78
C LEU B 103 6.09 4.61 27.08
N PRO B 104 6.34 5.93 27.11
CA PRO B 104 6.76 6.57 28.36
C PRO B 104 5.60 6.64 29.36
N ASN B 105 5.87 6.21 30.59
CA ASN B 105 4.95 6.25 31.72
C ASN B 105 3.72 5.36 31.53
N ILE B 106 3.73 4.47 30.53
CA ILE B 106 2.66 3.51 30.32
C ILE B 106 3.22 2.12 30.59
N THR B 107 2.61 1.41 31.53
CA THR B 107 3.08 0.10 31.96
C THR B 107 2.35 -1.00 31.19
N LEU B 108 3.11 -1.96 30.67
CA LEU B 108 2.55 -3.09 29.95
C LEU B 108 2.52 -4.32 30.87
N GLY B 109 1.31 -4.85 31.09
CA GLY B 109 1.14 -6.12 31.76
C GLY B 109 0.84 -7.24 30.78
N CYS B 110 0.60 -8.42 31.32
CA CYS B 110 0.37 -9.58 30.48
C CYS B 110 -0.44 -10.64 31.21
N GLU B 111 -1.03 -11.53 30.39
CA GLU B 111 -1.78 -12.69 30.85
C GLU B 111 -1.40 -13.85 29.92
N ILE B 112 -0.51 -14.72 30.40
CA ILE B 112 0.06 -15.80 29.60
C ILE B 112 -0.63 -17.10 29.96
N ARG B 113 -1.17 -17.79 28.96
CA ARG B 113 -1.92 -19.02 29.16
C ARG B 113 -1.33 -20.16 28.34
N ASP B 114 -1.66 -21.38 28.77
CA ASP B 114 -1.18 -22.59 28.13
C ASP B 114 -1.95 -22.85 26.86
N SER B 115 -1.23 -23.13 25.77
CA SER B 115 -1.90 -23.51 24.53
C SER B 115 -1.88 -25.02 24.28
N CYS B 116 -0.93 -25.73 24.88
CA CYS B 116 -0.77 -27.18 24.72
C CYS B 116 -0.64 -27.59 23.25
N TRP B 117 -0.31 -26.64 22.38
CA TRP B 117 -0.14 -26.90 20.95
C TRP B 117 -1.35 -27.64 20.39
N HIS B 118 -2.53 -27.26 20.87
CA HIS B 118 -3.74 -28.04 20.61
C HIS B 118 -4.92 -27.09 20.48
N SER B 119 -5.75 -27.32 19.46
CA SER B 119 -6.82 -26.38 19.12
C SER B 119 -7.87 -26.30 20.21
N ALA B 120 -8.20 -27.44 20.83
CA ALA B 120 -9.23 -27.44 21.87
C ALA B 120 -8.79 -26.62 23.08
N VAL B 121 -7.57 -26.89 23.58
CA VAL B 121 -7.05 -26.18 24.74
C VAL B 121 -6.90 -24.70 24.42
N ALA B 122 -6.46 -24.38 23.20
CA ALA B 122 -6.26 -22.98 22.83
C ALA B 122 -7.58 -22.24 22.71
N LEU B 123 -8.62 -22.90 22.19
CA LEU B 123 -9.93 -22.26 22.14
C LEU B 123 -10.49 -22.08 23.54
N GLU B 124 -10.28 -23.07 24.42
CA GLU B 124 -10.63 -22.93 25.84
C GLU B 124 -10.02 -21.66 26.44
N GLN B 125 -8.69 -21.54 26.35
CA GLN B 125 -8.02 -20.41 26.97
C GLN B 125 -8.35 -19.10 26.26
N SER B 126 -8.62 -19.14 24.96
CA SER B 126 -9.02 -17.94 24.24
C SER B 126 -10.39 -17.45 24.69
N ILE B 127 -11.30 -18.38 24.99
CA ILE B 127 -12.56 -18.00 25.62
C ILE B 127 -12.29 -17.39 27.00
N GLU B 128 -11.35 -17.98 27.74
CA GLU B 128 -10.98 -17.40 29.03
C GLU B 128 -10.47 -15.97 28.88
N PHE B 129 -9.86 -15.64 27.75
CA PHE B 129 -9.44 -14.26 27.51
C PHE B 129 -10.64 -13.31 27.44
N ILE B 130 -11.81 -13.80 27.05
CA ILE B 130 -12.92 -12.91 26.74
C ILE B 130 -14.16 -13.21 27.59
N ARG B 131 -14.02 -13.94 28.70
CA ARG B 131 -15.16 -14.11 29.60
C ARG B 131 -15.73 -12.77 30.04
N ASP B 132 -14.90 -11.97 30.71
CA ASP B 132 -15.39 -10.72 31.30
C ASP B 132 -15.88 -9.75 30.24
N SER B 133 -15.33 -9.84 29.02
CA SER B 133 -15.83 -9.02 27.91
C SER B 133 -17.26 -9.34 27.54
N LEU B 134 -17.82 -10.45 28.03
CA LEU B 134 -19.17 -10.86 27.68
C LEU B 134 -20.23 -10.29 28.62
N ILE B 135 -19.87 -9.94 29.85
CA ILE B 135 -20.84 -9.41 30.80
C ILE B 135 -21.17 -7.96 30.48
N LYS B 157 -11.13 -7.40 36.14
CA LYS B 157 -9.97 -7.72 35.32
C LYS B 157 -9.94 -6.88 34.04
N LYS B 158 -8.79 -6.29 33.74
CA LYS B 158 -8.65 -5.48 32.54
C LYS B 158 -8.74 -6.34 31.29
N PRO B 159 -9.31 -5.82 30.21
CA PRO B 159 -9.47 -6.62 28.99
C PRO B 159 -8.16 -6.79 28.23
N ILE B 160 -8.04 -7.96 27.60
CA ILE B 160 -6.90 -8.24 26.74
C ILE B 160 -6.94 -7.33 25.52
N VAL B 161 -5.84 -6.64 25.25
CA VAL B 161 -5.79 -5.71 24.13
C VAL B 161 -5.33 -6.41 22.85
N GLY B 162 -4.36 -7.32 22.96
CA GLY B 162 -3.92 -8.12 21.84
C GLY B 162 -3.39 -9.44 22.36
N VAL B 163 -3.11 -10.37 21.43
CA VAL B 163 -2.71 -11.72 21.78
C VAL B 163 -1.47 -12.11 20.97
N ILE B 164 -0.47 -12.65 21.65
CA ILE B 164 0.76 -13.12 21.02
C ILE B 164 0.69 -14.64 20.91
N GLY B 165 0.88 -15.16 19.69
CA GLY B 165 0.83 -16.58 19.46
C GLY B 165 -0.48 -17.01 18.82
N PRO B 166 -0.73 -18.32 18.73
CA PRO B 166 0.14 -19.45 19.14
C PRO B 166 1.14 -19.89 18.07
N GLY B 167 1.64 -21.11 18.22
CA GLY B 167 2.68 -21.63 17.34
C GLY B 167 2.17 -22.34 16.09
N SER B 168 1.24 -23.27 16.25
CA SER B 168 0.72 -24.01 15.11
C SER B 168 -0.16 -23.11 14.25
N SER B 169 -0.09 -23.33 12.93
CA SER B 169 -0.91 -22.53 12.01
C SER B 169 -2.38 -22.87 12.14
N SER B 170 -2.70 -24.16 12.29
CA SER B 170 -4.10 -24.56 12.49
C SER B 170 -4.65 -24.01 13.80
N VAL B 171 -3.87 -24.13 14.88
CA VAL B 171 -4.29 -23.60 16.17
C VAL B 171 -4.43 -22.07 16.09
N ALA B 172 -3.53 -21.42 15.35
CA ALA B 172 -3.63 -19.98 15.19
C ALA B 172 -4.89 -19.59 14.42
N ILE B 173 -5.26 -20.38 13.41
CA ILE B 173 -6.52 -20.16 12.70
C ILE B 173 -7.69 -20.27 13.67
N GLN B 174 -7.69 -21.34 14.48
CA GLN B 174 -8.77 -21.55 15.44
C GLN B 174 -8.89 -20.38 16.41
N VAL B 175 -7.76 -19.87 16.89
CA VAL B 175 -7.79 -18.77 17.86
C VAL B 175 -8.21 -17.47 17.18
N GLN B 176 -7.76 -17.27 15.93
CA GLN B 176 -8.11 -16.05 15.20
C GLN B 176 -9.61 -15.99 14.91
N ASN B 177 -10.22 -17.14 14.61
CA ASN B 177 -11.66 -17.16 14.37
C ASN B 177 -12.44 -16.62 15.57
N LEU B 178 -11.91 -16.83 16.79
CA LEU B 178 -12.56 -16.30 17.98
C LEU B 178 -12.18 -14.84 18.23
N LEU B 179 -10.89 -14.51 18.08
CA LEU B 179 -10.43 -13.16 18.39
C LEU B 179 -10.97 -12.12 17.42
N GLN B 180 -11.34 -12.53 16.20
CA GLN B 180 -12.01 -11.62 15.27
C GLN B 180 -13.23 -10.96 15.90
N LEU B 181 -14.04 -11.76 16.58
CA LEU B 181 -15.38 -11.33 16.96
C LEU B 181 -15.35 -10.18 17.96
N PHE B 182 -14.32 -10.12 18.82
CA PHE B 182 -14.18 -9.03 19.77
C PHE B 182 -13.07 -8.07 19.39
N ASN B 183 -12.63 -8.12 18.13
CA ASN B 183 -11.69 -7.14 17.57
C ASN B 183 -10.38 -7.10 18.35
N ILE B 184 -9.83 -8.28 18.64
CA ILE B 184 -8.55 -8.39 19.32
C ILE B 184 -7.47 -8.67 18.28
N PRO B 185 -6.52 -7.77 18.06
CA PRO B 185 -5.42 -8.08 17.14
C PRO B 185 -4.56 -9.21 17.67
N GLN B 186 -4.00 -9.98 16.74
CA GLN B 186 -3.21 -11.17 17.06
C GLN B 186 -1.94 -11.15 16.23
N ILE B 187 -0.81 -11.39 16.88
CA ILE B 187 0.51 -11.40 16.23
C ILE B 187 1.19 -12.71 16.57
N ALA B 188 1.64 -13.42 15.54
CA ALA B 188 2.23 -14.75 15.69
C ALA B 188 3.72 -14.72 15.37
N TYR B 189 4.42 -15.75 15.84
CA TYR B 189 5.86 -15.84 15.71
C TYR B 189 6.36 -17.12 15.05
N SER B 190 5.49 -18.10 14.81
CA SER B 190 5.89 -19.29 14.07
C SER B 190 4.82 -19.82 13.12
N ALA B 191 3.64 -19.22 13.06
CA ALA B 191 2.56 -19.70 12.21
C ALA B 191 2.77 -19.15 10.80
N THR B 192 3.20 -20.03 9.87
CA THR B 192 3.64 -19.61 8.56
C THR B 192 2.66 -19.95 7.44
N SER B 193 1.49 -20.50 7.76
CA SER B 193 0.58 -20.96 6.71
C SER B 193 0.15 -19.81 5.81
N MET B 194 0.09 -20.08 4.51
CA MET B 194 -0.41 -19.11 3.55
C MET B 194 -1.89 -18.81 3.76
N ASP B 195 -2.63 -19.74 4.39
CA ASP B 195 -4.05 -19.52 4.63
C ASP B 195 -4.28 -18.23 5.41
N LEU B 196 -3.41 -17.95 6.38
CA LEU B 196 -3.52 -16.80 7.25
C LEU B 196 -3.28 -15.47 6.52
N SER B 197 -2.86 -15.52 5.26
CA SER B 197 -2.66 -14.30 4.49
C SER B 197 -3.97 -13.68 4.00
N ASP B 198 -5.06 -14.45 4.01
CA ASP B 198 -6.35 -13.93 3.58
C ASP B 198 -6.91 -13.02 4.65
N LYS B 199 -7.09 -11.74 4.32
CA LYS B 199 -7.51 -10.76 5.32
C LYS B 199 -9.01 -10.52 5.34
N THR B 200 -9.78 -11.18 4.49
CA THR B 200 -11.22 -11.24 4.68
C THR B 200 -11.62 -12.37 5.61
N LEU B 201 -10.77 -13.39 5.73
CA LEU B 201 -10.98 -14.49 6.67
C LEU B 201 -10.24 -14.30 7.98
N PHE B 202 -9.15 -13.53 7.99
CA PHE B 202 -8.26 -13.40 9.15
C PHE B 202 -7.86 -11.94 9.35
N LYS B 203 -8.85 -11.04 9.40
CA LYS B 203 -8.56 -9.61 9.39
C LYS B 203 -7.58 -9.19 10.48
N TYR B 204 -7.75 -9.69 11.70
CA TYR B 204 -6.88 -9.26 12.80
C TYR B 204 -5.72 -10.21 13.05
N PHE B 205 -5.16 -10.79 12.00
CA PHE B 205 -4.00 -11.65 12.12
C PHE B 205 -2.79 -11.01 11.47
N MET B 206 -1.65 -11.09 12.14
CA MET B 206 -0.39 -10.57 11.63
C MET B 206 0.73 -11.47 12.15
N ARG B 207 1.82 -11.57 11.40
CA ARG B 207 2.95 -12.37 11.85
C ARG B 207 4.27 -11.69 11.48
N VAL B 208 5.29 -11.98 12.29
CA VAL B 208 6.65 -11.52 12.04
C VAL B 208 7.50 -12.61 11.37
N VAL B 209 6.89 -13.71 10.97
CA VAL B 209 7.56 -14.72 10.15
C VAL B 209 7.06 -14.62 8.71
N PRO B 210 7.91 -14.93 7.73
CA PRO B 210 7.42 -15.04 6.37
C PRO B 210 6.59 -16.29 6.18
N SER B 211 5.61 -16.20 5.28
CA SER B 211 4.78 -17.35 4.98
C SER B 211 5.58 -18.40 4.21
N ASP B 212 4.96 -19.56 4.00
CA ASP B 212 5.58 -20.62 3.21
C ASP B 212 5.84 -20.15 1.78
N ALA B 213 5.02 -19.23 1.29
CA ALA B 213 5.20 -18.67 -0.05
C ALA B 213 6.60 -18.08 -0.21
N GLN B 214 7.16 -17.51 0.85
CA GLN B 214 8.50 -16.93 0.75
C GLN B 214 9.55 -18.02 0.60
N GLN B 215 9.38 -19.14 1.28
CA GLN B 215 10.30 -20.27 1.09
C GLN B 215 10.22 -20.77 -0.35
N ALA B 216 9.00 -20.92 -0.88
CA ALA B 216 8.87 -21.35 -2.27
C ALA B 216 9.52 -20.35 -3.22
N ARG B 217 9.35 -19.05 -2.94
CA ARG B 217 9.97 -18.00 -3.74
C ARG B 217 11.49 -18.14 -3.73
N ALA B 218 12.06 -18.37 -2.56
CA ALA B 218 13.51 -18.51 -2.44
C ALA B 218 14.00 -19.75 -3.20
N MET B 219 13.23 -20.84 -3.16
CA MET B 219 13.63 -22.02 -3.90
C MET B 219 13.58 -21.79 -5.41
N VAL B 220 12.55 -21.06 -5.87
CA VAL B 220 12.48 -20.71 -7.28
C VAL B 220 13.70 -19.89 -7.68
N ASP B 221 14.10 -18.94 -6.84
CA ASP B 221 15.29 -18.16 -7.14
C ASP B 221 16.55 -19.04 -7.16
N ILE B 222 16.61 -20.02 -6.26
CA ILE B 222 17.79 -20.90 -6.20
C ILE B 222 17.89 -21.75 -7.46
N VAL B 223 16.77 -22.31 -7.92
CA VAL B 223 16.83 -23.12 -9.14
C VAL B 223 16.99 -22.24 -10.38
N LYS B 224 16.58 -20.98 -10.32
CA LYS B 224 16.92 -20.04 -11.40
C LYS B 224 18.42 -19.84 -11.49
N ARG B 225 19.07 -19.52 -10.37
CA ARG B 225 20.47 -19.13 -10.39
C ARG B 225 21.40 -20.30 -10.72
N TYR B 226 20.87 -21.48 -11.04
CA TYR B 226 21.71 -22.62 -11.39
C TYR B 226 21.21 -23.36 -12.62
N ASN B 227 20.36 -22.73 -13.43
CA ASN B 227 19.90 -23.29 -14.69
C ASN B 227 19.33 -24.69 -14.51
N TRP B 228 18.50 -24.83 -13.46
CA TRP B 228 17.77 -26.06 -13.21
C TRP B 228 16.34 -25.90 -13.71
N THR B 229 16.21 -25.94 -15.05
CA THR B 229 14.95 -25.61 -15.69
C THR B 229 13.92 -26.73 -15.59
N TYR B 230 14.36 -27.98 -15.58
CA TYR B 230 13.48 -29.14 -15.57
C TYR B 230 13.73 -29.91 -14.27
N VAL B 231 12.72 -29.96 -13.41
CA VAL B 231 12.89 -30.37 -12.01
C VAL B 231 11.70 -31.23 -11.60
N SER B 232 11.96 -32.24 -10.77
CA SER B 232 10.88 -33.02 -10.17
C SER B 232 10.49 -32.41 -8.83
N ALA B 233 9.26 -32.68 -8.40
CA ALA B 233 8.70 -32.02 -7.23
C ALA B 233 8.03 -33.03 -6.31
N VAL B 234 8.38 -32.98 -5.03
CA VAL B 234 7.75 -33.77 -3.98
C VAL B 234 7.36 -32.82 -2.85
N HIS B 235 6.19 -33.05 -2.26
CA HIS B 235 5.78 -32.28 -1.10
C HIS B 235 5.11 -33.20 -0.09
N THR B 236 5.09 -32.76 1.16
CA THR B 236 4.47 -33.55 2.22
C THR B 236 2.97 -33.28 2.28
N GLU B 237 2.17 -34.34 2.31
CA GLU B 237 0.73 -34.23 2.48
C GLU B 237 0.39 -33.39 3.71
N GLY B 238 -0.41 -32.35 3.51
CA GLY B 238 -0.85 -31.48 4.58
C GLY B 238 -0.85 -30.04 4.13
N ASN B 239 -1.11 -29.14 5.09
CA ASN B 239 -1.16 -27.72 4.81
C ASN B 239 0.20 -27.21 4.31
N TYR B 240 1.24 -27.44 5.11
CA TYR B 240 2.59 -26.99 4.77
C TYR B 240 2.98 -27.41 3.36
N GLY B 241 3.04 -28.73 3.13
CA GLY B 241 3.53 -29.23 1.86
C GLY B 241 2.70 -28.75 0.68
N GLU B 242 1.38 -28.86 0.78
CA GLU B 242 0.55 -28.58 -0.39
C GLU B 242 0.46 -27.08 -0.68
N SER B 243 0.32 -26.24 0.34
CA SER B 243 0.30 -24.81 0.08
C SER B 243 1.65 -24.33 -0.46
N GLY B 244 2.75 -24.77 0.16
CA GLY B 244 4.06 -24.39 -0.34
C GLY B 244 4.34 -24.92 -1.73
N MET B 245 3.82 -26.10 -2.07
CA MET B 245 4.06 -26.64 -3.40
C MET B 245 3.20 -25.96 -4.44
N GLU B 246 1.97 -25.57 -4.10
CA GLU B 246 1.20 -24.73 -5.01
C GLU B 246 1.94 -23.42 -5.27
N ALA B 247 2.51 -22.82 -4.21
CA ALA B 247 3.25 -21.57 -4.40
C ALA B 247 4.48 -21.79 -5.29
N PHE B 248 5.21 -22.87 -5.04
CA PHE B 248 6.38 -23.19 -5.86
C PHE B 248 5.99 -23.43 -7.31
N LYS B 249 4.88 -24.13 -7.54
CA LYS B 249 4.39 -24.38 -8.89
C LYS B 249 4.07 -23.07 -9.60
N ASP B 250 3.28 -22.20 -8.96
CA ASP B 250 2.90 -20.96 -9.59
C ASP B 250 4.12 -20.07 -9.87
N MET B 251 5.05 -19.99 -8.93
CA MET B 251 6.18 -19.09 -9.11
C MET B 251 7.19 -19.63 -10.12
N SER B 252 7.45 -20.94 -10.11
CA SER B 252 8.38 -21.52 -11.06
C SER B 252 7.83 -21.50 -12.48
N ALA B 253 6.53 -21.67 -12.64
CA ALA B 253 5.92 -21.62 -13.98
C ALA B 253 6.08 -20.24 -14.60
N LYS B 254 5.99 -19.19 -13.77
CA LYS B 254 6.16 -17.83 -14.27
C LYS B 254 7.61 -17.47 -14.55
N GLU B 255 8.56 -18.15 -13.91
CA GLU B 255 9.98 -17.94 -14.15
C GLU B 255 10.55 -18.88 -15.22
N GLY B 256 9.69 -19.51 -16.02
CA GLY B 256 10.16 -20.42 -17.05
C GLY B 256 10.82 -21.68 -16.52
N ILE B 257 10.23 -22.30 -15.50
CA ILE B 257 10.77 -23.51 -14.89
C ILE B 257 9.71 -24.60 -14.99
N CYS B 258 10.09 -25.73 -15.59
CA CYS B 258 9.16 -26.81 -15.87
C CYS B 258 9.34 -27.91 -14.83
N ILE B 259 8.23 -28.50 -14.40
CA ILE B 259 8.22 -29.59 -13.44
C ILE B 259 7.84 -30.88 -14.16
N ALA B 260 8.67 -31.91 -14.00
CA ALA B 260 8.40 -33.18 -14.66
C ALA B 260 7.10 -33.80 -14.16
N HIS B 261 6.95 -33.92 -12.84
CA HIS B 261 5.75 -34.46 -12.23
C HIS B 261 5.81 -34.16 -10.74
N SER B 262 4.65 -33.82 -10.16
CA SER B 262 4.57 -33.51 -8.74
C SER B 262 4.06 -34.72 -7.97
N TYR B 263 4.65 -34.97 -6.81
CA TYR B 263 4.33 -36.12 -5.99
C TYR B 263 4.04 -35.67 -4.56
N LYS B 264 3.28 -36.50 -3.85
CA LYS B 264 2.90 -36.18 -2.48
C LYS B 264 2.76 -37.47 -1.68
N ILE B 265 3.09 -37.39 -0.39
CA ILE B 265 3.24 -38.56 0.45
C ILE B 265 3.31 -38.11 1.90
N TYR B 266 2.93 -38.97 2.85
CA TYR B 266 3.14 -38.61 4.25
C TYR B 266 4.47 -39.15 4.75
N SER B 267 4.93 -38.56 5.85
CA SER B 267 6.17 -39.01 6.48
C SER B 267 6.02 -40.39 7.09
N ASN B 268 4.85 -40.67 7.68
CA ASN B 268 4.60 -41.95 8.33
C ASN B 268 4.29 -43.08 7.35
N ALA B 269 4.32 -42.80 6.05
CA ALA B 269 4.11 -43.86 5.07
C ALA B 269 5.25 -44.88 5.14
N GLY B 270 4.91 -46.14 4.91
CA GLY B 270 5.88 -47.21 5.04
C GLY B 270 6.99 -47.14 4.01
N GLU B 271 7.96 -48.04 4.17
CA GLU B 271 9.10 -48.07 3.25
C GLU B 271 8.66 -48.40 1.83
N GLN B 272 7.60 -49.20 1.67
CA GLN B 272 7.07 -49.49 0.34
C GLN B 272 6.70 -48.21 -0.39
N SER B 273 6.12 -47.24 0.34
CA SER B 273 5.63 -46.03 -0.29
C SER B 273 6.78 -45.17 -0.81
N PHE B 274 7.84 -45.00 -0.02
CA PHE B 274 8.95 -44.21 -0.52
C PHE B 274 9.77 -44.97 -1.56
N ASP B 275 9.76 -46.31 -1.53
CA ASP B 275 10.38 -47.06 -2.62
C ASP B 275 9.65 -46.80 -3.94
N LYS B 276 8.32 -46.86 -3.90
CA LYS B 276 7.52 -46.52 -5.08
C LYS B 276 7.81 -45.10 -5.54
N LEU B 277 7.83 -44.16 -4.59
CA LEU B 277 8.10 -42.76 -4.91
C LEU B 277 9.46 -42.58 -5.57
N LEU B 278 10.49 -43.25 -5.05
CA LEU B 278 11.83 -43.09 -5.59
C LEU B 278 11.93 -43.73 -6.98
N LYS B 279 11.24 -44.84 -7.21
CA LYS B 279 11.24 -45.42 -8.56
C LYS B 279 10.54 -44.49 -9.55
N LYS B 280 9.40 -43.92 -9.16
CA LYS B 280 8.76 -42.93 -10.01
C LYS B 280 9.68 -41.73 -10.27
N LEU B 281 10.46 -41.33 -9.28
CA LEU B 281 11.41 -40.24 -9.48
C LEU B 281 12.50 -40.63 -10.48
N THR B 282 13.00 -41.86 -10.38
CA THR B 282 14.01 -42.33 -11.33
C THR B 282 13.46 -42.45 -12.75
N SER B 283 12.14 -42.57 -12.89
CA SER B 283 11.55 -42.60 -14.23
C SER B 283 11.96 -41.37 -15.05
N HIS B 284 12.11 -40.20 -14.40
CA HIS B 284 12.33 -38.95 -15.10
C HIS B 284 13.80 -38.70 -15.47
N LEU B 285 14.71 -39.55 -15.04
CA LEU B 285 16.13 -39.34 -15.31
C LEU B 285 16.41 -39.52 -16.80
N PRO B 286 17.49 -38.90 -17.32
CA PRO B 286 18.47 -38.02 -16.66
C PRO B 286 18.06 -36.55 -16.69
N LYS B 287 16.87 -36.27 -17.24
CA LYS B 287 16.41 -34.90 -17.40
C LYS B 287 16.20 -34.23 -16.05
N ALA B 288 15.33 -34.81 -15.22
CA ALA B 288 14.94 -34.20 -13.95
C ALA B 288 15.83 -34.78 -12.84
N ARG B 289 16.94 -34.09 -12.57
CA ARG B 289 17.86 -34.50 -11.51
C ARG B 289 17.54 -33.84 -10.18
N VAL B 290 17.19 -32.56 -10.20
CA VAL B 290 16.90 -31.83 -8.97
C VAL B 290 15.47 -32.16 -8.53
N VAL B 291 15.31 -32.46 -7.25
CA VAL B 291 14.02 -32.78 -6.66
C VAL B 291 13.70 -31.69 -5.65
N ALA B 292 12.91 -30.70 -6.07
CA ALA B 292 12.39 -29.70 -5.14
C ALA B 292 11.42 -30.37 -4.18
N CYS B 293 11.75 -30.35 -2.89
CA CYS B 293 11.04 -31.11 -1.88
C CYS B 293 10.50 -30.11 -0.85
N PHE B 294 9.22 -29.74 -1.00
CA PHE B 294 8.56 -28.94 0.03
C PHE B 294 8.05 -29.94 1.07
N CYS B 295 8.96 -30.30 1.96
CA CYS B 295 8.80 -31.51 2.76
C CYS B 295 9.20 -31.20 4.19
N GLU B 296 8.49 -31.80 5.14
CA GLU B 296 8.95 -31.80 6.52
C GLU B 296 10.00 -32.89 6.69
N GLY B 297 10.89 -32.69 7.66
CA GLY B 297 12.09 -33.48 7.82
C GLY B 297 12.01 -34.97 7.58
N MET B 298 11.00 -35.63 8.16
CA MET B 298 10.94 -37.08 8.09
C MET B 298 10.61 -37.58 6.69
N THR B 299 9.92 -36.78 5.87
CA THR B 299 9.73 -37.14 4.47
C THR B 299 11.08 -37.21 3.75
N VAL B 300 11.92 -36.21 3.94
CA VAL B 300 13.26 -36.22 3.37
C VAL B 300 14.07 -37.40 3.89
N ARG B 301 13.94 -37.68 5.19
CA ARG B 301 14.66 -38.82 5.76
C ARG B 301 14.21 -40.13 5.14
N GLY B 302 12.91 -40.27 4.88
CA GLY B 302 12.43 -41.47 4.22
C GLY B 302 12.93 -41.58 2.80
N LEU B 303 13.00 -40.47 2.07
CA LEU B 303 13.61 -40.49 0.75
C LEU B 303 15.06 -40.95 0.82
N LEU B 304 15.79 -40.47 1.83
CA LEU B 304 17.19 -40.88 1.99
C LEU B 304 17.28 -42.38 2.29
N MET B 305 16.38 -42.89 3.13
CA MET B 305 16.38 -44.32 3.44
C MET B 305 16.02 -45.14 2.22
N ALA B 306 15.12 -44.64 1.38
CA ALA B 306 14.80 -45.33 0.13
C ALA B 306 15.99 -45.33 -0.82
N MET B 307 16.74 -44.23 -0.85
CA MET B 307 17.95 -44.16 -1.66
C MET B 307 18.99 -45.16 -1.16
N ARG B 308 19.07 -45.36 0.16
CA ARG B 308 19.89 -46.43 0.71
C ARG B 308 19.39 -47.79 0.23
N ARG B 309 18.07 -48.02 0.34
CA ARG B 309 17.52 -49.34 0.02
C ARG B 309 17.74 -49.70 -1.45
N LEU B 310 17.65 -48.72 -2.33
CA LEU B 310 17.75 -48.98 -3.77
C LEU B 310 19.14 -48.70 -4.34
N GLY B 311 20.07 -48.17 -3.53
CA GLY B 311 21.38 -47.83 -4.04
C GLY B 311 21.41 -46.64 -4.97
N LEU B 312 20.28 -45.94 -5.12
CA LEU B 312 20.12 -44.82 -6.04
C LEU B 312 20.63 -43.51 -5.47
N ALA B 313 21.47 -43.55 -4.43
CA ALA B 313 22.05 -42.33 -3.90
C ALA B 313 22.91 -41.64 -4.95
N GLY B 314 22.94 -40.32 -4.88
CA GLY B 314 23.80 -39.53 -5.75
C GLY B 314 23.32 -39.40 -7.18
N GLU B 315 22.16 -39.94 -7.52
CA GLU B 315 21.54 -39.68 -8.82
C GLU B 315 20.51 -38.56 -8.75
N PHE B 316 20.47 -37.82 -7.65
CA PHE B 316 19.52 -36.73 -7.47
C PHE B 316 20.17 -35.63 -6.66
N LEU B 317 19.56 -34.45 -6.71
CA LEU B 317 19.89 -33.35 -5.82
C LEU B 317 18.61 -32.88 -5.16
N LEU B 318 18.57 -32.94 -3.83
CA LEU B 318 17.36 -32.60 -3.08
C LEU B 318 17.39 -31.15 -2.67
N LEU B 319 16.31 -30.42 -2.96
CA LEU B 319 16.16 -29.02 -2.59
C LEU B 319 15.11 -28.94 -1.49
N GLY B 320 15.57 -29.01 -0.24
CA GLY B 320 14.67 -29.11 0.89
C GLY B 320 14.17 -27.77 1.38
N SER B 321 13.01 -27.82 2.03
CA SER B 321 12.37 -26.63 2.58
C SER B 321 12.85 -26.40 4.01
N ASP B 322 12.22 -25.46 4.71
CA ASP B 322 12.55 -25.19 6.10
C ASP B 322 12.30 -26.40 6.99
N GLY B 323 11.48 -27.36 6.53
CA GLY B 323 11.24 -28.56 7.31
C GLY B 323 12.50 -29.40 7.51
N TRP B 324 13.44 -29.31 6.58
CA TRP B 324 14.76 -29.93 6.70
C TRP B 324 15.78 -28.83 6.43
N ALA B 325 16.14 -28.08 7.46
CA ALA B 325 17.03 -26.95 7.26
C ALA B 325 18.49 -27.31 7.51
N ASP B 326 18.79 -27.65 8.77
CA ASP B 326 20.09 -28.20 9.14
C ASP B 326 19.90 -29.28 10.19
N ARG B 327 18.70 -29.84 10.27
CA ARG B 327 18.32 -30.86 11.24
C ARG B 327 19.15 -32.12 11.05
N TYR B 328 20.03 -32.43 12.01
CA TYR B 328 20.82 -33.65 11.91
C TYR B 328 19.95 -34.90 12.06
N ASP B 329 18.84 -34.80 12.79
CA ASP B 329 17.94 -35.94 12.95
C ASP B 329 17.34 -36.40 11.63
N VAL B 330 17.52 -35.63 10.56
CA VAL B 330 17.04 -36.04 9.24
C VAL B 330 18.11 -36.81 8.49
N THR B 331 19.37 -36.37 8.58
CA THR B 331 20.45 -36.97 7.81
C THR B 331 21.31 -37.95 8.59
N ASP B 332 21.29 -37.90 9.92
CA ASP B 332 22.12 -38.80 10.70
C ASP B 332 21.78 -40.25 10.38
N GLY B 333 22.83 -41.04 10.10
CA GLY B 333 22.70 -42.40 9.66
C GLY B 333 22.83 -42.59 8.17
N TYR B 334 22.36 -41.62 7.38
CA TYR B 334 22.39 -41.70 5.92
C TYR B 334 22.96 -40.42 5.34
N GLN B 335 24.13 -39.99 5.84
CA GLN B 335 24.79 -38.80 5.31
C GLN B 335 25.16 -38.99 3.84
N ARG B 336 25.64 -40.18 3.47
CA ARG B 336 26.14 -40.39 2.12
C ARG B 336 25.04 -40.24 1.08
N GLU B 337 23.80 -40.59 1.42
CA GLU B 337 22.69 -40.42 0.49
C GLU B 337 22.28 -38.96 0.34
N ALA B 338 22.53 -38.14 1.37
CA ALA B 338 22.07 -36.76 1.40
C ALA B 338 23.12 -35.76 0.92
N VAL B 339 24.35 -36.22 0.62
CA VAL B 339 25.42 -35.29 0.30
C VAL B 339 25.09 -34.52 -0.97
N GLY B 340 25.37 -33.21 -0.94
CA GLY B 340 25.11 -32.34 -2.06
C GLY B 340 23.79 -31.58 -2.00
N GLY B 341 22.93 -31.90 -1.03
CA GLY B 341 21.63 -31.27 -0.98
C GLY B 341 21.71 -29.82 -0.50
N ILE B 342 20.84 -29.00 -1.06
CA ILE B 342 20.68 -27.60 -0.69
C ILE B 342 19.39 -27.46 0.10
N THR B 343 19.43 -26.72 1.20
CA THR B 343 18.24 -26.51 2.01
C THR B 343 18.11 -25.05 2.39
N ILE B 344 16.89 -24.67 2.73
CA ILE B 344 16.56 -23.37 3.29
C ILE B 344 16.50 -23.48 4.80
N LYS B 345 17.00 -22.47 5.50
CA LYS B 345 16.92 -22.40 6.96
C LYS B 345 16.48 -21.01 7.35
N LEU B 346 15.34 -20.92 8.02
CA LEU B 346 14.86 -19.62 8.51
C LEU B 346 15.93 -18.98 9.40
N GLN B 347 16.41 -17.80 8.99
CA GLN B 347 17.52 -17.15 9.68
C GLN B 347 17.02 -16.47 10.94
N SER B 348 17.45 -16.97 12.09
CA SER B 348 17.09 -16.41 13.40
C SER B 348 18.28 -16.51 14.32
N PRO B 349 19.05 -15.44 14.49
CA PRO B 349 20.19 -15.47 15.41
C PRO B 349 19.73 -15.46 16.85
N ASP B 350 20.59 -15.96 17.73
CA ASP B 350 20.29 -16.00 19.15
C ASP B 350 20.22 -14.59 19.72
N VAL B 351 19.30 -14.40 20.67
CA VAL B 351 19.21 -13.16 21.42
C VAL B 351 20.03 -13.33 22.71
N LYS B 352 21.07 -12.52 22.86
CA LYS B 352 22.07 -12.76 23.90
C LYS B 352 21.59 -12.29 25.28
N TRP B 353 20.90 -11.14 25.33
CA TRP B 353 20.40 -10.68 26.62
C TRP B 353 19.33 -11.63 27.17
N PHE B 354 18.62 -12.35 26.30
CA PHE B 354 17.70 -13.37 26.81
C PHE B 354 18.45 -14.46 27.56
N ASP B 355 19.61 -14.89 27.03
CA ASP B 355 20.40 -15.88 27.76
C ASP B 355 20.91 -15.30 29.07
N ASP B 356 21.38 -14.05 29.05
CA ASP B 356 21.83 -13.40 30.27
C ASP B 356 20.74 -13.39 31.34
N TYR B 357 19.49 -13.18 30.93
CA TYR B 357 18.38 -13.19 31.88
C TYR B 357 18.00 -14.61 32.31
N TYR B 358 17.78 -15.50 31.33
CA TYR B 358 17.17 -16.80 31.60
C TYR B 358 18.11 -17.71 32.37
N LEU B 359 19.41 -17.66 32.08
CA LEU B 359 20.32 -18.60 32.71
C LEU B 359 20.47 -18.34 34.21
N LYS B 360 20.24 -17.12 34.65
CA LYS B 360 20.34 -16.78 36.07
C LYS B 360 19.10 -17.15 36.86
N LEU B 361 18.09 -17.73 36.23
CA LEU B 361 16.83 -18.02 36.91
C LEU B 361 16.98 -19.21 37.85
N ARG B 362 16.51 -19.04 39.07
CA ARG B 362 16.50 -20.04 40.12
C ARG B 362 15.07 -20.30 40.58
N PRO B 363 14.73 -21.55 40.91
CA PRO B 363 13.38 -21.81 41.43
C PRO B 363 13.14 -21.19 42.80
N GLU B 364 14.20 -20.92 43.56
CA GLU B 364 14.03 -20.31 44.88
C GLU B 364 13.63 -18.85 44.77
N THR B 365 13.97 -18.20 43.65
CA THR B 365 13.77 -16.77 43.50
C THR B 365 12.71 -16.40 42.48
N ASN B 366 12.31 -17.31 41.60
CA ASN B 366 11.34 -17.02 40.54
C ASN B 366 9.94 -17.08 41.13
N HIS B 367 9.29 -15.92 41.24
CA HIS B 367 7.99 -15.80 41.88
C HIS B 367 6.89 -15.31 40.91
N ARG B 368 7.07 -15.52 39.61
CA ARG B 368 6.05 -15.11 38.65
C ARG B 368 5.71 -16.15 37.60
N ASN B 369 6.59 -17.13 37.34
CA ASN B 369 6.27 -18.22 36.44
C ASN B 369 5.69 -19.38 37.24
N PRO B 370 4.38 -19.62 37.17
CA PRO B 370 3.80 -20.70 37.97
C PRO B 370 4.31 -22.07 37.58
N TRP B 371 4.64 -22.28 36.31
CA TRP B 371 5.10 -23.59 35.85
C TRP B 371 6.56 -23.86 36.17
N PHE B 372 7.32 -22.82 36.54
CA PHE B 372 8.76 -22.97 36.66
C PHE B 372 9.13 -24.13 37.58
N GLN B 373 8.42 -24.26 38.70
CA GLN B 373 8.79 -25.28 39.67
C GLN B 373 8.47 -26.69 39.18
N GLU B 374 7.45 -26.87 38.33
CA GLU B 374 7.35 -28.19 37.72
C GLU B 374 8.35 -28.35 36.59
N PHE B 375 8.73 -27.24 35.95
CA PHE B 375 9.77 -27.29 34.92
C PHE B 375 11.10 -27.70 35.51
N TRP B 376 11.55 -26.98 36.55
CA TRP B 376 12.82 -27.26 37.19
C TRP B 376 12.93 -28.72 37.58
N GLN B 377 11.96 -29.21 38.35
CA GLN B 377 11.98 -30.59 38.81
C GLN B 377 11.92 -31.57 37.65
N HIS B 378 11.35 -31.14 36.51
CA HIS B 378 11.35 -32.01 35.34
C HIS B 378 12.65 -31.88 34.56
N ARG B 379 13.30 -30.73 34.61
CA ARG B 379 14.56 -30.54 33.90
C ARG B 379 15.63 -31.48 34.41
N PHE B 380 15.96 -31.40 35.70
CA PHE B 380 16.97 -32.26 36.29
C PHE B 380 16.38 -33.44 37.06
N GLN B 381 15.15 -33.83 36.74
CA GLN B 381 14.51 -35.04 37.25
C GLN B 381 14.70 -35.25 38.75
N CYS B 382 14.65 -34.16 39.50
CA CYS B 382 14.76 -34.17 40.95
C CYS B 382 13.49 -33.57 41.55
N ARG B 383 13.44 -33.52 42.89
CA ARG B 383 12.28 -32.98 43.59
C ARG B 383 12.76 -31.85 44.50
N LEU B 384 12.11 -30.69 44.37
CA LEU B 384 12.46 -29.53 45.17
C LEU B 384 12.09 -29.79 46.62
N GLU B 385 13.11 -29.81 47.50
CA GLU B 385 13.02 -30.38 48.84
C GLU B 385 11.74 -30.05 49.57
N GLY B 386 11.42 -28.76 49.71
CA GLY B 386 10.23 -28.37 50.42
C GLY B 386 9.47 -27.22 49.79
N PHE B 387 9.53 -27.11 48.47
CA PHE B 387 8.90 -25.97 47.82
C PHE B 387 7.39 -26.16 47.74
N PRO B 388 6.63 -25.08 47.51
CA PRO B 388 5.17 -25.20 47.44
C PRO B 388 4.68 -26.16 46.36
N GLN B 389 5.27 -26.11 45.16
CA GLN B 389 4.90 -27.00 44.07
C GLN B 389 5.74 -28.27 44.04
N GLU B 390 6.19 -28.73 45.22
CA GLU B 390 7.01 -29.94 45.31
C GLU B 390 6.29 -31.12 44.67
N ASN B 391 6.98 -31.79 43.75
CA ASN B 391 6.46 -32.97 43.07
C ASN B 391 7.19 -34.20 43.60
N SER B 392 6.43 -35.19 44.05
CA SER B 392 6.99 -36.47 44.44
C SER B 392 7.27 -37.29 43.18
N LYS B 393 7.53 -38.59 43.35
CA LYS B 393 7.75 -39.52 42.26
C LYS B 393 9.07 -39.27 41.55
N TYR B 394 9.77 -38.19 41.94
CA TYR B 394 11.16 -37.99 41.55
C TYR B 394 12.05 -38.58 42.64
N ASN B 395 12.87 -39.56 42.27
CA ASN B 395 13.49 -40.42 43.28
C ASN B 395 14.63 -39.73 44.01
N LYS B 396 15.19 -38.65 43.47
CA LYS B 396 16.29 -37.93 44.11
C LYS B 396 15.89 -36.48 44.37
N THR B 397 16.77 -35.75 45.04
CA THR B 397 16.54 -34.38 45.43
C THR B 397 17.43 -33.42 44.63
N CYS B 398 17.04 -32.15 44.63
CA CYS B 398 17.66 -31.15 43.77
C CYS B 398 18.84 -30.50 44.50
N ASN B 399 20.03 -30.58 43.90
CA ASN B 399 21.18 -29.93 44.48
C ASN B 399 21.12 -28.43 44.22
N SER B 400 21.75 -27.66 45.11
CA SER B 400 21.86 -26.22 44.94
C SER B 400 22.87 -25.83 43.86
N SER B 401 23.60 -26.80 43.31
CA SER B 401 24.55 -26.56 42.24
C SER B 401 23.93 -26.72 40.85
N LEU B 402 22.67 -27.11 40.77
CA LEU B 402 21.99 -27.22 39.49
C LEU B 402 21.85 -25.84 38.84
N THR B 403 22.12 -25.78 37.54
CA THR B 403 22.02 -24.53 36.80
C THR B 403 21.44 -24.79 35.42
N LEU B 404 20.69 -23.81 34.92
CA LEU B 404 20.21 -23.87 33.55
C LEU B 404 21.35 -23.75 32.54
N LYS B 405 22.53 -23.29 32.98
CA LYS B 405 23.68 -23.21 32.10
C LYS B 405 24.06 -24.57 31.54
N THR B 406 23.71 -25.65 32.24
CA THR B 406 24.10 -26.99 31.82
C THR B 406 23.29 -27.42 30.60
N HIS B 407 23.99 -27.71 29.51
CA HIS B 407 23.37 -28.16 28.26
C HIS B 407 22.27 -27.20 27.78
N HIS B 408 22.53 -25.90 27.93
CA HIS B 408 21.56 -24.91 27.50
C HIS B 408 21.48 -24.84 25.98
N VAL B 409 20.25 -24.82 25.47
CA VAL B 409 19.97 -24.63 24.05
C VAL B 409 18.85 -23.60 23.95
N GLN B 410 19.14 -22.44 23.38
CA GLN B 410 18.13 -21.41 23.29
C GLN B 410 17.06 -21.80 22.28
N ASP B 411 15.86 -21.25 22.47
CA ASP B 411 14.77 -21.50 21.53
C ASP B 411 15.11 -20.98 20.15
N SER B 412 14.84 -21.79 19.13
CA SER B 412 15.17 -21.42 17.76
C SER B 412 14.45 -20.15 17.35
N LYS B 413 13.21 -19.96 17.80
CA LYS B 413 12.35 -18.88 17.36
C LYS B 413 12.28 -17.74 18.38
N MET B 414 13.30 -17.60 19.23
CA MET B 414 13.27 -16.60 20.29
C MET B 414 13.16 -15.19 19.75
N GLY B 415 13.97 -14.88 18.72
CA GLY B 415 13.91 -13.55 18.12
C GLY B 415 12.54 -13.19 17.59
N PHE B 416 11.81 -14.18 17.07
CA PHE B 416 10.48 -13.89 16.53
C PHE B 416 9.47 -13.63 17.63
N VAL B 417 9.57 -14.36 18.75
CA VAL B 417 8.72 -14.07 19.91
C VAL B 417 8.97 -12.63 20.38
N ILE B 418 10.25 -12.26 20.50
CA ILE B 418 10.58 -10.92 20.99
C ILE B 418 10.11 -9.86 20.00
N ASN B 419 10.26 -10.13 18.70
CA ASN B 419 9.82 -9.17 17.69
C ASN B 419 8.31 -9.02 17.67
N ALA B 420 7.57 -10.11 17.91
CA ALA B 420 6.12 -10.00 18.00
C ALA B 420 5.71 -9.14 19.19
N ILE B 421 6.36 -9.35 20.34
CA ILE B 421 6.06 -8.54 21.52
C ILE B 421 6.33 -7.06 21.23
N TYR B 422 7.50 -6.76 20.66
CA TYR B 422 7.82 -5.38 20.33
C TYR B 422 6.88 -4.83 19.26
N SER B 423 6.36 -5.68 18.37
CA SER B 423 5.36 -5.24 17.42
C SER B 423 4.12 -4.73 18.15
N MET B 424 3.62 -5.52 19.10
CA MET B 424 2.48 -5.08 19.90
C MET B 424 2.78 -3.77 20.61
N ALA B 425 4.00 -3.66 21.18
CA ALA B 425 4.36 -2.46 21.94
C ALA B 425 4.40 -1.22 21.04
N TYR B 426 5.09 -1.32 19.90
CA TYR B 426 5.17 -0.19 18.98
C TYR B 426 3.81 0.18 18.41
N GLY B 427 2.93 -0.80 18.20
CA GLY B 427 1.58 -0.48 17.79
C GLY B 427 0.83 0.34 18.82
N LEU B 428 0.89 -0.11 20.08
CA LEU B 428 0.28 0.68 21.15
C LEU B 428 0.90 2.08 21.24
N HIS B 429 2.21 2.18 20.99
CA HIS B 429 2.90 3.46 21.07
C HIS B 429 2.44 4.43 19.99
N ASN B 430 2.39 3.94 18.74
CA ASN B 430 1.93 4.80 17.64
C ASN B 430 0.47 5.20 17.84
N MET B 431 -0.38 4.28 18.31
CA MET B 431 -1.75 4.63 18.60
C MET B 431 -1.83 5.70 19.68
N GLN B 432 -0.99 5.58 20.72
CA GLN B 432 -0.93 6.60 21.77
C GLN B 432 -0.60 7.96 21.19
N MET B 433 0.44 8.03 20.35
CA MET B 433 0.87 9.33 19.86
C MET B 433 -0.12 9.91 18.86
N SER B 434 -0.88 9.06 18.15
CA SER B 434 -1.88 9.61 17.24
C SER B 434 -3.13 10.07 17.97
N LEU B 435 -3.53 9.37 19.04
CA LEU B 435 -4.73 9.74 19.77
C LEU B 435 -4.47 10.65 20.96
N CYS B 436 -3.27 10.62 21.54
CA CYS B 436 -2.90 11.45 22.68
C CYS B 436 -1.61 12.20 22.35
N PRO B 437 -1.67 13.19 21.44
CA PRO B 437 -0.43 13.84 20.97
C PRO B 437 0.34 14.56 22.07
N GLY B 438 -0.30 15.52 22.73
CA GLY B 438 0.38 16.35 23.70
C GLY B 438 0.30 15.84 25.13
N TYR B 439 0.44 14.53 25.30
CA TYR B 439 0.31 13.91 26.61
C TYR B 439 1.26 12.72 26.67
N ALA B 440 1.67 12.37 27.88
CA ALA B 440 2.57 11.24 28.12
C ALA B 440 1.82 10.25 29.01
N GLY B 441 1.04 9.38 28.38
CA GLY B 441 0.22 8.41 29.07
C GLY B 441 -1.08 8.20 28.32
N LEU B 442 -2.04 7.59 29.00
CA LEU B 442 -3.34 7.28 28.41
C LEU B 442 -4.29 8.45 28.63
N CYS B 443 -4.76 9.04 27.54
CA CYS B 443 -5.78 10.07 27.59
C CYS B 443 -7.16 9.42 27.38
N ASP B 444 -8.21 10.22 27.48
CA ASP B 444 -9.56 9.67 27.36
C ASP B 444 -9.86 9.11 25.97
N ALA B 445 -9.05 9.44 24.97
CA ALA B 445 -9.25 8.86 23.64
C ALA B 445 -8.90 7.37 23.62
N MET B 446 -7.93 6.95 24.45
CA MET B 446 -7.55 5.55 24.55
C MET B 446 -8.21 4.85 25.73
N LYS B 447 -9.35 5.36 26.20
CA LYS B 447 -10.05 4.75 27.33
C LYS B 447 -11.49 4.46 26.92
N PRO B 448 -11.79 3.23 26.47
CA PRO B 448 -10.83 2.12 26.32
C PRO B 448 -10.12 2.12 24.97
N ILE B 449 -9.26 1.13 24.75
CA ILE B 449 -8.52 1.01 23.50
C ILE B 449 -9.40 0.34 22.46
N ASP B 450 -9.50 0.95 21.28
CA ASP B 450 -10.32 0.41 20.20
C ASP B 450 -9.52 -0.61 19.42
N GLY B 451 -10.02 -1.84 19.35
CA GLY B 451 -9.30 -2.90 18.66
C GLY B 451 -9.14 -2.62 17.18
N ARG B 452 -10.16 -2.02 16.55
CA ARG B 452 -10.05 -1.66 15.15
C ARG B 452 -8.95 -0.61 14.94
N LYS B 453 -8.89 0.39 15.83
CA LYS B 453 -7.85 1.41 15.73
C LYS B 453 -6.48 0.82 16.00
N LEU B 454 -6.38 -0.12 16.96
CA LEU B 454 -5.10 -0.77 17.22
C LEU B 454 -4.64 -1.58 16.01
N LEU B 455 -5.57 -2.30 15.37
CA LEU B 455 -5.23 -3.01 14.15
C LEU B 455 -4.75 -2.07 13.06
N GLU B 456 -5.45 -0.94 12.90
CA GLU B 456 -5.04 0.07 11.93
C GLU B 456 -3.62 0.56 12.22
N SER B 457 -3.30 0.76 13.50
CA SER B 457 -1.96 1.22 13.86
C SER B 457 -0.92 0.14 13.60
N LEU B 458 -1.23 -1.11 13.94
CA LEU B 458 -0.27 -2.20 13.77
C LEU B 458 0.03 -2.46 12.30
N MET B 459 -0.98 -2.36 11.43
CA MET B 459 -0.74 -2.56 10.00
C MET B 459 0.20 -1.51 9.42
N LYS B 460 0.41 -0.39 10.13
CA LYS B 460 1.32 0.66 9.70
C LYS B 460 2.70 0.56 10.35
N THR B 461 2.82 -0.16 11.46
CA THR B 461 4.04 -0.10 12.26
C THR B 461 5.24 -0.70 11.53
N ASN B 462 6.41 -0.16 11.86
CA ASN B 462 7.69 -0.77 11.58
C ASN B 462 8.61 -0.44 12.74
N PHE B 463 9.64 -1.26 12.91
CA PHE B 463 10.61 -1.02 13.96
C PHE B 463 11.88 -1.80 13.64
N THR B 464 12.96 -1.44 14.33
CA THR B 464 14.22 -2.12 14.17
C THR B 464 14.21 -3.37 15.04
N GLY B 465 14.20 -4.55 14.41
CA GLY B 465 14.02 -5.79 15.12
C GLY B 465 15.14 -6.07 16.11
N VAL B 466 14.91 -7.10 16.92
CA VAL B 466 15.81 -7.46 18.01
C VAL B 466 17.22 -7.77 17.52
N SER B 467 17.37 -8.13 16.25
CA SER B 467 18.67 -8.49 15.69
C SER B 467 19.10 -7.57 14.55
N GLY B 468 18.59 -6.34 14.52
CA GLY B 468 18.97 -5.35 13.54
C GLY B 468 18.06 -5.27 12.33
N ASP B 469 17.50 -6.41 11.91
CA ASP B 469 16.58 -6.40 10.77
C ASP B 469 15.37 -5.54 11.06
N THR B 470 14.84 -4.90 10.02
CA THR B 470 13.68 -4.03 10.16
C THR B 470 12.40 -4.83 9.92
N ILE B 471 11.51 -4.83 10.92
CA ILE B 471 10.29 -5.60 10.87
C ILE B 471 9.17 -4.74 10.30
N LEU B 472 8.37 -5.33 9.41
CA LEU B 472 7.38 -4.58 8.66
C LEU B 472 6.31 -5.53 8.17
N PHE B 473 5.09 -5.02 8.04
CA PHE B 473 3.95 -5.79 7.59
C PHE B 473 3.48 -5.28 6.23
N ASP B 474 3.14 -6.21 5.33
CA ASP B 474 2.63 -5.85 4.02
C ASP B 474 1.11 -5.65 4.10
N GLU B 475 0.46 -5.57 2.94
CA GLU B 475 -0.99 -5.40 2.91
C GLU B 475 -1.74 -6.54 3.59
N ASN B 476 -1.10 -7.71 3.73
CA ASN B 476 -1.74 -8.88 4.31
C ASN B 476 -1.27 -9.16 5.73
N GLY B 477 -0.60 -8.22 6.37
CA GLY B 477 -0.02 -8.50 7.68
C GLY B 477 1.04 -9.57 7.66
N ASP B 478 1.79 -9.66 6.55
CA ASP B 478 2.87 -10.63 6.41
C ASP B 478 4.21 -9.94 6.56
N SER B 479 5.19 -10.66 7.08
CA SER B 479 6.51 -10.12 7.24
C SER B 479 7.44 -10.68 6.16
N PRO B 480 8.43 -9.91 5.70
CA PRO B 480 9.37 -10.43 4.70
C PRO B 480 10.25 -11.54 5.28
N GLY B 481 10.95 -12.21 4.38
CA GLY B 481 11.70 -13.42 4.73
C GLY B 481 13.20 -13.25 4.60
N ARG B 482 13.92 -13.81 5.58
CA ARG B 482 15.38 -13.85 5.58
C ARG B 482 15.79 -15.28 5.90
N TYR B 483 16.28 -16.02 4.91
CA TYR B 483 16.76 -17.37 5.15
C TYR B 483 18.22 -17.54 4.75
N GLU B 484 18.84 -18.53 5.38
CA GLU B 484 20.18 -19.01 5.05
C GLU B 484 20.04 -20.18 4.08
N ILE B 485 20.84 -20.18 3.02
CA ILE B 485 20.92 -21.32 2.12
C ILE B 485 22.07 -22.20 2.59
N MET B 486 21.72 -23.38 3.13
CA MET B 486 22.65 -24.37 3.65
C MET B 486 22.97 -25.39 2.57
N ASN B 487 24.20 -25.91 2.61
CA ASN B 487 24.63 -27.01 1.77
C ASN B 487 25.16 -28.13 2.67
N PHE B 488 24.75 -29.36 2.39
CA PHE B 488 25.20 -30.53 3.15
C PHE B 488 26.38 -31.14 2.41
N LYS B 489 27.58 -30.72 2.80
CA LYS B 489 28.82 -31.06 2.12
C LYS B 489 29.58 -32.14 2.88
N GLU B 490 30.40 -32.89 2.16
CA GLU B 490 31.35 -33.81 2.78
C GLU B 490 32.64 -33.05 3.08
N MET B 491 32.89 -32.78 4.36
CA MET B 491 33.99 -31.91 4.73
C MET B 491 35.33 -32.64 4.71
N GLY B 492 35.36 -33.90 5.10
CA GLY B 492 36.58 -34.67 5.16
C GLY B 492 36.30 -36.12 4.91
N LYS B 493 37.18 -36.98 5.43
CA LYS B 493 37.04 -38.43 5.27
C LYS B 493 35.81 -38.91 6.04
N ASP B 494 34.74 -39.21 5.30
CA ASP B 494 33.48 -39.72 5.85
C ASP B 494 32.87 -38.76 6.87
N TYR B 495 33.20 -37.48 6.81
CA TYR B 495 32.64 -36.46 7.70
C TYR B 495 31.71 -35.55 6.91
N PHE B 496 30.51 -35.33 7.44
CA PHE B 496 29.46 -34.62 6.74
C PHE B 496 28.85 -33.56 7.66
N ASP B 497 28.56 -32.39 7.11
CA ASP B 497 27.99 -31.32 7.93
C ASP B 497 27.37 -30.26 7.01
N TYR B 498 26.46 -29.48 7.60
CA TYR B 498 25.81 -28.39 6.89
C TYR B 498 26.72 -27.17 6.87
N ILE B 499 26.75 -26.49 5.72
CA ILE B 499 27.59 -25.32 5.52
C ILE B 499 26.71 -24.17 5.02
N ASN B 500 26.83 -23.01 5.65
CA ASN B 500 26.11 -21.82 5.20
C ASN B 500 26.72 -21.34 3.90
N VAL B 501 26.03 -21.59 2.79
CA VAL B 501 26.48 -21.07 1.50
C VAL B 501 26.00 -19.65 1.30
N GLY B 502 24.68 -19.42 1.41
CA GLY B 502 24.16 -18.13 1.01
C GLY B 502 23.04 -17.55 1.83
N SER B 503 22.43 -16.50 1.29
CA SER B 503 21.36 -15.78 1.97
C SER B 503 20.28 -15.38 0.95
N TRP B 504 19.04 -15.39 1.42
CA TRP B 504 17.90 -14.88 0.68
C TRP B 504 17.19 -13.88 1.57
N ASP B 505 17.15 -12.61 1.15
CA ASP B 505 16.56 -11.54 1.93
C ASP B 505 15.50 -10.85 1.08
N ASN B 506 14.24 -11.19 1.33
CA ASN B 506 13.07 -10.60 0.68
C ASN B 506 13.27 -10.40 -0.82
N GLY B 507 13.88 -11.40 -1.48
CA GLY B 507 14.08 -11.32 -2.92
C GLY B 507 15.54 -11.37 -3.34
N GLU B 508 16.41 -10.72 -2.59
CA GLU B 508 17.82 -10.67 -2.96
C GLU B 508 18.50 -11.97 -2.58
N LEU B 509 19.23 -12.56 -3.53
CA LEU B 509 19.90 -13.83 -3.34
C LEU B 509 21.41 -13.63 -3.47
N LYS B 510 22.16 -14.07 -2.46
CA LYS B 510 23.62 -13.95 -2.43
C LYS B 510 24.19 -15.34 -2.15
N MET B 511 25.01 -15.86 -3.05
CA MET B 511 25.32 -17.28 -3.03
C MET B 511 26.79 -17.64 -2.86
N ASP B 512 27.70 -16.67 -2.82
CA ASP B 512 29.08 -16.92 -2.38
C ASP B 512 29.79 -17.96 -3.26
N ASP B 513 30.09 -17.53 -4.49
CA ASP B 513 31.18 -18.14 -5.25
C ASP B 513 30.95 -19.59 -5.68
N ASP B 514 30.26 -19.78 -6.81
CA ASP B 514 29.87 -21.07 -7.37
C ASP B 514 30.75 -22.26 -7.00
N GLU B 515 32.04 -22.17 -7.22
CA GLU B 515 32.92 -23.34 -7.08
C GLU B 515 33.60 -23.38 -5.70
N VAL B 516 32.76 -23.41 -4.66
CA VAL B 516 33.24 -23.67 -3.30
C VAL B 516 32.35 -24.72 -2.66
N TRP B 517 31.42 -25.28 -3.44
CA TRP B 517 30.39 -26.18 -2.93
C TRP B 517 30.84 -27.64 -2.92
N SER B 518 29.85 -28.53 -2.81
CA SER B 518 29.97 -29.99 -2.83
C SER B 518 30.16 -30.48 -4.25
N LYS B 519 31.42 -30.61 -4.66
CA LYS B 519 31.84 -31.29 -5.90
C LYS B 519 30.87 -31.16 -7.07
N SER B 521 27.02 -31.35 -5.86
CA SER B 521 26.07 -30.27 -6.14
C SER B 521 26.30 -29.67 -7.53
N ASN B 522 27.20 -28.71 -7.55
CA ASN B 522 27.42 -27.98 -8.75
C ASN B 522 28.29 -28.60 -9.75
N ILE B 523 27.83 -29.76 -10.16
CA ILE B 523 28.26 -30.51 -11.32
C ILE B 523 27.00 -31.17 -11.89
N ILE B 524 25.82 -30.79 -11.41
CA ILE B 524 24.55 -31.38 -11.77
C ILE B 524 23.83 -30.58 -12.76
N ARG B 525 23.26 -31.23 -13.73
CA ARG B 525 22.51 -30.57 -14.79
C ARG B 525 21.10 -31.17 -14.80
N SER B 526 20.10 -30.33 -14.58
CA SER B 526 18.70 -30.75 -14.56
C SER B 526 17.95 -29.92 -15.59
N VAL B 527 17.98 -30.37 -16.85
CA VAL B 527 17.27 -29.72 -17.95
C VAL B 527 16.61 -30.79 -18.79
N CYS B 528 15.62 -30.37 -19.58
CA CYS B 528 14.92 -31.30 -20.45
C CYS B 528 15.58 -31.44 -21.80
N SER B 529 16.13 -30.36 -22.33
CA SER B 529 16.77 -30.37 -23.64
C SER B 529 18.07 -29.58 -23.59
N GLU B 530 19.01 -29.96 -24.43
CA GLU B 530 20.34 -29.41 -24.63
C GLU B 530 20.27 -28.24 -25.61
N PRO B 531 20.99 -27.15 -25.37
CA PRO B 531 20.94 -26.01 -26.31
C PRO B 531 21.48 -26.37 -27.68
N CYS B 532 21.01 -25.63 -28.68
CA CYS B 532 21.28 -25.96 -30.07
C CYS B 532 22.58 -25.31 -30.56
N GLN B 536 23.86 -22.67 -33.61
CA GLN B 536 23.57 -22.14 -34.94
C GLN B 536 22.28 -22.76 -35.50
N ILE B 537 21.48 -23.33 -34.61
CA ILE B 537 20.32 -24.13 -34.95
C ILE B 537 19.14 -23.68 -34.10
N LYS B 538 17.93 -23.82 -34.65
CA LYS B 538 16.75 -23.23 -34.03
C LYS B 538 16.05 -24.20 -33.08
N VAL B 539 15.26 -23.62 -32.17
CA VAL B 539 14.55 -24.34 -31.11
C VAL B 539 13.08 -24.44 -31.52
N ILE B 540 12.50 -25.64 -31.37
CA ILE B 540 11.07 -25.80 -31.64
C ILE B 540 10.45 -26.74 -30.62
N ARG B 541 9.19 -26.45 -30.24
CA ARG B 541 8.46 -27.23 -29.26
C ARG B 541 7.19 -27.78 -29.91
N LYS B 542 6.92 -29.07 -29.67
CA LYS B 542 5.79 -29.76 -30.30
C LYS B 542 4.57 -29.79 -29.38
N GLY B 543 4.11 -28.60 -29.00
CA GLY B 543 2.93 -28.47 -28.17
C GLY B 543 3.07 -28.99 -26.75
N GLU B 544 4.20 -29.58 -26.40
CA GLU B 544 4.43 -30.14 -25.08
C GLU B 544 5.07 -29.06 -24.19
N VAL B 545 5.63 -29.47 -23.05
CA VAL B 545 6.13 -28.51 -22.07
C VAL B 545 7.21 -27.62 -22.68
N SER B 546 7.28 -26.38 -22.20
CA SER B 546 8.10 -25.36 -22.87
C SER B 546 9.60 -25.67 -22.80
N CYS B 547 10.02 -26.44 -21.80
CA CYS B 547 11.45 -26.70 -21.61
C CYS B 547 11.96 -27.85 -22.46
N CYS B 548 11.11 -28.47 -23.27
CA CYS B 548 11.45 -29.69 -23.99
C CYS B 548 11.37 -29.39 -25.49
N TRP B 549 12.51 -29.21 -26.13
CA TRP B 549 12.55 -28.75 -27.51
C TRP B 549 13.41 -29.66 -28.38
N THR B 550 13.28 -29.44 -29.69
CA THR B 550 14.08 -30.10 -30.71
C THR B 550 14.88 -29.03 -31.45
N CYS B 551 16.11 -29.40 -31.82
CA CYS B 551 17.01 -28.53 -32.58
C CYS B 551 16.81 -28.79 -34.07
N THR B 552 16.16 -27.84 -34.75
CA THR B 552 15.93 -27.94 -36.19
C THR B 552 16.84 -26.96 -36.92
N PRO B 553 17.59 -27.42 -37.92
CA PRO B 553 18.57 -26.55 -38.57
C PRO B 553 17.94 -25.59 -39.56
N CYS B 554 18.66 -24.51 -39.83
CA CYS B 554 18.24 -23.46 -40.74
C CYS B 554 18.84 -23.67 -42.13
N LYS B 555 18.36 -22.88 -43.08
CA LYS B 555 18.89 -22.90 -44.43
C LYS B 555 20.13 -22.02 -44.54
N GLU B 556 20.80 -22.10 -45.69
CA GLU B 556 22.03 -21.34 -45.89
C GLU B 556 21.74 -19.84 -45.96
N ASN B 557 20.60 -19.46 -46.57
CA ASN B 557 20.23 -18.05 -46.67
C ASN B 557 19.49 -17.54 -45.44
N GLU B 558 19.12 -18.42 -44.52
CA GLU B 558 18.31 -18.05 -43.36
C GLU B 558 19.20 -17.70 -42.17
N TYR B 559 18.77 -16.70 -41.42
CA TYR B 559 19.44 -16.28 -40.20
C TYR B 559 18.52 -16.50 -39.00
N VAL B 560 19.14 -16.54 -37.83
CA VAL B 560 18.47 -16.81 -36.56
C VAL B 560 17.84 -15.52 -36.06
N PHE B 561 16.51 -15.39 -36.18
CA PHE B 561 15.85 -14.17 -35.76
C PHE B 561 15.79 -14.07 -34.24
N ASP B 562 15.29 -15.13 -33.59
CA ASP B 562 15.40 -15.30 -32.15
C ASP B 562 15.65 -16.78 -31.89
N GLU B 563 15.51 -17.21 -30.63
CA GLU B 563 15.77 -18.60 -30.30
C GLU B 563 14.86 -19.56 -31.05
N TYR B 564 13.62 -19.15 -31.32
CA TYR B 564 12.63 -20.01 -31.94
C TYR B 564 12.52 -19.82 -33.44
N THR B 565 12.60 -18.58 -33.93
CA THR B 565 12.26 -18.25 -35.30
C THR B 565 13.51 -18.07 -36.14
N CYS B 566 13.46 -18.58 -37.37
CA CYS B 566 14.57 -18.51 -38.31
C CYS B 566 14.02 -18.10 -39.66
N LYS B 567 14.55 -17.03 -40.25
CA LYS B 567 13.95 -16.46 -41.45
C LYS B 567 15.06 -16.01 -42.41
N ALA B 568 14.72 -15.98 -43.70
CA ALA B 568 15.72 -15.75 -44.74
C ALA B 568 15.98 -14.26 -44.96
N CYS B 569 17.22 -13.95 -45.34
CA CYS B 569 17.60 -12.60 -45.75
C CYS B 569 17.31 -12.37 -47.22
N GLN B 570 17.28 -11.09 -47.60
CA GLN B 570 16.89 -10.69 -48.94
C GLN B 570 17.98 -11.08 -49.94
N LEU B 571 17.69 -10.83 -51.22
CA LEU B 571 18.52 -11.31 -52.32
C LEU B 571 19.98 -10.91 -52.17
N GLY B 572 20.24 -9.67 -51.79
CA GLY B 572 21.59 -9.14 -51.79
C GLY B 572 22.48 -9.66 -50.68
N SER B 573 22.06 -9.51 -49.43
CA SER B 573 22.90 -9.85 -48.30
C SER B 573 22.88 -11.35 -48.03
N TRP B 574 23.91 -11.81 -47.33
CA TRP B 574 24.09 -13.21 -46.96
C TRP B 574 24.28 -13.30 -45.45
N PRO B 575 23.76 -14.35 -44.81
CA PRO B 575 23.87 -14.45 -43.34
C PRO B 575 25.31 -14.34 -42.86
N THR B 576 25.49 -13.59 -41.78
CA THR B 576 26.81 -13.31 -41.25
C THR B 576 27.46 -14.59 -40.70
N ASP B 577 28.78 -14.50 -40.47
CA ASP B 577 29.50 -15.56 -39.80
C ASP B 577 28.94 -15.83 -38.41
N ASP B 578 28.21 -14.87 -37.84
CA ASP B 578 27.60 -14.97 -36.53
C ASP B 578 26.11 -15.29 -36.62
N LEU B 579 25.57 -15.40 -37.84
CA LEU B 579 24.17 -15.75 -38.09
C LEU B 579 23.21 -14.92 -37.24
N THR B 580 23.43 -13.60 -37.24
CA THR B 580 22.58 -12.67 -36.49
C THR B 580 22.33 -11.44 -37.36
N GLY B 581 21.24 -11.49 -38.15
CA GLY B 581 20.72 -10.32 -38.82
C GLY B 581 21.39 -9.92 -40.11
N CYS B 582 22.27 -10.75 -40.66
CA CYS B 582 22.99 -10.43 -41.90
C CYS B 582 23.72 -9.08 -41.80
N ARG C 43 33.67 46.13 6.71
CA ARG C 43 32.61 45.60 5.87
C ARG C 43 31.39 45.25 6.72
N VAL C 44 30.25 45.04 6.06
CA VAL C 44 29.05 44.60 6.74
C VAL C 44 29.03 43.08 6.80
N VAL C 45 28.20 42.55 7.69
CA VAL C 45 28.11 41.12 7.96
C VAL C 45 26.65 40.76 8.11
N ALA C 46 26.26 39.61 7.55
CA ALA C 46 24.91 39.07 7.77
C ALA C 46 24.97 38.10 8.94
N HIS C 47 24.35 38.46 10.05
CA HIS C 47 24.45 37.65 11.25
C HIS C 47 23.08 37.14 11.69
N MET C 48 23.12 36.09 12.51
CA MET C 48 21.92 35.42 12.99
C MET C 48 22.26 34.80 14.34
N PRO C 49 21.50 35.08 15.40
CA PRO C 49 21.88 34.65 16.74
C PRO C 49 21.56 33.18 16.98
N GLY C 50 22.29 32.59 17.91
CA GLY C 50 22.06 31.20 18.27
C GLY C 50 23.05 30.73 19.32
N ASP C 51 22.91 29.46 19.68
CA ASP C 51 23.79 28.85 20.67
C ASP C 51 25.17 28.60 20.09
N ILE C 52 25.23 28.12 18.85
CA ILE C 52 26.47 27.84 18.14
C ILE C 52 26.48 28.68 16.87
N ILE C 53 27.62 29.30 16.57
CA ILE C 53 27.71 30.22 15.43
C ILE C 53 28.64 29.63 14.38
N ILE C 54 28.11 29.42 13.18
CA ILE C 54 28.83 28.88 12.04
C ILE C 54 29.15 30.03 11.10
N GLY C 55 30.44 30.19 10.77
CA GLY C 55 30.83 31.23 9.84
C GLY C 55 30.69 30.79 8.39
N ALA C 56 30.63 31.77 7.49
CA ALA C 56 30.46 31.48 6.08
C ALA C 56 31.10 32.59 5.24
N LEU C 57 31.64 32.19 4.09
CA LEU C 57 32.26 33.11 3.14
C LEU C 57 31.64 32.89 1.77
N PHE C 58 30.99 33.92 1.25
CA PHE C 58 30.47 33.90 -0.11
C PHE C 58 30.92 35.16 -0.84
N SER C 59 31.10 35.04 -2.15
CA SER C 59 31.51 36.16 -2.99
C SER C 59 30.28 36.99 -3.34
N VAL C 60 29.88 37.84 -2.39
CA VAL C 60 28.71 38.67 -2.61
C VAL C 60 29.00 39.77 -3.62
N HIS C 61 30.27 40.15 -3.79
CA HIS C 61 30.68 41.13 -4.78
C HIS C 61 31.79 40.54 -5.65
N HIS C 62 31.96 41.11 -6.83
CA HIS C 62 33.03 40.68 -7.73
C HIS C 62 34.39 41.10 -7.18
N GLN C 63 35.43 40.38 -7.61
CA GLN C 63 36.76 40.67 -7.14
C GLN C 63 37.24 42.02 -7.67
N PRO C 64 38.05 42.74 -6.89
CA PRO C 64 38.40 44.13 -7.24
C PRO C 64 39.11 44.22 -8.58
N THR C 65 38.96 45.37 -9.22
CA THR C 65 39.68 45.63 -10.46
C THR C 65 41.16 45.89 -10.17
N VAL C 66 41.97 45.81 -11.22
CA VAL C 66 43.43 45.73 -11.08
C VAL C 66 43.98 46.94 -10.33
N ASP C 67 43.36 48.11 -10.51
CA ASP C 67 43.80 49.29 -9.76
C ASP C 67 43.38 49.21 -8.30
N LYS C 68 42.14 48.77 -8.05
CA LYS C 68 41.57 48.75 -6.70
C LYS C 68 41.97 47.53 -5.91
N VAL C 69 42.87 46.69 -6.43
CA VAL C 69 43.29 45.50 -5.70
C VAL C 69 43.90 45.88 -4.35
N HIS C 70 44.73 46.93 -4.33
CA HIS C 70 45.41 47.30 -3.09
C HIS C 70 44.45 47.93 -2.10
N GLU C 71 43.41 48.62 -2.59
CA GLU C 71 42.38 49.12 -1.70
C GLU C 71 41.47 48.01 -1.18
N ARG C 72 41.44 46.88 -1.88
CA ARG C 72 40.47 45.81 -1.63
C ARG C 72 39.03 46.31 -1.78
N LYS C 73 38.82 47.24 -2.71
CA LYS C 73 37.50 47.78 -3.02
C LYS C 73 36.86 46.88 -4.07
N CYS C 74 35.82 46.14 -3.68
CA CYS C 74 35.28 45.09 -4.51
C CYS C 74 34.37 45.65 -5.59
N GLY C 75 33.90 44.75 -6.46
CA GLY C 75 33.05 45.11 -7.59
C GLY C 75 31.58 44.99 -7.27
N ALA C 76 30.79 44.75 -8.31
CA ALA C 76 29.34 44.78 -8.21
C ALA C 76 28.81 43.57 -7.45
N VAL C 77 27.55 43.66 -7.03
CA VAL C 77 26.91 42.60 -6.27
C VAL C 77 26.62 41.41 -7.18
N ARG C 78 26.76 40.21 -6.64
CA ARG C 78 26.57 38.98 -7.40
C ARG C 78 25.35 38.24 -6.87
N GLU C 79 24.55 37.70 -7.79
CA GLU C 79 23.28 37.07 -7.44
C GLU C 79 23.42 35.57 -7.18
N GLN C 80 23.97 34.82 -8.11
CA GLN C 80 24.04 33.38 -7.94
C GLN C 80 25.15 32.98 -6.97
N TYR C 81 26.38 33.46 -7.19
CA TYR C 81 27.45 33.14 -6.25
C TYR C 81 27.38 33.95 -4.97
N GLY C 82 26.51 34.96 -4.90
CA GLY C 82 26.43 35.82 -3.73
C GLY C 82 25.14 35.72 -2.96
N ILE C 83 24.23 36.65 -3.21
CA ILE C 83 22.97 36.84 -2.49
C ILE C 83 22.24 35.52 -2.26
N GLN C 84 22.15 34.69 -3.29
CA GLN C 84 21.39 33.44 -3.17
C GLN C 84 22.03 32.50 -2.17
N ARG C 85 23.36 32.41 -2.16
CA ARG C 85 24.02 31.53 -1.20
C ARG C 85 23.90 32.06 0.22
N VAL C 86 23.90 33.39 0.39
CA VAL C 86 23.69 33.98 1.72
C VAL C 86 22.29 33.63 2.22
N GLU C 87 21.27 33.87 1.39
CA GLU C 87 19.90 33.54 1.78
C GLU C 87 19.74 32.04 2.02
N ALA C 88 20.47 31.21 1.27
CA ALA C 88 20.42 29.77 1.47
C ALA C 88 20.99 29.40 2.83
N MET C 89 22.15 29.97 3.18
CA MET C 89 22.70 29.82 4.52
C MET C 89 21.65 30.14 5.58
N LEU C 90 21.06 31.33 5.49
CA LEU C 90 20.10 31.79 6.49
C LEU C 90 18.93 30.83 6.61
N HIS C 91 18.28 30.52 5.49
CA HIS C 91 17.06 29.72 5.54
C HIS C 91 17.35 28.27 5.90
N THR C 92 18.49 27.72 5.48
CA THR C 92 18.84 26.36 5.87
C THR C 92 19.11 26.27 7.36
N LEU C 93 19.70 27.32 7.95
CA LEU C 93 19.84 27.33 9.40
C LEU C 93 18.48 27.44 10.09
N GLU C 94 17.58 28.25 9.55
CA GLU C 94 16.20 28.27 10.07
C GLU C 94 15.60 26.86 10.07
N ARG C 95 15.74 26.15 8.95
CA ARG C 95 15.21 24.79 8.85
C ARG C 95 15.82 23.87 9.91
N ILE C 96 17.15 23.86 10.00
CA ILE C 96 17.82 22.96 10.94
C ILE C 96 17.42 23.27 12.37
N ASN C 97 17.20 24.56 12.69
CA ASN C 97 16.67 24.91 14.00
C ASN C 97 15.26 24.35 14.19
N SER C 98 14.42 24.47 13.16
CA SER C 98 13.05 23.98 13.23
C SER C 98 12.97 22.46 13.22
N ASP C 99 14.03 21.77 12.85
CA ASP C 99 14.00 20.31 12.78
C ASP C 99 14.26 19.73 14.17
N PRO C 100 13.31 18.97 14.74
CA PRO C 100 13.54 18.41 16.08
C PRO C 100 14.44 17.18 16.10
N THR C 101 14.63 16.50 14.96
CA THR C 101 15.49 15.32 14.92
C THR C 101 16.97 15.68 14.90
N LEU C 102 17.31 16.88 14.42
CA LEU C 102 18.70 17.31 14.27
C LEU C 102 18.96 18.47 15.22
N LEU C 103 19.92 18.28 16.13
CA LEU C 103 20.27 19.28 17.14
C LEU C 103 19.04 19.82 17.85
N PRO C 104 18.37 19.01 18.68
CA PRO C 104 17.18 19.49 19.37
C PRO C 104 17.53 20.38 20.55
N ASN C 105 16.78 21.47 20.69
CA ASN C 105 16.96 22.44 21.78
C ASN C 105 18.38 22.99 21.78
N ILE C 106 19.00 23.07 20.60
CA ILE C 106 20.20 23.85 20.36
C ILE C 106 19.96 24.71 19.13
N THR C 107 20.24 25.99 19.23
CA THR C 107 20.01 26.93 18.14
C THR C 107 21.32 27.22 17.42
N LEU C 108 21.26 27.23 16.10
CA LEU C 108 22.43 27.51 15.26
C LEU C 108 22.39 28.95 14.76
N GLY C 109 23.47 29.68 15.01
CA GLY C 109 23.64 31.01 14.49
C GLY C 109 24.70 31.06 13.40
N CYS C 110 24.89 32.25 12.85
CA CYS C 110 25.83 32.38 11.74
C CYS C 110 26.35 33.81 11.64
N GLU C 111 27.52 33.91 11.00
CA GLU C 111 28.20 35.15 10.69
C GLU C 111 28.71 35.02 9.26
N ILE C 112 28.06 35.70 8.32
CA ILE C 112 28.31 35.54 6.89
C ILE C 112 29.00 36.80 6.39
N ARG C 113 30.20 36.61 5.83
CA ARG C 113 31.06 37.71 5.40
C ARG C 113 31.36 37.60 3.92
N ASP C 114 31.74 38.74 3.33
CA ASP C 114 32.05 38.83 1.92
C ASP C 114 33.42 38.22 1.65
N SER C 115 33.52 37.40 0.58
CA SER C 115 34.82 36.90 0.15
C SER C 115 35.35 37.62 -1.07
N CYS C 116 34.48 38.20 -1.90
CA CYS C 116 34.84 38.87 -3.15
C CYS C 116 35.63 37.94 -4.07
N TRP C 117 35.55 36.63 -3.86
CA TRP C 117 36.26 35.66 -4.69
C TRP C 117 37.74 36.03 -4.79
N HIS C 118 38.30 36.49 -3.68
CA HIS C 118 39.63 37.08 -3.68
C HIS C 118 40.36 36.73 -2.40
N SER C 119 41.66 36.43 -2.51
CA SER C 119 42.42 35.91 -1.37
C SER C 119 42.58 36.97 -0.28
N ALA C 120 42.89 38.21 -0.66
CA ALA C 120 43.15 39.24 0.36
C ALA C 120 41.88 39.57 1.13
N VAL C 121 40.76 39.75 0.41
CA VAL C 121 39.49 40.03 1.08
C VAL C 121 39.09 38.88 1.99
N ALA C 122 39.27 37.64 1.50
CA ALA C 122 38.91 36.47 2.29
C ALA C 122 39.76 36.37 3.54
N LEU C 123 41.07 36.61 3.43
CA LEU C 123 41.94 36.53 4.58
C LEU C 123 41.63 37.63 5.59
N GLU C 124 41.32 38.83 5.11
CA GLU C 124 40.83 39.90 5.97
C GLU C 124 39.64 39.44 6.80
N GLN C 125 38.60 38.95 6.13
CA GLN C 125 37.40 38.55 6.84
C GLN C 125 37.64 37.34 7.74
N SER C 126 38.59 36.47 7.39
CA SER C 126 38.89 35.32 8.23
C SER C 126 39.60 35.75 9.51
N ILE C 127 40.53 36.70 9.41
CA ILE C 127 41.08 37.33 10.59
C ILE C 127 39.96 37.87 11.46
N GLU C 128 38.98 38.53 10.83
CA GLU C 128 37.82 39.00 11.59
C GLU C 128 37.05 37.85 12.23
N PHE C 129 37.11 36.65 11.63
CA PHE C 129 36.51 35.48 12.27
C PHE C 129 37.26 35.09 13.54
N ILE C 130 38.60 35.06 13.49
CA ILE C 130 39.36 34.60 14.65
C ILE C 130 39.74 35.76 15.57
N ARG C 131 39.17 36.94 15.30
CA ARG C 131 39.57 38.13 16.05
C ARG C 131 39.26 38.01 17.52
N ASP C 132 38.06 37.52 17.86
CA ASP C 132 37.72 37.35 19.28
C ASP C 132 38.56 36.27 19.95
N SER C 133 38.92 35.22 19.20
CA SER C 133 39.65 34.09 19.76
C SER C 133 41.04 34.46 20.27
N LEU C 134 41.55 35.64 19.94
CA LEU C 134 42.88 36.03 20.39
C LEU C 134 42.90 36.59 21.81
N ILE C 135 41.75 37.03 22.33
CA ILE C 135 41.71 37.60 23.67
C ILE C 135 40.68 36.87 24.53
N ARG C 155 35.19 38.03 29.17
CA ARG C 155 36.26 37.12 28.78
C ARG C 155 36.26 36.84 27.30
N SER C 156 35.07 36.76 26.70
CA SER C 156 34.90 36.36 25.32
C SER C 156 33.46 36.63 24.91
N LYS C 157 33.15 36.32 23.64
CA LYS C 157 31.77 36.43 23.16
C LYS C 157 31.58 35.53 21.93
N LYS C 158 30.97 34.35 22.15
CA LYS C 158 30.42 33.46 21.13
C LYS C 158 31.34 33.27 19.92
N PRO C 159 32.40 32.47 20.06
CA PRO C 159 33.34 32.31 18.96
C PRO C 159 32.80 31.44 17.83
N ILE C 160 33.43 31.58 16.67
CA ILE C 160 33.07 30.79 15.49
C ILE C 160 33.45 29.34 15.70
N VAL C 161 32.55 28.43 15.31
CA VAL C 161 32.77 27.01 15.47
C VAL C 161 33.25 26.35 14.18
N GLY C 162 32.76 26.81 13.03
CA GLY C 162 33.18 26.26 11.75
C GLY C 162 32.88 27.25 10.64
N VAL C 163 33.46 26.98 9.47
CA VAL C 163 33.37 27.89 8.32
C VAL C 163 32.91 27.13 7.10
N ILE C 164 31.94 27.69 6.37
CA ILE C 164 31.47 27.16 5.10
C ILE C 164 32.05 28.02 3.98
N GLY C 165 32.68 27.38 3.00
CA GLY C 165 33.27 28.08 1.88
C GLY C 165 34.79 28.19 2.00
N PRO C 166 35.41 29.02 1.16
CA PRO C 166 34.86 29.79 0.05
C PRO C 166 34.81 29.01 -1.27
N GLY C 167 34.72 29.72 -2.39
CA GLY C 167 34.57 29.09 -3.69
C GLY C 167 35.85 28.67 -4.38
N SER C 168 36.75 29.62 -4.63
CA SER C 168 38.00 29.31 -5.31
C SER C 168 38.84 28.36 -4.46
N SER C 169 39.56 27.47 -5.13
CA SER C 169 40.43 26.55 -4.41
C SER C 169 41.66 27.24 -3.86
N SER C 170 42.20 28.23 -4.59
CA SER C 170 43.30 29.02 -4.06
C SER C 170 42.86 29.86 -2.86
N VAL C 171 41.70 30.51 -2.97
CA VAL C 171 41.15 31.28 -1.85
C VAL C 171 40.87 30.35 -0.67
N ALA C 172 40.39 29.14 -0.95
CA ALA C 172 40.14 28.18 0.11
C ALA C 172 41.43 27.75 0.80
N ILE C 173 42.51 27.55 0.03
CA ILE C 173 43.80 27.25 0.64
C ILE C 173 44.25 28.40 1.54
N GLN C 174 44.10 29.63 1.05
CA GLN C 174 44.54 30.78 1.83
C GLN C 174 43.76 30.89 3.13
N VAL C 175 42.46 30.63 3.09
CA VAL C 175 41.65 30.68 4.31
C VAL C 175 42.00 29.53 5.25
N GLN C 176 42.24 28.34 4.68
CA GLN C 176 42.57 27.16 5.48
C GLN C 176 43.88 27.35 6.23
N ASN C 177 44.87 27.98 5.59
CA ASN C 177 46.15 28.20 6.26
C ASN C 177 45.99 28.98 7.56
N LEU C 178 44.96 29.83 7.65
CA LEU C 178 44.65 30.55 8.87
C LEU C 178 43.75 29.73 9.80
N LEU C 179 42.69 29.15 9.25
CA LEU C 179 41.70 28.48 10.09
C LEU C 179 42.29 27.27 10.82
N GLN C 180 43.24 26.58 10.20
CA GLN C 180 43.84 25.41 10.85
C GLN C 180 44.54 25.79 12.14
N LEU C 181 45.06 27.01 12.24
CA LEU C 181 45.82 27.41 13.42
C LEU C 181 44.94 27.45 14.66
N PHE C 182 43.70 27.93 14.52
CA PHE C 182 42.77 27.98 15.63
C PHE C 182 41.79 26.82 15.63
N ASN C 183 42.15 25.72 14.98
CA ASN C 183 41.39 24.48 15.03
C ASN C 183 39.92 24.68 14.67
N ILE C 184 39.69 25.38 13.57
CA ILE C 184 38.34 25.67 13.08
C ILE C 184 38.10 24.79 11.85
N PRO C 185 37.28 23.75 11.94
CA PRO C 185 36.99 22.94 10.76
C PRO C 185 36.33 23.77 9.67
N GLN C 186 36.77 23.53 8.43
CA GLN C 186 36.33 24.26 7.26
C GLN C 186 35.73 23.28 6.27
N ILE C 187 34.50 23.56 5.82
CA ILE C 187 33.79 22.72 4.87
C ILE C 187 33.47 23.55 3.63
N ALA C 188 33.88 23.05 2.48
CA ALA C 188 33.78 23.77 1.21
C ALA C 188 32.77 23.09 0.29
N TYR C 189 32.21 23.89 -0.62
CA TYR C 189 31.15 23.42 -1.50
C TYR C 189 31.50 23.48 -2.99
N SER C 190 32.58 24.15 -3.38
CA SER C 190 32.95 24.19 -4.79
C SER C 190 34.44 24.09 -5.05
N ALA C 191 35.29 24.01 -4.03
CA ALA C 191 36.73 23.97 -4.23
C ALA C 191 37.17 22.54 -4.52
N THR C 192 37.69 22.29 -5.71
CA THR C 192 37.91 20.94 -6.21
C THR C 192 39.38 20.59 -6.42
N SER C 193 40.30 21.45 -6.00
CA SER C 193 41.72 21.18 -6.23
C SER C 193 42.16 19.92 -5.50
N MET C 194 42.96 19.10 -6.20
CA MET C 194 43.54 17.92 -5.57
C MET C 194 44.59 18.29 -4.54
N ASP C 195 45.09 19.52 -4.56
CA ASP C 195 46.06 19.94 -3.57
C ASP C 195 45.46 19.93 -2.17
N LEU C 196 44.15 20.17 -2.06
CA LEU C 196 43.46 20.25 -0.79
C LEU C 196 43.27 18.90 -0.11
N SER C 197 43.49 17.79 -0.82
CA SER C 197 43.33 16.49 -0.19
C SER C 197 44.45 16.15 0.78
N ASP C 198 45.56 16.89 0.72
CA ASP C 198 46.69 16.66 1.62
C ASP C 198 46.31 17.11 3.02
N LYS C 199 46.16 16.17 3.95
CA LYS C 199 45.68 16.52 5.29
C LYS C 199 46.81 16.89 6.24
N THR C 200 48.07 16.61 5.91
CA THR C 200 49.15 17.19 6.70
C THR C 200 49.29 18.68 6.44
N LEU C 201 48.82 19.16 5.30
CA LEU C 201 48.79 20.59 4.97
C LEU C 201 47.44 21.24 5.23
N PHE C 202 46.36 20.48 5.20
CA PHE C 202 45.01 21.02 5.24
C PHE C 202 44.13 20.19 6.19
N LYS C 203 44.63 19.97 7.42
CA LYS C 203 44.01 19.00 8.32
C LYS C 203 42.55 19.32 8.60
N TYR C 204 42.21 20.61 8.75
CA TYR C 204 40.81 20.95 9.00
C TYR C 204 40.09 21.40 7.74
N PHE C 205 40.38 20.78 6.61
CA PHE C 205 39.66 21.05 5.37
C PHE C 205 38.87 19.81 4.96
N MET C 206 37.61 20.04 4.55
CA MET C 206 36.75 18.99 4.03
C MET C 206 35.85 19.62 2.98
N ARG C 207 35.40 18.81 2.03
CA ARG C 207 34.47 19.31 1.02
C ARG C 207 33.42 18.26 0.70
N VAL C 208 32.26 18.75 0.24
CA VAL C 208 31.19 17.90 -0.25
C VAL C 208 31.19 17.78 -1.77
N VAL C 209 32.19 18.35 -2.44
CA VAL C 209 32.41 18.13 -3.87
C VAL C 209 33.52 17.11 -4.08
N PRO C 210 33.52 16.39 -5.20
CA PRO C 210 34.64 15.51 -5.51
C PRO C 210 35.82 16.29 -6.07
N SER C 211 37.01 15.79 -5.76
CA SER C 211 38.21 16.37 -6.35
C SER C 211 38.26 16.07 -7.85
N ASP C 212 39.14 16.80 -8.54
CA ASP C 212 39.33 16.57 -9.97
C ASP C 212 39.79 15.14 -10.26
N ALA C 213 40.40 14.50 -9.28
CA ALA C 213 40.78 13.10 -9.41
C ALA C 213 39.58 12.20 -9.67
N GLN C 214 38.39 12.63 -9.25
CA GLN C 214 37.20 11.83 -9.54
C GLN C 214 36.76 11.97 -11.00
N GLN C 215 36.93 13.16 -11.58
CA GLN C 215 36.74 13.29 -13.02
C GLN C 215 37.73 12.41 -13.76
N ALA C 216 38.98 12.36 -13.30
CA ALA C 216 39.96 11.47 -13.90
C ALA C 216 39.52 10.01 -13.79
N ARG C 217 39.03 9.61 -12.62
CA ARG C 217 38.57 8.25 -12.40
C ARG C 217 37.42 7.88 -13.34
N ALA C 218 36.43 8.77 -13.45
CA ALA C 218 35.30 8.51 -14.34
C ALA C 218 35.75 8.44 -15.80
N MET C 219 36.74 9.25 -16.18
CA MET C 219 37.26 9.17 -17.54
C MET C 219 37.94 7.82 -17.77
N VAL C 220 38.70 7.32 -16.79
CA VAL C 220 39.31 6.00 -16.91
C VAL C 220 38.23 4.93 -17.07
N ASP C 221 37.14 5.05 -16.31
CA ASP C 221 36.09 4.03 -16.41
C ASP C 221 35.36 4.09 -17.75
N ILE C 222 35.14 5.29 -18.29
CA ILE C 222 34.58 5.41 -19.63
C ILE C 222 35.50 4.76 -20.65
N VAL C 223 36.81 5.00 -20.53
CA VAL C 223 37.77 4.39 -21.43
C VAL C 223 37.70 2.87 -21.33
N LYS C 224 37.57 2.33 -20.12
CA LYS C 224 37.45 0.89 -19.95
C LYS C 224 36.19 0.35 -20.61
N ARG C 225 35.06 1.03 -20.45
CA ARG C 225 33.80 0.50 -20.95
C ARG C 225 33.74 0.38 -22.47
N TYR C 226 34.73 0.92 -23.19
CA TYR C 226 34.70 0.91 -24.65
C TYR C 226 36.01 0.40 -25.25
N ASN C 227 36.76 -0.42 -24.50
CA ASN C 227 37.93 -1.14 -25.00
C ASN C 227 39.04 -0.21 -25.50
N TRP C 228 39.07 1.05 -25.05
CA TRP C 228 39.96 2.07 -25.62
C TRP C 228 41.33 2.03 -24.93
N THR C 229 42.11 1.01 -25.27
CA THR C 229 43.36 0.77 -24.53
C THR C 229 44.49 1.71 -24.93
N TYR C 230 44.51 2.21 -26.16
CA TYR C 230 45.60 3.06 -26.63
C TYR C 230 45.03 4.42 -27.02
N VAL C 231 45.28 5.43 -26.18
CA VAL C 231 44.69 6.75 -26.35
C VAL C 231 45.79 7.80 -26.19
N SER C 232 45.54 8.98 -26.76
CA SER C 232 46.40 10.13 -26.53
C SER C 232 45.86 10.96 -25.37
N ALA C 233 46.70 11.84 -24.83
CA ALA C 233 46.34 12.60 -23.64
C ALA C 233 46.75 14.05 -23.79
N VAL C 234 45.80 14.95 -23.58
CA VAL C 234 46.01 16.39 -23.66
C VAL C 234 45.38 17.02 -22.42
N HIS C 235 46.10 17.95 -21.78
CA HIS C 235 45.55 18.65 -20.63
C HIS C 235 45.98 20.11 -20.68
N THR C 236 45.16 20.95 -20.06
CA THR C 236 45.45 22.39 -20.04
C THR C 236 46.52 22.71 -19.00
N GLU C 237 47.43 23.60 -19.36
CA GLU C 237 48.43 24.09 -18.41
C GLU C 237 47.76 24.75 -17.22
N GLY C 238 48.16 24.32 -16.02
CA GLY C 238 47.59 24.84 -14.80
C GLY C 238 47.29 23.78 -13.77
N ASN C 239 46.71 24.17 -12.63
CA ASN C 239 46.40 23.22 -11.58
C ASN C 239 45.41 22.17 -12.06
N TYR C 240 44.28 22.61 -12.61
CA TYR C 240 43.24 21.70 -13.09
C TYR C 240 43.81 20.66 -14.04
N GLY C 241 44.40 21.12 -15.15
CA GLY C 241 44.86 20.20 -16.17
C GLY C 241 45.92 19.24 -15.68
N GLU C 242 46.96 19.78 -15.02
CA GLU C 242 48.09 18.93 -14.62
C GLU C 242 47.69 17.96 -13.52
N SER C 243 46.95 18.41 -12.52
CA SER C 243 46.51 17.51 -11.45
C SER C 243 45.59 16.42 -12.00
N GLY C 244 44.57 16.80 -12.76
CA GLY C 244 43.65 15.81 -13.29
C GLY C 244 44.32 14.84 -14.24
N MET C 245 45.27 15.32 -15.04
CA MET C 245 45.93 14.43 -15.99
C MET C 245 46.91 13.51 -15.29
N GLU C 246 47.54 13.95 -14.20
CA GLU C 246 48.37 13.02 -13.44
C GLU C 246 47.52 11.93 -12.79
N ALA C 247 46.36 12.32 -12.25
CA ALA C 247 45.43 11.32 -11.72
C ALA C 247 44.99 10.35 -12.80
N PHE C 248 44.68 10.87 -13.99
CA PHE C 248 44.29 10.01 -15.11
C PHE C 248 45.43 9.08 -15.52
N LYS C 249 46.65 9.60 -15.60
CA LYS C 249 47.81 8.79 -15.93
C LYS C 249 47.94 7.61 -14.97
N ASP C 250 47.97 7.90 -13.66
CA ASP C 250 48.14 6.83 -12.68
C ASP C 250 47.00 5.81 -12.77
N MET C 251 45.75 6.29 -12.73
CA MET C 251 44.62 5.37 -12.70
C MET C 251 44.55 4.52 -13.97
N SER C 252 44.70 5.15 -15.13
CA SER C 252 44.64 4.41 -16.38
C SER C 252 45.81 3.46 -16.54
N ALA C 253 46.98 3.81 -15.98
CA ALA C 253 48.10 2.87 -16.00
C ALA C 253 47.81 1.65 -15.16
N LYS C 254 47.18 1.85 -13.99
CA LYS C 254 46.86 0.71 -13.15
C LYS C 254 45.77 -0.19 -13.75
N GLU C 255 44.99 0.31 -14.70
CA GLU C 255 43.88 -0.44 -15.29
C GLU C 255 44.20 -0.98 -16.67
N GLY C 256 45.48 -1.00 -17.05
CA GLY C 256 45.87 -1.54 -18.34
C GLY C 256 45.52 -0.67 -19.52
N ILE C 257 45.73 0.64 -19.41
CA ILE C 257 45.46 1.60 -20.47
C ILE C 257 46.77 2.34 -20.75
N CYS C 258 47.11 2.47 -22.04
CA CYS C 258 48.39 3.01 -22.45
C CYS C 258 48.19 4.37 -23.10
N ILE C 259 49.03 5.33 -22.71
CA ILE C 259 49.01 6.68 -23.27
C ILE C 259 50.01 6.73 -24.41
N ALA C 260 49.53 7.04 -25.61
CA ALA C 260 50.44 7.22 -26.74
C ALA C 260 51.48 8.28 -26.43
N HIS C 261 51.04 9.45 -25.97
CA HIS C 261 51.90 10.50 -25.45
C HIS C 261 51.01 11.53 -24.78
N SER C 262 51.60 12.27 -23.84
CA SER C 262 50.88 13.28 -23.08
C SER C 262 51.33 14.67 -23.52
N TYR C 263 50.38 15.57 -23.67
CA TYR C 263 50.64 16.91 -24.17
C TYR C 263 49.99 17.95 -23.27
N LYS C 264 50.52 19.17 -23.31
CA LYS C 264 50.03 20.26 -22.48
C LYS C 264 50.18 21.57 -23.23
N ILE C 265 49.28 22.52 -22.94
CA ILE C 265 49.16 23.73 -23.73
C ILE C 265 48.29 24.71 -22.96
N TYR C 266 48.46 26.01 -23.23
CA TYR C 266 47.53 27.00 -22.68
C TYR C 266 46.42 27.30 -23.66
N SER C 267 45.28 27.74 -23.11
CA SER C 267 44.13 28.08 -23.95
C SER C 267 44.43 29.26 -24.86
N ASN C 268 45.34 30.14 -24.45
CA ASN C 268 45.68 31.34 -25.20
C ASN C 268 46.91 31.14 -26.09
N ALA C 269 47.30 29.89 -26.36
CA ALA C 269 48.56 29.61 -27.02
C ALA C 269 48.58 30.03 -28.49
N GLY C 270 47.44 30.39 -29.08
CA GLY C 270 47.40 30.82 -30.46
C GLY C 270 47.26 29.67 -31.44
N GLU C 271 46.94 30.03 -32.69
CA GLU C 271 46.67 29.03 -33.71
C GLU C 271 47.89 28.16 -34.00
N GLN C 272 49.09 28.76 -33.97
CA GLN C 272 50.29 28.01 -34.32
C GLN C 272 50.54 26.88 -33.34
N SER C 273 50.37 27.15 -32.04
CA SER C 273 50.63 26.15 -31.03
C SER C 273 49.64 24.99 -31.12
N PHE C 274 48.36 25.28 -31.34
CA PHE C 274 47.41 24.18 -31.46
C PHE C 274 47.58 23.43 -32.78
N ASP C 275 48.02 24.10 -33.83
CA ASP C 275 48.31 23.38 -35.07
C ASP C 275 49.47 22.40 -34.88
N LYS C 276 50.54 22.84 -34.21
CA LYS C 276 51.63 21.93 -33.88
C LYS C 276 51.13 20.77 -33.02
N LEU C 277 50.32 21.07 -32.00
CA LEU C 277 49.80 20.04 -31.12
C LEU C 277 48.97 19.01 -31.90
N LEU C 278 48.14 19.48 -32.83
CA LEU C 278 47.25 18.56 -33.53
C LEU C 278 48.02 17.74 -34.56
N LYS C 279 49.06 18.31 -35.18
CA LYS C 279 49.94 17.51 -36.02
C LYS C 279 50.62 16.41 -35.20
N LYS C 280 51.12 16.76 -34.01
CA LYS C 280 51.67 15.74 -33.12
C LYS C 280 50.65 14.66 -32.77
N LEU C 281 49.39 15.06 -32.52
CA LEU C 281 48.35 14.09 -32.25
C LEU C 281 48.13 13.15 -33.43
N THR C 282 48.13 13.70 -34.65
CA THR C 282 47.95 12.86 -35.83
C THR C 282 49.14 11.94 -36.07
N SER C 283 50.31 12.27 -35.53
CA SER C 283 51.44 11.36 -35.65
C SER C 283 51.12 9.96 -35.11
N HIS C 284 50.28 9.88 -34.08
CA HIS C 284 49.92 8.60 -33.46
C HIS C 284 48.75 7.92 -34.14
N LEU C 285 47.97 8.66 -34.92
CA LEU C 285 46.85 8.09 -35.65
C LEU C 285 47.38 7.16 -36.75
N PRO C 286 46.65 6.07 -37.05
CA PRO C 286 45.33 5.62 -36.61
C PRO C 286 45.31 4.78 -35.32
N LYS C 287 46.47 4.52 -34.71
CA LYS C 287 46.50 3.76 -33.47
C LYS C 287 45.64 4.42 -32.41
N ALA C 288 46.01 5.63 -32.00
CA ALA C 288 45.35 6.35 -30.91
C ALA C 288 44.39 7.37 -31.50
N ARG C 289 43.11 7.03 -31.55
CA ARG C 289 42.08 7.96 -32.02
C ARG C 289 41.40 8.72 -30.90
N VAL C 290 41.26 8.10 -29.72
CA VAL C 290 40.61 8.76 -28.59
C VAL C 290 41.62 9.62 -27.85
N VAL C 291 41.28 10.89 -27.65
CA VAL C 291 42.14 11.86 -26.98
C VAL C 291 41.47 12.23 -25.67
N ALA C 292 42.01 11.73 -24.56
CA ALA C 292 41.55 12.12 -23.23
C ALA C 292 42.06 13.51 -22.92
N CYS C 293 41.14 14.46 -22.78
CA CYS C 293 41.46 15.89 -22.68
C CYS C 293 41.00 16.38 -21.32
N PHE C 294 41.92 16.48 -20.36
CA PHE C 294 41.64 17.14 -19.09
C PHE C 294 41.92 18.63 -19.32
N CYS C 295 40.90 19.29 -19.86
CA CYS C 295 41.12 20.58 -20.51
C CYS C 295 40.01 21.54 -20.11
N GLU C 296 40.33 22.82 -20.08
CA GLU C 296 39.32 23.83 -19.94
C GLU C 296 38.77 24.18 -21.33
N GLY C 297 37.55 24.73 -21.34
CA GLY C 297 36.77 24.91 -22.55
C GLY C 297 37.50 25.49 -23.75
N MET C 298 38.29 26.54 -23.53
CA MET C 298 38.95 27.21 -24.64
C MET C 298 40.01 26.32 -25.28
N THR C 299 40.66 25.46 -24.51
CA THR C 299 41.60 24.51 -25.09
C THR C 299 40.90 23.54 -26.04
N VAL C 300 39.73 23.03 -25.62
CA VAL C 300 38.96 22.14 -26.48
C VAL C 300 38.54 22.86 -27.75
N ARG C 301 38.03 24.08 -27.61
CA ARG C 301 37.62 24.85 -28.79
C ARG C 301 38.80 25.09 -29.72
N GLY C 302 40.00 25.32 -29.16
CA GLY C 302 41.16 25.50 -30.00
C GLY C 302 41.55 24.24 -30.74
N LEU C 303 41.46 23.09 -30.07
CA LEU C 303 41.68 21.82 -30.76
C LEU C 303 40.69 21.65 -31.92
N LEU C 304 39.43 22.04 -31.69
CA LEU C 304 38.43 21.92 -32.75
C LEU C 304 38.75 22.85 -33.93
N MET C 305 39.17 24.08 -33.64
CA MET C 305 39.53 25.00 -34.71
C MET C 305 40.77 24.54 -35.45
N ALA C 306 41.70 23.88 -34.75
CA ALA C 306 42.84 23.27 -35.43
C ALA C 306 42.39 22.14 -36.35
N MET C 307 41.42 21.34 -35.89
CA MET C 307 40.86 20.29 -36.73
C MET C 307 40.18 20.86 -37.97
N ARG C 308 39.56 22.02 -37.83
CA ARG C 308 39.05 22.73 -39.00
C ARG C 308 40.18 23.15 -39.93
N ARG C 309 41.24 23.73 -39.37
CA ARG C 309 42.32 24.26 -40.20
C ARG C 309 43.08 23.16 -40.94
N LEU C 310 43.15 21.97 -40.36
CA LEU C 310 43.92 20.87 -40.95
C LEU C 310 43.05 19.80 -41.59
N GLY C 311 41.74 20.02 -41.67
CA GLY C 311 40.83 19.09 -42.32
C GLY C 311 40.71 17.75 -41.61
N LEU C 312 41.21 17.68 -40.39
CA LEU C 312 41.28 16.44 -39.63
C LEU C 312 39.97 16.09 -38.95
N ALA C 313 38.86 16.68 -39.38
CA ALA C 313 37.57 16.41 -38.77
C ALA C 313 37.20 14.93 -38.91
N GLY C 314 36.64 14.38 -37.82
CA GLY C 314 36.19 13.01 -37.82
C GLY C 314 37.24 11.98 -37.47
N GLU C 315 38.53 12.35 -37.42
CA GLU C 315 39.57 11.39 -37.11
C GLU C 315 39.73 11.12 -35.63
N PHE C 316 39.33 12.06 -34.77
CA PHE C 316 39.54 11.93 -33.34
C PHE C 316 38.22 11.90 -32.59
N LEU C 317 38.24 11.28 -31.41
CA LEU C 317 37.14 11.35 -30.46
C LEU C 317 37.68 11.97 -29.18
N LEU C 318 37.07 13.08 -28.76
CA LEU C 318 37.52 13.81 -27.58
C LEU C 318 36.75 13.36 -26.35
N LEU C 319 37.49 13.07 -25.27
CA LEU C 319 36.93 12.70 -23.98
C LEU C 319 37.34 13.78 -22.99
N GLY C 320 36.48 14.79 -22.83
CA GLY C 320 36.81 15.95 -22.02
C GLY C 320 36.27 15.89 -20.60
N SER C 321 37.02 16.48 -19.68
CA SER C 321 36.55 16.67 -18.32
C SER C 321 35.54 17.81 -18.29
N ASP C 322 35.01 18.13 -17.09
CA ASP C 322 33.89 19.06 -17.07
C ASP C 322 34.29 20.49 -17.41
N GLY C 323 35.54 20.76 -17.78
CA GLY C 323 35.85 22.04 -18.40
C GLY C 323 35.09 22.25 -19.69
N TRP C 324 34.85 21.16 -20.43
CA TRP C 324 34.00 21.17 -21.61
C TRP C 324 32.77 20.33 -21.30
N ALA C 325 31.80 20.95 -20.64
CA ALA C 325 30.48 20.40 -20.40
C ALA C 325 29.60 20.72 -21.60
N ASP C 326 28.29 20.70 -21.43
CA ASP C 326 27.40 21.08 -22.53
C ASP C 326 27.51 22.59 -22.77
N ARG C 327 28.74 23.02 -23.09
CA ARG C 327 29.09 24.43 -23.28
C ARG C 327 29.03 24.74 -24.76
N TYR C 328 27.96 25.40 -25.20
CA TYR C 328 27.84 25.73 -26.62
C TYR C 328 28.94 26.70 -27.06
N ASP C 329 29.47 27.50 -26.14
CA ASP C 329 30.57 28.39 -26.48
C ASP C 329 31.78 27.64 -27.01
N VAL C 330 31.92 26.36 -26.66
CA VAL C 330 33.07 25.59 -27.12
C VAL C 330 32.86 25.07 -28.54
N THR C 331 31.66 24.58 -28.85
CA THR C 331 31.41 23.89 -30.11
C THR C 331 30.62 24.70 -31.12
N ASP C 332 30.05 25.85 -30.75
CA ASP C 332 29.38 26.67 -31.74
C ASP C 332 30.35 27.10 -32.83
N GLY C 333 29.97 26.86 -34.08
CA GLY C 333 30.76 27.18 -35.24
C GLY C 333 31.56 26.02 -35.80
N TYR C 334 31.96 25.08 -34.97
CA TYR C 334 32.76 23.93 -35.38
C TYR C 334 32.14 22.63 -34.86
N GLN C 335 30.82 22.50 -35.06
CA GLN C 335 30.11 21.32 -34.57
C GLN C 335 30.64 20.05 -35.21
N ARG C 336 31.03 20.11 -36.49
CA ARG C 336 31.40 18.90 -37.21
C ARG C 336 32.76 18.35 -36.77
N GLU C 337 33.63 19.20 -36.23
CA GLU C 337 34.88 18.70 -35.68
C GLU C 337 34.72 18.10 -34.30
N ALA C 338 33.66 18.47 -33.58
CA ALA C 338 33.41 18.00 -32.22
C ALA C 338 32.43 16.84 -32.17
N VAL C 339 31.71 16.57 -33.26
CA VAL C 339 30.66 15.55 -33.25
C VAL C 339 31.23 14.21 -32.81
N GLY C 340 30.47 13.48 -32.00
CA GLY C 340 30.91 12.22 -31.46
C GLY C 340 31.69 12.32 -30.16
N GLY C 341 31.96 13.53 -29.67
CA GLY C 341 32.71 13.67 -28.45
C GLY C 341 31.88 13.29 -27.23
N ILE C 342 32.57 12.76 -26.22
CA ILE C 342 31.97 12.40 -24.94
C ILE C 342 32.64 13.25 -23.87
N THR C 343 31.83 13.74 -22.92
CA THR C 343 32.35 14.57 -21.84
C THR C 343 31.53 14.29 -20.58
N ILE C 344 31.92 14.93 -19.48
CA ILE C 344 31.23 14.75 -18.21
C ILE C 344 30.88 16.11 -17.61
N LYS C 345 29.88 16.10 -16.74
CA LYS C 345 29.33 17.31 -16.15
C LYS C 345 28.93 17.00 -14.71
N LEU C 346 29.22 17.91 -13.80
CA LEU C 346 28.90 17.64 -12.40
C LEU C 346 27.38 17.69 -12.23
N GLN C 347 26.80 16.61 -11.69
CA GLN C 347 25.36 16.53 -11.53
C GLN C 347 24.93 17.27 -10.26
N SER C 348 23.99 18.20 -10.42
CA SER C 348 23.49 19.00 -9.31
C SER C 348 22.06 19.45 -9.62
N PRO C 349 21.05 18.73 -9.15
CA PRO C 349 19.67 19.14 -9.39
C PRO C 349 19.25 20.29 -8.50
N ASP C 350 18.15 20.93 -8.89
CA ASP C 350 17.65 22.08 -8.16
C ASP C 350 17.13 21.69 -6.78
N VAL C 351 17.05 22.67 -5.89
CA VAL C 351 16.49 22.51 -4.56
C VAL C 351 15.17 23.25 -4.53
N LYS C 352 14.08 22.50 -4.38
CA LYS C 352 12.73 23.04 -4.53
C LYS C 352 12.42 24.08 -3.46
N TRP C 353 12.63 23.71 -2.20
CA TRP C 353 12.26 24.60 -1.11
C TRP C 353 13.11 25.86 -1.06
N PHE C 354 14.33 25.84 -1.61
CA PHE C 354 15.08 27.09 -1.70
C PHE C 354 14.39 28.08 -2.62
N ASP C 355 13.90 27.63 -3.77
CA ASP C 355 13.14 28.53 -4.63
C ASP C 355 11.87 29.01 -3.93
N ASP C 356 11.16 28.08 -3.27
CA ASP C 356 9.96 28.47 -2.52
C ASP C 356 10.24 29.58 -1.53
N TYR C 357 11.37 29.50 -0.81
CA TYR C 357 11.72 30.54 0.15
C TYR C 357 12.21 31.80 -0.53
N TYR C 358 13.18 31.68 -1.43
CA TYR C 358 13.91 32.83 -1.96
C TYR C 358 13.03 33.72 -2.83
N LEU C 359 12.12 33.12 -3.61
CA LEU C 359 11.35 33.95 -4.54
C LEU C 359 10.37 34.87 -3.83
N LYS C 360 9.98 34.56 -2.59
CA LYS C 360 9.04 35.36 -1.84
C LYS C 360 9.70 36.54 -1.12
N LEU C 361 11.00 36.76 -1.32
CA LEU C 361 11.72 37.79 -0.61
C LEU C 361 11.45 39.18 -1.19
N ARG C 362 11.24 40.14 -0.31
CA ARG C 362 10.95 41.53 -0.64
C ARG C 362 11.98 42.44 0.02
N PRO C 363 12.41 43.52 -0.66
CA PRO C 363 13.36 44.44 -0.01
C PRO C 363 12.73 45.19 1.16
N GLU C 364 11.41 45.39 1.13
CA GLU C 364 10.74 46.06 2.24
C GLU C 364 10.77 45.23 3.52
N THR C 365 10.91 43.90 3.41
CA THR C 365 10.79 43.01 4.54
C THR C 365 12.03 42.18 4.86
N ASN C 366 13.03 42.17 3.98
CA ASN C 366 14.24 41.39 4.24
C ASN C 366 15.12 42.19 5.20
N HIS C 367 15.00 41.89 6.49
CA HIS C 367 15.62 42.69 7.55
C HIS C 367 16.87 42.03 8.14
N ARG C 368 17.48 41.09 7.43
CA ARG C 368 18.66 40.39 7.94
C ARG C 368 19.80 40.27 6.94
N ASN C 369 19.55 40.51 5.64
CA ASN C 369 20.62 40.54 4.65
C ASN C 369 20.99 41.98 4.38
N PRO C 370 22.15 42.46 4.80
CA PRO C 370 22.50 43.87 4.57
C PRO C 370 22.65 44.23 3.11
N TRP C 371 23.12 43.31 2.28
CA TRP C 371 23.39 43.63 0.89
C TRP C 371 22.13 43.61 0.03
N PHE C 372 21.03 43.07 0.54
CA PHE C 372 19.85 42.82 -0.29
C PHE C 372 19.41 44.08 -1.02
N GLN C 373 19.41 45.22 -0.34
CA GLN C 373 18.91 46.43 -0.97
C GLN C 373 19.82 46.92 -2.09
N GLU C 374 21.14 46.74 -2.00
CA GLU C 374 21.93 47.08 -3.18
C GLU C 374 21.74 46.02 -4.26
N PHE C 375 21.41 44.80 -3.87
CA PHE C 375 21.14 43.74 -4.84
C PHE C 375 19.88 44.05 -5.62
N TRP C 376 18.77 44.27 -4.91
CA TRP C 376 17.48 44.55 -5.56
C TRP C 376 17.61 45.64 -6.60
N GLN C 377 18.15 46.80 -6.21
CA GLN C 377 18.23 47.93 -7.13
C GLN C 377 19.13 47.63 -8.32
N HIS C 378 20.09 46.72 -8.15
CA HIS C 378 20.93 46.31 -9.26
C HIS C 378 20.23 45.26 -10.12
N ARG C 379 19.39 44.41 -9.51
CA ARG C 379 18.71 43.36 -10.26
C ARG C 379 17.76 43.94 -11.31
N PHE C 380 16.92 44.89 -10.91
CA PHE C 380 15.99 45.51 -11.84
C PHE C 380 16.37 46.94 -12.17
N GLN C 381 17.67 47.27 -12.05
CA GLN C 381 18.24 48.56 -12.45
C GLN C 381 17.33 49.74 -12.11
N CYS C 382 16.74 49.70 -10.93
CA CYS C 382 15.81 50.72 -10.46
C CYS C 382 16.33 51.33 -9.16
N ARG C 383 15.59 52.31 -8.65
CA ARG C 383 15.95 53.04 -7.45
C ARG C 383 14.87 52.82 -6.41
N LEU C 384 15.25 52.30 -5.25
CA LEU C 384 14.29 52.10 -4.16
C LEU C 384 13.92 53.46 -3.58
N GLU C 385 12.64 53.82 -3.72
CA GLU C 385 12.16 55.20 -3.61
C GLU C 385 12.73 55.97 -2.41
N GLY C 386 12.51 55.47 -1.20
CA GLY C 386 12.94 56.17 -0.01
C GLY C 386 13.62 55.26 1.00
N PHE C 387 14.31 54.25 0.49
CA PHE C 387 14.90 53.21 1.31
C PHE C 387 16.25 53.66 1.88
N PRO C 388 16.67 53.06 3.00
CA PRO C 388 17.96 53.46 3.60
C PRO C 388 19.15 53.29 2.68
N GLN C 389 19.19 52.21 1.89
CA GLN C 389 20.23 52.00 0.90
C GLN C 389 19.79 52.41 -0.50
N GLU C 390 19.03 53.49 -0.62
CA GLU C 390 18.66 54.02 -1.92
C GLU C 390 19.90 54.44 -2.71
N ASN C 391 19.99 54.00 -3.96
CA ASN C 391 21.11 54.29 -4.83
C ASN C 391 20.65 55.26 -5.91
N SER C 392 21.27 56.44 -5.96
CA SER C 392 20.77 57.52 -6.80
C SER C 392 21.07 57.30 -8.29
N LYS C 393 22.13 56.55 -8.61
CA LYS C 393 22.60 56.45 -9.98
C LYS C 393 21.53 55.92 -10.93
N TYR C 394 20.62 55.09 -10.43
CA TYR C 394 19.64 54.44 -11.30
C TYR C 394 18.62 55.45 -11.83
N ASN C 395 18.00 55.08 -12.95
CA ASN C 395 17.09 55.97 -13.67
C ASN C 395 15.65 55.82 -13.17
N LYS C 396 15.09 54.63 -13.30
CA LYS C 396 13.70 54.39 -12.96
C LYS C 396 13.53 54.18 -11.46
N THR C 397 12.28 54.24 -11.02
CA THR C 397 11.91 53.89 -9.66
C THR C 397 11.42 52.45 -9.61
N CYS C 398 11.66 51.79 -8.47
CA CYS C 398 11.33 50.38 -8.32
C CYS C 398 9.83 50.24 -8.12
N ASN C 399 9.18 49.48 -9.01
CA ASN C 399 7.76 49.22 -8.87
C ASN C 399 7.51 48.25 -7.71
N SER C 400 6.31 48.35 -7.14
CA SER C 400 5.88 47.33 -6.19
C SER C 400 5.54 46.01 -6.89
N SER C 401 5.39 46.03 -8.21
CA SER C 401 5.10 44.84 -9.00
C SER C 401 6.33 43.99 -9.27
N LEU C 402 7.52 44.49 -8.95
CA LEU C 402 8.75 43.74 -9.20
C LEU C 402 8.81 42.49 -8.32
N THR C 403 9.33 41.41 -8.89
CA THR C 403 9.43 40.16 -8.16
C THR C 403 10.63 39.37 -8.67
N LEU C 404 11.26 38.63 -7.76
CA LEU C 404 12.41 37.79 -8.11
C LEU C 404 12.02 36.61 -9.00
N LYS C 405 10.72 36.31 -9.10
CA LYS C 405 10.27 35.23 -9.98
C LYS C 405 10.62 35.51 -11.44
N THR C 406 10.75 36.80 -11.79
CA THR C 406 10.99 37.17 -13.18
C THR C 406 12.42 36.83 -13.58
N HIS C 407 12.56 35.99 -14.62
CA HIS C 407 13.85 35.56 -15.15
C HIS C 407 14.72 34.93 -14.05
N HIS C 408 14.10 34.16 -13.17
CA HIS C 408 14.82 33.54 -12.07
C HIS C 408 15.67 32.37 -12.57
N VAL C 409 16.88 32.25 -12.02
CA VAL C 409 17.76 31.12 -12.28
C VAL C 409 18.40 30.74 -10.95
N GLN C 410 18.16 29.50 -10.49
CA GLN C 410 18.75 29.06 -9.24
C GLN C 410 20.25 28.83 -9.42
N ASP C 411 20.98 29.03 -8.32
CA ASP C 411 22.43 28.80 -8.34
C ASP C 411 22.73 27.36 -8.72
N SER C 412 23.77 27.18 -9.54
CA SER C 412 24.12 25.86 -10.04
C SER C 412 24.75 24.98 -8.97
N LYS C 413 25.28 25.58 -7.90
CA LYS C 413 25.94 24.85 -6.82
C LYS C 413 25.11 24.86 -5.54
N MET C 414 23.80 25.10 -5.64
CA MET C 414 22.96 25.31 -4.46
C MET C 414 22.95 24.10 -3.54
N GLY C 415 22.63 22.93 -4.10
CA GLY C 415 22.60 21.71 -3.31
C GLY C 415 23.89 21.46 -2.56
N PHE C 416 25.02 21.83 -3.16
CA PHE C 416 26.30 21.65 -2.48
C PHE C 416 26.42 22.56 -1.26
N VAL C 417 26.02 23.82 -1.39
CA VAL C 417 26.05 24.73 -0.25
C VAL C 417 25.18 24.20 0.88
N ILE C 418 23.97 23.75 0.53
CA ILE C 418 23.06 23.24 1.55
C ILE C 418 23.62 21.98 2.19
N ASN C 419 24.26 21.11 1.40
CA ASN C 419 24.86 19.90 1.95
C ASN C 419 26.05 20.22 2.85
N ALA C 420 26.81 21.28 2.54
CA ALA C 420 27.89 21.69 3.44
C ALA C 420 27.33 22.17 4.78
N ILE C 421 26.28 22.97 4.73
CA ILE C 421 25.63 23.42 5.97
C ILE C 421 25.16 22.23 6.78
N TYR C 422 24.50 21.27 6.11
CA TYR C 422 24.03 20.08 6.83
C TYR C 422 25.17 19.20 7.32
N SER C 423 26.31 19.20 6.63
CA SER C 423 27.47 18.47 7.12
C SER C 423 27.94 19.04 8.45
N MET C 424 28.08 20.37 8.51
CA MET C 424 28.41 21.02 9.78
C MET C 424 27.39 20.67 10.86
N ALA C 425 26.10 20.71 10.49
CA ALA C 425 25.04 20.47 11.47
C ALA C 425 25.11 19.05 12.03
N TYR C 426 25.20 18.05 11.15
CA TYR C 426 25.27 16.66 11.59
C TYR C 426 26.54 16.39 12.38
N GLY C 427 27.65 17.04 12.04
CA GLY C 427 28.85 16.88 12.84
C GLY C 427 28.65 17.38 14.27
N LEU C 428 28.10 18.58 14.40
CA LEU C 428 27.80 19.09 15.74
C LEU C 428 26.82 18.19 16.48
N HIS C 429 25.84 17.62 15.76
CA HIS C 429 24.85 16.75 16.38
C HIS C 429 25.50 15.47 16.92
N ASN C 430 26.35 14.84 16.11
CA ASN C 430 27.01 13.62 16.56
C ASN C 430 27.97 13.90 17.71
N MET C 431 28.65 15.05 17.68
CA MET C 431 29.49 15.44 18.81
C MET C 431 28.65 15.61 20.07
N GLN C 432 27.47 16.26 19.95
CA GLN C 432 26.60 16.43 21.09
C GLN C 432 26.16 15.10 21.67
N MET C 433 25.78 14.16 20.81
CA MET C 433 25.32 12.87 21.32
C MET C 433 26.45 12.07 21.94
N SER C 434 27.68 12.23 21.45
CA SER C 434 28.79 11.48 22.05
C SER C 434 29.28 12.10 23.35
N LEU C 435 29.17 13.43 23.49
CA LEU C 435 29.64 14.09 24.70
C LEU C 435 28.54 14.37 25.72
N CYS C 436 27.29 14.50 25.28
CA CYS C 436 26.15 14.76 26.17
C CYS C 436 25.08 13.72 25.90
N PRO C 437 25.34 12.44 26.26
CA PRO C 437 24.42 11.36 25.87
C PRO C 437 23.02 11.52 26.45
N GLY C 438 22.92 11.60 27.77
CA GLY C 438 21.63 11.69 28.42
C GLY C 438 21.14 13.11 28.60
N TYR C 439 21.28 13.93 27.57
CA TYR C 439 20.87 15.33 27.64
C TYR C 439 20.44 15.80 26.27
N ALA C 440 19.64 16.86 26.24
CA ALA C 440 19.16 17.47 25.00
C ALA C 440 19.56 18.95 25.05
N GLY C 441 20.75 19.23 24.56
CA GLY C 441 21.31 20.57 24.59
C GLY C 441 22.79 20.51 24.89
N LEU C 442 23.38 21.69 25.09
CA LEU C 442 24.79 21.80 25.39
C LEU C 442 25.02 21.50 26.87
N CYS C 443 25.72 20.42 27.16
CA CYS C 443 26.13 20.12 28.53
C CYS C 443 27.52 20.70 28.79
N ASP C 444 28.07 20.43 29.97
CA ASP C 444 29.35 21.01 30.34
C ASP C 444 30.52 20.39 29.58
N ALA C 445 30.30 19.28 28.86
CA ALA C 445 31.36 18.71 28.04
C ALA C 445 31.59 19.51 26.76
N MET C 446 30.54 20.08 26.20
CA MET C 446 30.64 20.93 25.00
C MET C 446 30.63 22.41 25.35
N LYS C 447 31.24 22.77 26.47
CA LYS C 447 31.40 24.17 26.86
C LYS C 447 32.87 24.37 27.26
N PRO C 448 33.72 24.84 26.34
CA PRO C 448 33.35 25.17 24.95
C PRO C 448 33.35 23.94 24.04
N ILE C 449 33.17 24.18 22.74
CA ILE C 449 33.26 23.13 21.74
C ILE C 449 34.72 23.00 21.32
N ASP C 450 35.25 21.78 21.41
CA ASP C 450 36.64 21.53 21.02
C ASP C 450 36.71 21.37 19.51
N GLY C 451 37.53 22.21 18.87
CA GLY C 451 37.64 22.15 17.42
C GLY C 451 38.19 20.83 16.92
N ARG C 452 39.16 20.26 17.63
CA ARG C 452 39.71 18.96 17.24
C ARG C 452 38.66 17.87 17.38
N LYS C 453 37.87 17.92 18.45
CA LYS C 453 36.79 16.95 18.61
C LYS C 453 35.74 17.10 17.52
N LEU C 454 35.43 18.36 17.14
CA LEU C 454 34.49 18.58 16.05
C LEU C 454 35.03 18.04 14.74
N LEU C 455 36.32 18.21 14.48
CA LEU C 455 36.93 17.65 13.28
C LEU C 455 36.84 16.13 13.28
N GLU C 456 37.14 15.51 14.42
CA GLU C 456 37.03 14.06 14.52
C GLU C 456 35.60 13.59 14.28
N SER C 457 34.62 14.36 14.76
CA SER C 457 33.22 14.01 14.54
C SER C 457 32.81 14.20 13.09
N LEU C 458 33.35 15.23 12.43
CA LEU C 458 32.99 15.51 11.04
C LEU C 458 33.60 14.51 10.08
N MET C 459 34.84 14.09 10.33
CA MET C 459 35.47 13.10 9.47
C MET C 459 34.71 11.76 9.48
N LYS C 460 33.91 11.52 10.52
CA LYS C 460 33.11 10.31 10.63
C LYS C 460 31.67 10.50 10.15
N THR C 461 31.33 11.68 9.62
CA THR C 461 29.94 12.03 9.33
C THR C 461 29.48 11.44 8.01
N ASN C 462 28.17 11.19 7.94
CA ASN C 462 27.60 10.26 6.99
C ASN C 462 26.09 10.47 7.03
N PHE C 463 25.52 10.99 5.94
CA PHE C 463 24.11 11.38 5.97
C PHE C 463 23.57 11.51 4.55
N THR C 464 22.25 11.35 4.41
CA THR C 464 21.61 11.53 3.11
C THR C 464 21.46 13.01 2.79
N GLY C 465 21.97 13.42 1.64
CA GLY C 465 21.98 14.81 1.25
C GLY C 465 20.62 15.32 0.80
N VAL C 466 20.63 16.59 0.37
CA VAL C 466 19.39 17.28 0.00
C VAL C 466 18.75 16.68 -1.24
N SER C 467 19.48 15.91 -2.04
CA SER C 467 18.97 15.34 -3.28
C SER C 467 19.06 13.82 -3.30
N GLY C 468 19.05 13.19 -2.13
CA GLY C 468 19.00 11.74 -2.04
C GLY C 468 20.34 11.06 -1.94
N ASP C 469 21.39 11.62 -2.54
CA ASP C 469 22.72 11.06 -2.45
C ASP C 469 23.18 10.99 -1.00
N THR C 470 24.11 10.06 -0.74
CA THR C 470 24.66 9.86 0.60
C THR C 470 26.01 10.57 0.69
N ILE C 471 26.04 11.66 1.44
CA ILE C 471 27.25 12.43 1.69
C ILE C 471 28.09 11.72 2.75
N LEU C 472 29.40 11.71 2.52
CA LEU C 472 30.35 10.95 3.33
C LEU C 472 31.76 11.46 3.03
N PHE C 473 32.60 11.47 4.06
CA PHE C 473 33.98 11.93 3.94
C PHE C 473 34.95 10.78 4.11
N ASP C 474 36.02 10.78 3.30
CA ASP C 474 37.01 9.71 3.30
C ASP C 474 38.16 10.07 4.26
N GLU C 475 39.29 9.34 4.14
CA GLU C 475 40.46 9.65 4.94
C GLU C 475 40.93 11.09 4.75
N ASN C 476 40.61 11.70 3.60
CA ASN C 476 41.12 13.02 3.25
C ASN C 476 40.03 14.08 3.24
N GLY C 477 38.90 13.82 3.88
CA GLY C 477 37.80 14.75 3.84
C GLY C 477 37.23 14.97 2.45
N ASP C 478 37.42 14.02 1.55
CA ASP C 478 36.93 14.12 0.18
C ASP C 478 35.63 13.36 0.02
N SER C 479 34.68 13.99 -0.64
CA SER C 479 33.33 13.52 -0.91
C SER C 479 33.29 12.72 -2.20
N PRO C 480 32.38 11.75 -2.32
CA PRO C 480 32.24 11.01 -3.58
C PRO C 480 31.68 11.87 -4.69
N GLY C 481 31.93 11.43 -5.92
CA GLY C 481 31.59 12.19 -7.11
C GLY C 481 30.47 11.52 -7.91
N ARG C 482 29.65 12.37 -8.55
CA ARG C 482 28.46 11.89 -9.26
C ARG C 482 28.26 12.80 -10.47
N TYR C 483 28.69 12.34 -11.64
CA TYR C 483 28.58 13.14 -12.85
C TYR C 483 27.63 12.52 -13.87
N GLU C 484 27.20 13.37 -14.79
CA GLU C 484 26.45 12.99 -15.98
C GLU C 484 27.42 12.90 -17.16
N ILE C 485 27.37 11.78 -17.87
CA ILE C 485 28.16 11.61 -19.09
C ILE C 485 27.29 12.03 -20.27
N MET C 486 27.79 12.97 -21.06
CA MET C 486 27.08 13.52 -22.20
C MET C 486 27.83 13.22 -23.49
N ASN C 487 27.07 13.23 -24.59
CA ASN C 487 27.58 12.97 -25.92
C ASN C 487 27.12 14.08 -26.85
N PHE C 488 28.03 14.54 -27.71
CA PHE C 488 27.72 15.60 -28.68
C PHE C 488 27.41 14.91 -30.01
N LYS C 489 26.12 14.72 -30.28
CA LYS C 489 25.65 14.02 -31.45
C LYS C 489 25.21 14.99 -32.55
N GLU C 490 24.98 14.42 -33.73
CA GLU C 490 24.21 15.06 -34.79
C GLU C 490 22.79 14.54 -34.68
N MET C 491 21.86 15.41 -34.27
CA MET C 491 20.49 14.97 -34.03
C MET C 491 19.63 15.02 -35.29
N GLY C 492 19.89 15.96 -36.19
CA GLY C 492 19.20 16.02 -37.46
C GLY C 492 20.11 16.48 -38.57
N LYS C 493 19.55 16.93 -39.70
CA LYS C 493 20.36 17.44 -40.79
C LYS C 493 20.99 18.76 -40.38
N ASP C 494 22.30 18.75 -40.16
CA ASP C 494 23.07 19.94 -39.80
C ASP C 494 22.64 20.52 -38.45
N TYR C 495 22.09 19.69 -37.58
CA TYR C 495 21.71 20.09 -36.23
C TYR C 495 22.47 19.25 -35.22
N PHE C 496 23.24 19.90 -34.36
CA PHE C 496 24.13 19.25 -33.40
C PHE C 496 23.76 19.70 -32.00
N ASP C 497 23.86 18.79 -31.03
CA ASP C 497 23.46 19.11 -29.66
C ASP C 497 24.04 18.07 -28.71
N TYR C 498 23.97 18.39 -27.42
CA TYR C 498 24.45 17.52 -26.37
C TYR C 498 23.33 16.62 -25.88
N ILE C 499 23.66 15.36 -25.59
CA ILE C 499 22.70 14.37 -25.13
C ILE C 499 23.27 13.68 -23.91
N ASN C 500 22.47 13.60 -22.84
CA ASN C 500 22.86 12.84 -21.65
C ASN C 500 22.84 11.35 -21.97
N VAL C 501 24.00 10.72 -21.91
CA VAL C 501 24.16 9.34 -22.36
C VAL C 501 24.62 8.41 -21.24
N GLY C 502 24.86 8.92 -20.05
CA GLY C 502 25.23 8.02 -18.97
C GLY C 502 25.37 8.74 -17.65
N SER C 503 25.75 7.97 -16.63
CA SER C 503 25.90 8.46 -15.27
C SER C 503 27.05 7.73 -14.59
N TRP C 504 27.78 8.47 -13.76
CA TRP C 504 28.88 7.93 -12.96
C TRP C 504 28.62 8.30 -11.51
N ASP C 505 28.57 7.30 -10.63
CA ASP C 505 28.26 7.49 -9.21
C ASP C 505 29.26 6.68 -8.39
N ASN C 506 30.35 7.34 -7.99
CA ASN C 506 31.36 6.79 -7.08
C ASN C 506 31.85 5.42 -7.54
N GLY C 507 32.14 5.31 -8.84
CA GLY C 507 32.63 4.09 -9.43
C GLY C 507 31.58 3.29 -10.17
N GLU C 508 30.30 3.57 -9.94
CA GLU C 508 29.21 2.90 -10.65
C GLU C 508 28.96 3.64 -11.97
N LEU C 509 29.37 3.02 -13.08
CA LEU C 509 29.19 3.61 -14.40
C LEU C 509 28.03 2.92 -15.11
N LYS C 510 27.02 3.69 -15.48
CA LYS C 510 25.90 3.19 -16.29
C LYS C 510 25.82 4.01 -17.57
N MET C 511 25.70 3.32 -18.71
CA MET C 511 25.75 3.96 -20.01
C MET C 511 24.59 3.48 -20.88
N ASP C 512 24.25 4.30 -21.87
CA ASP C 512 23.37 3.93 -22.98
C ASP C 512 24.31 3.79 -24.18
N ASP C 513 24.63 2.54 -24.55
CA ASP C 513 25.89 2.29 -25.26
C ASP C 513 25.74 2.27 -26.78
N ASP C 514 24.64 2.78 -27.33
CA ASP C 514 24.64 2.96 -28.78
C ASP C 514 25.27 4.27 -29.20
N GLU C 515 25.20 5.29 -28.35
CA GLU C 515 25.88 6.55 -28.60
C GLU C 515 26.42 7.16 -27.32
N ILE C 524 33.92 3.00 -32.78
CA ILE C 524 35.21 3.70 -32.81
C ILE C 524 36.25 2.96 -31.95
N ARG C 525 37.32 2.52 -32.61
CA ARG C 525 38.35 1.71 -31.97
C ARG C 525 39.63 2.53 -31.82
N SER C 526 40.18 2.53 -30.61
CA SER C 526 41.44 3.22 -30.31
C SER C 526 42.33 2.25 -29.58
N VAL C 527 43.08 1.44 -30.33
CA VAL C 527 43.98 0.43 -29.78
C VAL C 527 45.29 0.47 -30.57
N CYS C 528 46.32 -0.13 -29.98
CA CYS C 528 47.63 -0.17 -30.63
C CYS C 528 47.82 -1.44 -31.46
N SER C 529 47.36 -2.59 -30.95
CA SER C 529 47.57 -3.86 -31.61
C SER C 529 46.31 -4.71 -31.54
N GLU C 530 45.98 -5.35 -32.66
CA GLU C 530 44.84 -6.25 -32.73
C GLU C 530 45.17 -7.59 -32.08
N PRO C 531 44.15 -8.35 -31.65
CA PRO C 531 44.42 -9.63 -30.99
C PRO C 531 44.99 -10.66 -31.95
N CYS C 532 45.70 -11.62 -31.38
CA CYS C 532 46.37 -12.65 -32.16
C CYS C 532 45.44 -13.82 -32.45
N ILE C 537 48.93 -17.16 -32.20
CA ILE C 537 50.22 -16.48 -32.16
C ILE C 537 50.50 -15.99 -30.74
N LYS C 538 51.76 -15.63 -30.48
CA LYS C 538 52.21 -15.19 -29.16
C LYS C 538 52.37 -13.68 -29.18
N VAL C 539 51.51 -12.98 -28.43
CA VAL C 539 51.56 -11.52 -28.34
C VAL C 539 52.77 -11.11 -27.52
N ILE C 540 53.81 -10.63 -28.19
CA ILE C 540 55.09 -10.31 -27.56
C ILE C 540 55.36 -8.82 -27.74
N ARG C 541 55.94 -8.20 -26.71
CA ARG C 541 56.20 -6.76 -26.70
C ARG C 541 57.70 -6.51 -26.76
N LYS C 542 58.11 -5.62 -27.66
CA LYS C 542 59.53 -5.31 -27.86
C LYS C 542 59.93 -4.06 -27.06
N GLY C 543 59.68 -4.12 -25.76
CA GLY C 543 60.17 -3.10 -24.83
C GLY C 543 59.52 -1.74 -24.91
N GLU C 544 58.59 -1.51 -25.83
CA GLU C 544 58.04 -0.16 -26.00
C GLU C 544 56.97 0.16 -24.96
N VAL C 545 55.82 -0.51 -25.08
CA VAL C 545 54.64 -0.23 -24.26
C VAL C 545 53.83 -1.52 -24.21
N SER C 546 53.16 -1.75 -23.08
CA SER C 546 52.45 -3.01 -22.87
C SER C 546 51.35 -3.25 -23.90
N CYS C 547 50.75 -2.18 -24.44
CA CYS C 547 49.62 -2.31 -25.34
C CYS C 547 50.02 -2.59 -26.78
N CYS C 548 51.30 -2.52 -27.11
CA CYS C 548 51.78 -2.62 -28.48
C CYS C 548 52.58 -3.92 -28.62
N TRP C 549 51.93 -4.97 -29.09
CA TRP C 549 52.54 -6.29 -29.18
C TRP C 549 52.64 -6.74 -30.64
N THR C 550 53.41 -7.80 -30.86
CA THR C 550 53.59 -8.41 -32.16
C THR C 550 53.12 -9.86 -32.12
N CYS C 551 52.22 -10.22 -33.02
CA CYS C 551 51.70 -11.59 -33.09
C CYS C 551 52.69 -12.48 -33.81
N THR C 552 53.54 -13.17 -33.05
CA THR C 552 54.51 -14.09 -33.62
C THR C 552 53.91 -15.48 -33.71
N PRO C 553 53.87 -16.11 -34.90
CA PRO C 553 53.31 -17.46 -35.06
C PRO C 553 54.09 -18.53 -34.28
N ARG D 42 -27.86 -6.74 19.12
CA ARG D 42 -27.78 -8.17 18.86
C ARG D 42 -28.83 -8.60 17.82
N ARG D 43 -28.70 -9.83 17.34
CA ARG D 43 -29.63 -10.37 16.37
C ARG D 43 -30.89 -10.88 17.08
N VAL D 44 -31.88 -11.27 16.28
CA VAL D 44 -33.12 -11.81 16.81
C VAL D 44 -33.03 -13.32 16.87
N VAL D 45 -33.87 -13.90 17.73
CA VAL D 45 -33.90 -15.33 18.00
C VAL D 45 -35.35 -15.79 17.97
N ALA D 46 -35.57 -17.03 17.57
CA ALA D 46 -36.88 -17.67 17.67
C ALA D 46 -36.90 -18.48 18.97
N HIS D 47 -37.63 -17.98 19.96
CA HIS D 47 -37.73 -18.63 21.26
C HIS D 47 -39.06 -19.37 21.39
N MET D 48 -39.01 -20.54 22.02
CA MET D 48 -40.19 -21.30 22.36
C MET D 48 -39.90 -21.89 23.74
N PRO D 49 -40.76 -21.65 24.73
CA PRO D 49 -40.46 -22.10 26.10
C PRO D 49 -40.65 -23.60 26.27
N GLY D 50 -40.14 -24.09 27.38
CA GLY D 50 -40.25 -25.50 27.69
C GLY D 50 -39.28 -25.90 28.79
N ASP D 51 -39.38 -27.18 29.17
CA ASP D 51 -38.55 -27.70 30.25
C ASP D 51 -37.11 -27.92 29.78
N ILE D 52 -36.94 -28.32 28.53
CA ILE D 52 -35.63 -28.57 27.93
C ILE D 52 -35.53 -27.75 26.65
N ILE D 53 -34.43 -27.02 26.50
CA ILE D 53 -34.28 -26.06 25.40
C ILE D 53 -33.24 -26.59 24.43
N ILE D 54 -33.66 -26.83 23.19
CA ILE D 54 -32.79 -27.31 22.12
C ILE D 54 -32.46 -26.14 21.20
N GLY D 55 -31.18 -25.97 20.89
CA GLY D 55 -30.76 -24.93 19.98
C GLY D 55 -30.75 -25.39 18.53
N ALA D 56 -30.75 -24.42 17.62
CA ALA D 56 -30.73 -24.72 16.20
C ALA D 56 -30.14 -23.54 15.43
N LEU D 57 -29.38 -23.86 14.39
CA LEU D 57 -28.79 -22.86 13.51
C LEU D 57 -29.31 -23.06 12.10
N PHE D 58 -29.94 -22.03 11.54
CA PHE D 58 -30.42 -22.04 10.18
C PHE D 58 -29.99 -20.76 9.49
N SER D 59 -29.68 -20.86 8.19
CA SER D 59 -29.29 -19.69 7.41
C SER D 59 -30.57 -18.96 6.98
N VAL D 60 -31.11 -18.18 7.92
CA VAL D 60 -32.28 -17.37 7.61
C VAL D 60 -31.93 -16.25 6.64
N HIS D 61 -30.64 -15.96 6.48
CA HIS D 61 -30.18 -14.94 5.55
C HIS D 61 -28.96 -15.46 4.79
N HIS D 62 -28.66 -14.82 3.66
CA HIS D 62 -27.47 -15.13 2.91
C HIS D 62 -26.23 -14.56 3.58
N GLN D 63 -25.08 -15.16 3.27
CA GLN D 63 -23.84 -14.74 3.90
C GLN D 63 -23.47 -13.33 3.46
N PRO D 64 -22.77 -12.57 4.30
CA PRO D 64 -22.42 -11.20 3.95
C PRO D 64 -21.58 -11.13 2.68
N THR D 65 -21.84 -10.09 1.88
CA THR D 65 -20.98 -9.82 0.74
C THR D 65 -19.59 -9.42 1.22
N VAL D 66 -18.64 -9.46 0.28
CA VAL D 66 -17.22 -9.42 0.64
C VAL D 66 -16.87 -8.17 1.44
N ASP D 67 -17.59 -7.06 1.24
CA ASP D 67 -17.26 -5.84 1.95
C ASP D 67 -17.87 -5.80 3.35
N LYS D 68 -18.98 -6.50 3.57
CA LYS D 68 -19.63 -6.54 4.87
C LYS D 68 -19.28 -7.79 5.66
N VAL D 69 -18.28 -8.55 5.22
CA VAL D 69 -17.89 -9.76 5.94
C VAL D 69 -17.36 -9.41 7.32
N HIS D 70 -16.47 -8.42 7.39
CA HIS D 70 -15.92 -8.01 8.68
C HIS D 70 -17.02 -7.44 9.58
N GLU D 71 -18.00 -6.76 8.99
CA GLU D 71 -19.11 -6.19 9.73
C GLU D 71 -20.16 -7.23 10.08
N ARG D 72 -20.12 -8.39 9.43
CA ARG D 72 -21.07 -9.49 9.66
C ARG D 72 -22.51 -9.04 9.46
N LYS D 73 -22.73 -8.07 8.57
CA LYS D 73 -24.06 -7.73 8.11
C LYS D 73 -24.43 -8.66 6.96
N CYS D 74 -25.41 -9.52 7.17
CA CYS D 74 -25.72 -10.58 6.23
C CYS D 74 -26.58 -10.03 5.08
N GLY D 75 -26.95 -10.92 4.17
CA GLY D 75 -27.73 -10.57 3.00
C GLY D 75 -29.22 -10.72 3.20
N ALA D 76 -29.93 -11.00 2.11
CA ALA D 76 -31.38 -11.08 2.11
C ALA D 76 -31.85 -12.39 2.74
N VAL D 77 -33.16 -12.45 2.98
CA VAL D 77 -33.78 -13.59 3.65
C VAL D 77 -33.93 -14.75 2.67
N ARG D 78 -33.85 -15.97 3.19
CA ARG D 78 -33.92 -17.19 2.41
C ARG D 78 -35.13 -17.99 2.90
N GLU D 79 -35.93 -18.51 1.98
CA GLU D 79 -37.08 -19.29 2.45
C GLU D 79 -36.84 -20.80 2.50
N GLN D 80 -36.17 -21.42 1.52
CA GLN D 80 -35.93 -22.86 1.65
C GLN D 80 -34.97 -23.15 2.80
N TYR D 81 -33.75 -22.60 2.74
CA TYR D 81 -32.80 -22.93 3.79
C TYR D 81 -33.04 -22.17 5.08
N GLY D 82 -33.98 -21.21 5.08
CA GLY D 82 -34.25 -20.40 6.24
C GLY D 82 -35.63 -20.59 6.84
N ILE D 83 -36.57 -19.74 6.40
CA ILE D 83 -37.90 -19.65 6.99
C ILE D 83 -38.55 -21.03 7.11
N GLN D 84 -38.46 -21.84 6.05
CA GLN D 84 -39.13 -23.13 6.07
C GLN D 84 -38.53 -24.06 7.12
N ARG D 85 -37.21 -24.03 7.28
CA ARG D 85 -36.58 -24.88 8.28
C ARG D 85 -36.87 -24.38 9.69
N VAL D 86 -36.98 -23.06 9.89
CA VAL D 86 -37.36 -22.53 11.19
C VAL D 86 -38.78 -22.97 11.54
N GLU D 87 -39.71 -22.83 10.60
CA GLU D 87 -41.08 -23.26 10.84
C GLU D 87 -41.15 -24.76 11.09
N ALA D 88 -40.32 -25.54 10.38
CA ALA D 88 -40.29 -26.98 10.60
C ALA D 88 -39.80 -27.31 12.00
N MET D 89 -38.74 -26.64 12.46
CA MET D 89 -38.30 -26.75 13.84
C MET D 89 -39.46 -26.55 14.80
N LEU D 90 -40.14 -25.41 14.67
CA LEU D 90 -41.22 -25.06 15.59
C LEU D 90 -42.33 -26.11 15.58
N HIS D 91 -42.81 -26.48 14.40
CA HIS D 91 -43.95 -27.38 14.30
C HIS D 91 -43.59 -28.80 14.71
N THR D 92 -42.36 -29.25 14.41
CA THR D 92 -41.92 -30.56 14.85
C THR D 92 -41.85 -30.63 16.37
N LEU D 93 -41.34 -29.57 17.01
CA LEU D 93 -41.34 -29.56 18.47
C LEU D 93 -42.75 -29.55 19.04
N GLU D 94 -43.67 -28.81 18.40
CA GLU D 94 -45.08 -28.90 18.80
C GLU D 94 -45.57 -30.34 18.77
N ARG D 95 -45.38 -31.02 17.64
CA ARG D 95 -45.84 -32.40 17.50
C ARG D 95 -45.23 -33.30 18.57
N ILE D 96 -43.93 -33.14 18.82
CA ILE D 96 -43.26 -33.99 19.80
C ILE D 96 -43.79 -33.73 21.21
N ASN D 97 -44.11 -32.47 21.52
CA ASN D 97 -44.74 -32.17 22.80
C ASN D 97 -46.10 -32.85 22.90
N SER D 98 -46.93 -32.70 21.87
CA SER D 98 -48.27 -33.27 21.91
C SER D 98 -48.27 -34.79 21.83
N ASP D 99 -47.17 -35.40 21.42
CA ASP D 99 -47.08 -36.86 21.39
C ASP D 99 -46.95 -37.40 22.81
N PRO D 100 -47.90 -38.19 23.30
CA PRO D 100 -47.79 -38.72 24.67
C PRO D 100 -46.87 -39.93 24.78
N THR D 101 -46.51 -40.56 23.66
CA THR D 101 -45.58 -41.69 23.72
C THR D 101 -44.13 -41.21 23.83
N LEU D 102 -43.84 -40.02 23.32
CA LEU D 102 -42.49 -39.47 23.29
C LEU D 102 -42.41 -38.30 24.26
N LEU D 103 -41.54 -38.42 25.27
CA LEU D 103 -41.33 -37.39 26.29
C LEU D 103 -42.64 -36.94 26.92
N PRO D 104 -43.26 -37.78 27.75
CA PRO D 104 -44.50 -37.36 28.43
C PRO D 104 -44.19 -36.50 29.65
N ASN D 105 -45.03 -35.49 29.87
CA ASN D 105 -44.84 -34.50 30.93
C ASN D 105 -43.48 -33.80 30.83
N ILE D 106 -42.96 -33.68 29.62
CA ILE D 106 -41.74 -32.91 29.36
C ILE D 106 -41.98 -32.08 28.12
N THR D 107 -41.83 -30.76 28.23
CA THR D 107 -42.05 -29.83 27.14
C THR D 107 -40.72 -29.42 26.52
N LEU D 108 -40.63 -29.50 25.20
CA LEU D 108 -39.42 -29.16 24.47
C LEU D 108 -39.52 -27.72 23.97
N GLY D 109 -38.59 -26.88 24.40
CA GLY D 109 -38.45 -25.55 23.88
C GLY D 109 -37.30 -25.45 22.89
N CYS D 110 -37.05 -24.22 22.43
CA CYS D 110 -36.04 -24.03 21.41
C CYS D 110 -35.55 -22.59 21.39
N GLU D 111 -34.29 -22.44 20.99
CA GLU D 111 -33.62 -21.16 20.75
C GLU D 111 -32.99 -21.23 19.36
N ILE D 112 -33.67 -20.68 18.36
CA ILE D 112 -33.25 -20.77 16.96
C ILE D 112 -32.54 -19.48 16.59
N ARG D 113 -31.33 -19.59 16.06
CA ARG D 113 -30.51 -18.44 15.72
C ARG D 113 -30.05 -18.52 14.27
N ASP D 114 -29.63 -17.36 13.76
CA ASP D 114 -29.23 -17.22 12.37
C ASP D 114 -27.79 -17.69 12.18
N SER D 115 -27.56 -18.50 11.15
CA SER D 115 -26.19 -18.89 10.81
C SER D 115 -25.59 -18.05 9.71
N CYS D 116 -26.42 -17.52 8.79
CA CYS D 116 -25.98 -16.80 7.60
C CYS D 116 -25.08 -17.65 6.71
N TRP D 117 -25.09 -18.97 6.88
CA TRP D 117 -24.25 -19.87 6.10
C TRP D 117 -22.81 -19.38 6.11
N HIS D 118 -22.32 -18.98 7.29
CA HIS D 118 -21.06 -18.28 7.41
C HIS D 118 -20.46 -18.59 8.77
N SER D 119 -19.14 -18.83 8.79
CA SER D 119 -18.50 -19.33 10.00
C SER D 119 -18.44 -18.26 11.09
N ALA D 120 -18.14 -17.02 10.74
CA ALA D 120 -18.02 -15.96 11.75
C ALA D 120 -19.36 -15.74 12.45
N VAL D 121 -20.44 -15.62 11.67
CA VAL D 121 -21.76 -15.38 12.24
C VAL D 121 -22.22 -16.58 13.06
N ALA D 122 -21.98 -17.79 12.54
CA ALA D 122 -22.38 -19.00 13.27
C ALA D 122 -21.61 -19.11 14.58
N LEU D 123 -20.32 -18.76 14.57
CA LEU D 123 -19.53 -18.80 15.80
C LEU D 123 -20.02 -17.75 16.79
N GLU D 124 -20.37 -16.56 16.28
CA GLU D 124 -20.99 -15.52 17.09
C GLU D 124 -22.22 -16.08 17.83
N GLN D 125 -23.14 -16.68 17.08
CA GLN D 125 -24.38 -17.16 17.70
C GLN D 125 -24.13 -18.36 18.60
N SER D 126 -23.14 -19.20 18.27
CA SER D 126 -22.81 -20.33 19.12
C SER D 126 -22.23 -19.86 20.45
N ILE D 127 -21.43 -18.79 20.43
CA ILE D 127 -21.02 -18.15 21.68
C ILE D 127 -22.23 -17.67 22.44
N GLU D 128 -23.20 -17.07 21.73
CA GLU D 128 -24.43 -16.64 22.40
C GLU D 128 -25.16 -17.81 23.04
N PHE D 129 -25.01 -19.02 22.49
CA PHE D 129 -25.64 -20.19 23.11
C PHE D 129 -25.07 -20.45 24.51
N ILE D 130 -23.76 -20.27 24.69
CA ILE D 130 -23.08 -20.65 25.92
C ILE D 130 -22.73 -19.45 26.78
N ARG D 131 -23.23 -18.26 26.45
CA ARG D 131 -22.78 -17.06 27.16
C ARG D 131 -23.19 -17.10 28.63
N ASP D 132 -24.44 -17.47 28.91
CA ASP D 132 -24.87 -17.57 30.30
C ASP D 132 -24.27 -18.80 30.98
N SER D 133 -23.94 -19.83 30.21
CA SER D 133 -23.30 -21.02 30.76
C SER D 133 -21.89 -20.77 31.25
N LEU D 134 -21.37 -19.55 31.11
CA LEU D 134 -20.03 -19.23 31.58
C LEU D 134 -20.00 -18.62 32.97
N ILE D 135 -21.10 -18.05 33.44
CA ILE D 135 -21.16 -17.44 34.77
C ILE D 135 -21.28 -18.56 35.78
N SER D 136 -20.15 -18.97 36.36
CA SER D 136 -20.08 -20.09 37.29
C SER D 136 -20.78 -21.34 36.75
N LYS D 157 -31.14 -18.16 33.13
CA LYS D 157 -31.46 -18.46 31.74
C LYS D 157 -31.32 -19.95 31.46
N LYS D 158 -32.45 -20.63 31.34
CA LYS D 158 -32.51 -22.07 31.11
C LYS D 158 -31.60 -22.45 29.94
N PRO D 159 -30.56 -23.26 30.18
CA PRO D 159 -29.49 -23.40 29.19
C PRO D 159 -29.82 -24.39 28.08
N ILE D 160 -28.97 -24.35 27.05
CA ILE D 160 -29.13 -25.18 25.84
C ILE D 160 -28.65 -26.59 26.13
N VAL D 161 -29.38 -27.58 25.60
CA VAL D 161 -29.06 -28.98 25.79
C VAL D 161 -28.40 -29.58 24.54
N GLY D 162 -28.88 -29.20 23.35
CA GLY D 162 -28.31 -29.69 22.11
C GLY D 162 -28.51 -28.67 21.01
N VAL D 163 -27.94 -28.97 19.84
CA VAL D 163 -27.93 -28.05 18.71
C VAL D 163 -28.24 -28.82 17.43
N ILE D 164 -29.17 -28.29 16.63
CA ILE D 164 -29.47 -28.82 15.30
C ILE D 164 -28.83 -27.92 14.26
N GLY D 165 -28.04 -28.51 13.36
CA GLY D 165 -27.38 -27.75 12.32
C GLY D 165 -25.89 -27.58 12.60
N PRO D 166 -25.21 -26.72 11.81
CA PRO D 166 -25.71 -25.99 10.64
C PRO D 166 -25.63 -26.79 9.34
N GLY D 167 -25.65 -26.08 8.21
CA GLY D 167 -25.65 -26.72 6.91
C GLY D 167 -24.28 -27.03 6.33
N SER D 168 -23.43 -26.02 6.21
CA SER D 168 -22.12 -26.20 5.60
C SER D 168 -21.23 -27.07 6.49
N SER D 169 -20.45 -27.95 5.86
CA SER D 169 -19.56 -28.82 6.62
C SER D 169 -18.48 -28.02 7.33
N SER D 170 -17.92 -27.02 6.66
CA SER D 170 -16.92 -26.15 7.30
C SER D 170 -17.53 -25.39 8.47
N VAL D 171 -18.72 -24.81 8.26
CA VAL D 171 -19.40 -24.09 9.33
C VAL D 171 -19.75 -25.04 10.47
N ALA D 172 -20.16 -26.28 10.13
CA ALA D 172 -20.46 -27.27 11.16
C ALA D 172 -19.22 -27.59 11.97
N ILE D 173 -18.06 -27.73 11.31
CA ILE D 173 -16.81 -27.97 12.02
C ILE D 173 -16.51 -26.83 12.98
N GLN D 174 -16.66 -25.60 12.49
CA GLN D 174 -16.34 -24.44 13.31
C GLN D 174 -17.24 -24.38 14.54
N VAL D 175 -18.52 -24.69 14.38
CA VAL D 175 -19.44 -24.66 15.52
C VAL D 175 -19.16 -25.81 16.47
N GLN D 176 -18.84 -26.99 15.93
CA GLN D 176 -18.55 -28.15 16.77
C GLN D 176 -17.31 -27.93 17.62
N ASN D 177 -16.29 -27.26 17.06
CA ASN D 177 -15.09 -27.00 17.82
C ASN D 177 -15.38 -26.19 19.09
N LEU D 178 -16.43 -25.37 19.07
CA LEU D 178 -16.87 -24.65 20.26
C LEU D 178 -17.80 -25.48 21.13
N LEU D 179 -18.78 -26.16 20.51
CA LEU D 179 -19.79 -26.87 21.29
C LEU D 179 -19.21 -28.06 22.04
N GLN D 180 -18.14 -28.67 21.52
CA GLN D 180 -17.54 -29.81 22.21
C GLN D 180 -16.95 -29.41 23.56
N LEU D 181 -16.50 -28.16 23.69
CA LEU D 181 -15.90 -27.71 24.94
C LEU D 181 -16.91 -27.77 26.08
N PHE D 182 -18.17 -27.46 25.81
CA PHE D 182 -19.20 -27.41 26.83
C PHE D 182 -20.09 -28.66 26.81
N ASN D 183 -19.68 -29.71 26.11
CA ASN D 183 -20.37 -30.99 26.12
C ASN D 183 -21.82 -30.87 25.67
N ILE D 184 -22.03 -30.08 24.62
CA ILE D 184 -23.36 -29.91 24.01
C ILE D 184 -23.40 -30.75 22.74
N PRO D 185 -24.26 -31.77 22.66
CA PRO D 185 -24.34 -32.57 21.44
C PRO D 185 -24.87 -31.75 20.28
N GLN D 186 -24.50 -32.19 19.07
CA GLN D 186 -24.84 -31.49 17.85
C GLN D 186 -25.27 -32.51 16.81
N ILE D 187 -26.43 -32.28 16.19
CA ILE D 187 -26.98 -33.18 15.17
C ILE D 187 -27.23 -32.35 13.91
N ALA D 188 -26.56 -32.71 12.82
CA ALA D 188 -26.62 -31.98 11.57
C ALA D 188 -27.52 -32.69 10.56
N TYR D 189 -27.90 -31.94 9.53
CA TYR D 189 -28.86 -32.44 8.54
C TYR D 189 -28.42 -32.29 7.10
N SER D 190 -27.31 -31.60 6.82
CA SER D 190 -26.80 -31.57 5.45
C SER D 190 -25.28 -31.60 5.36
N ALA D 191 -24.55 -31.63 6.47
CA ALA D 191 -23.09 -31.65 6.43
C ALA D 191 -22.60 -33.08 6.19
N THR D 192 -21.91 -33.30 5.07
CA THR D 192 -21.56 -34.64 4.63
C THR D 192 -20.05 -34.86 4.52
N SER D 193 -19.24 -33.93 5.00
CA SER D 193 -17.79 -34.11 4.95
C SER D 193 -17.38 -35.35 5.74
N MET D 194 -16.46 -36.12 5.16
CA MET D 194 -15.92 -37.28 5.87
C MET D 194 -15.10 -36.87 7.07
N ASP D 195 -14.61 -35.62 7.11
CA ASP D 195 -13.78 -35.16 8.22
C ASP D 195 -14.52 -35.26 9.55
N LEU D 196 -15.85 -35.05 9.52
CA LEU D 196 -16.66 -35.07 10.72
C LEU D 196 -16.88 -36.47 11.29
N SER D 197 -16.39 -37.51 10.60
CA SER D 197 -16.49 -38.87 11.12
C SER D 197 -15.41 -39.20 12.14
N ASP D 198 -14.41 -38.33 12.30
CA ASP D 198 -13.38 -38.51 13.31
C ASP D 198 -13.92 -38.07 14.66
N LYS D 199 -14.04 -39.00 15.60
CA LYS D 199 -14.66 -38.69 16.89
C LYS D 199 -13.66 -38.29 17.97
N THR D 200 -12.36 -38.42 17.72
CA THR D 200 -11.39 -37.80 18.61
C THR D 200 -11.25 -36.30 18.35
N LEU D 201 -11.73 -35.84 17.19
CA LEU D 201 -11.73 -34.43 16.83
C LEU D 201 -13.11 -33.80 16.89
N PHE D 202 -14.18 -34.59 16.83
CA PHE D 202 -15.55 -34.08 16.79
C PHE D 202 -16.46 -34.94 17.65
N LYS D 203 -16.03 -35.22 18.89
CA LYS D 203 -16.69 -36.22 19.72
C LYS D 203 -18.20 -36.01 19.81
N TYR D 204 -18.66 -34.77 19.94
CA TYR D 204 -20.09 -34.53 20.09
C TYR D 204 -20.75 -34.08 18.80
N PHE D 205 -20.33 -34.63 17.66
CA PHE D 205 -20.98 -34.36 16.39
C PHE D 205 -21.64 -35.62 15.85
N MET D 206 -22.84 -35.46 15.30
CA MET D 206 -23.60 -36.55 14.72
C MET D 206 -24.42 -35.99 13.57
N ARG D 207 -24.80 -36.86 12.64
CA ARG D 207 -25.62 -36.40 11.52
C ARG D 207 -26.56 -37.51 11.05
N VAL D 208 -27.70 -37.08 10.51
CA VAL D 208 -28.66 -37.98 9.91
C VAL D 208 -28.47 -38.10 8.40
N VAL D 209 -27.41 -37.52 7.87
CA VAL D 209 -27.05 -37.68 6.46
C VAL D 209 -25.85 -38.61 6.35
N PRO D 210 -25.71 -39.33 5.24
CA PRO D 210 -24.52 -40.15 5.04
C PRO D 210 -23.33 -39.30 4.58
N SER D 211 -22.14 -39.75 4.97
CA SER D 211 -20.92 -39.11 4.50
C SER D 211 -20.68 -39.45 3.03
N ASP D 212 -19.81 -38.67 2.40
CA ASP D 212 -19.44 -38.89 1.01
C ASP D 212 -18.87 -40.29 0.80
N ALA D 213 -18.35 -40.92 1.86
CA ALA D 213 -17.89 -42.29 1.77
C ALA D 213 -18.99 -43.24 1.32
N GLN D 214 -20.24 -42.95 1.69
CA GLN D 214 -21.35 -43.77 1.22
C GLN D 214 -21.55 -43.61 -0.28
N GLN D 215 -21.33 -42.41 -0.81
CA GLN D 215 -21.34 -42.23 -2.26
C GLN D 215 -20.25 -43.07 -2.92
N ALA D 216 -19.05 -43.06 -2.34
CA ALA D 216 -17.98 -43.90 -2.88
C ALA D 216 -18.37 -45.37 -2.87
N ARG D 217 -18.98 -45.83 -1.77
CA ARG D 217 -19.44 -47.21 -1.69
C ARG D 217 -20.45 -47.53 -2.78
N ALA D 218 -21.41 -46.62 -3.00
CA ALA D 218 -22.43 -46.84 -4.02
C ALA D 218 -21.81 -46.91 -5.41
N MET D 219 -20.79 -46.09 -5.67
CA MET D 219 -20.13 -46.15 -6.98
C MET D 219 -19.39 -47.47 -7.15
N VAL D 220 -18.74 -47.95 -6.09
CA VAL D 220 -18.08 -49.25 -6.17
C VAL D 220 -19.09 -50.34 -6.49
N ASP D 221 -20.27 -50.27 -5.86
CA ASP D 221 -21.29 -51.29 -6.14
C ASP D 221 -21.82 -51.18 -7.57
N ILE D 222 -21.98 -49.96 -8.08
CA ILE D 222 -22.40 -49.78 -9.47
C ILE D 222 -21.36 -50.36 -10.42
N VAL D 223 -20.08 -50.14 -10.12
CA VAL D 223 -19.01 -50.70 -10.96
C VAL D 223 -19.04 -52.22 -10.91
N LYS D 224 -19.28 -52.80 -9.72
CA LYS D 224 -19.40 -54.24 -9.61
C LYS D 224 -20.55 -54.78 -10.45
N ARG D 225 -21.72 -54.13 -10.37
CA ARG D 225 -22.92 -54.65 -11.03
C ARG D 225 -22.76 -54.79 -12.54
N TYR D 226 -21.80 -54.10 -13.15
CA TYR D 226 -21.62 -54.15 -14.60
C TYR D 226 -20.24 -54.65 -14.99
N ASN D 227 -19.52 -55.29 -14.06
CA ASN D 227 -18.22 -55.90 -14.32
C ASN D 227 -17.28 -54.97 -15.07
N TRP D 228 -17.10 -53.77 -14.51
CA TRP D 228 -16.18 -52.76 -15.02
C TRP D 228 -14.90 -52.84 -14.18
N THR D 229 -14.10 -53.87 -14.43
CA THR D 229 -13.00 -54.19 -13.52
C THR D 229 -11.80 -53.26 -13.69
N TYR D 230 -11.63 -52.61 -14.84
CA TYR D 230 -10.52 -51.71 -15.08
C TYR D 230 -11.07 -50.35 -15.48
N VAL D 231 -10.86 -49.34 -14.64
CA VAL D 231 -11.46 -48.02 -14.83
C VAL D 231 -10.42 -46.95 -14.53
N SER D 232 -10.59 -45.79 -15.15
CA SER D 232 -9.80 -44.61 -14.81
C SER D 232 -10.51 -43.80 -13.73
N ALA D 233 -9.78 -42.90 -13.09
CA ALA D 233 -10.29 -42.18 -11.93
C ALA D 233 -9.92 -40.70 -12.01
N VAL D 234 -10.92 -39.83 -11.81
CA VAL D 234 -10.73 -38.39 -11.79
C VAL D 234 -11.50 -37.84 -10.61
N HIS D 235 -10.85 -36.99 -9.80
CA HIS D 235 -11.53 -36.31 -8.72
C HIS D 235 -11.17 -34.83 -8.73
N THR D 236 -11.99 -34.04 -8.05
CA THR D 236 -11.77 -32.59 -7.99
C THR D 236 -10.89 -32.25 -6.80
N GLU D 237 -9.88 -31.41 -7.04
CA GLU D 237 -8.99 -30.94 -5.99
C GLU D 237 -9.78 -30.26 -4.87
N GLY D 238 -9.60 -30.75 -3.65
CA GLY D 238 -10.24 -30.19 -2.49
C GLY D 238 -10.66 -31.29 -1.53
N ASN D 239 -11.49 -30.93 -0.56
CA ASN D 239 -11.97 -31.89 0.42
C ASN D 239 -12.84 -32.96 -0.23
N TYR D 240 -13.94 -32.54 -0.86
CA TYR D 240 -14.90 -33.45 -1.47
C TYR D 240 -14.20 -34.47 -2.36
N GLY D 241 -13.50 -33.97 -3.39
CA GLY D 241 -12.92 -34.86 -4.37
C GLY D 241 -11.89 -35.81 -3.78
N GLU D 242 -10.93 -35.27 -3.03
CA GLU D 242 -9.84 -36.11 -2.53
C GLU D 242 -10.35 -37.15 -1.54
N SER D 243 -11.23 -36.75 -0.62
CA SER D 243 -11.76 -37.70 0.35
C SER D 243 -12.59 -38.78 -0.33
N GLY D 244 -13.52 -38.39 -1.19
CA GLY D 244 -14.34 -39.38 -1.87
C GLY D 244 -13.53 -40.30 -2.76
N MET D 245 -12.49 -39.77 -3.40
CA MET D 245 -11.67 -40.60 -4.29
C MET D 245 -10.78 -41.54 -3.51
N GLU D 246 -10.27 -41.13 -2.34
CA GLU D 246 -9.54 -42.07 -1.50
C GLU D 246 -10.45 -43.18 -1.00
N ALA D 247 -11.68 -42.83 -0.59
CA ALA D 247 -12.63 -43.85 -0.19
C ALA D 247 -12.94 -44.81 -1.35
N PHE D 248 -13.09 -44.26 -2.56
CA PHE D 248 -13.36 -45.10 -3.73
C PHE D 248 -12.19 -46.00 -4.04
N LYS D 249 -10.97 -45.47 -4.03
CA LYS D 249 -9.77 -46.28 -4.23
C LYS D 249 -9.74 -47.45 -3.27
N ASP D 250 -9.88 -47.16 -1.97
CA ASP D 250 -9.82 -48.21 -0.95
C ASP D 250 -10.89 -49.27 -1.18
N MET D 251 -12.16 -48.84 -1.32
CA MET D 251 -13.26 -49.79 -1.42
C MET D 251 -13.17 -50.60 -2.71
N SER D 252 -12.79 -49.98 -3.83
CA SER D 252 -12.71 -50.69 -5.09
C SER D 252 -11.51 -51.62 -5.14
N ALA D 253 -10.41 -51.27 -4.47
CA ALA D 253 -9.31 -52.21 -4.34
C ALA D 253 -9.73 -53.43 -3.54
N LYS D 254 -10.51 -53.22 -2.47
CA LYS D 254 -10.96 -54.35 -1.67
C LYS D 254 -11.98 -55.23 -2.40
N GLU D 255 -12.59 -54.74 -3.48
CA GLU D 255 -13.57 -55.51 -4.23
C GLU D 255 -13.04 -55.94 -5.60
N GLY D 256 -11.72 -56.05 -5.75
CA GLY D 256 -11.13 -56.54 -6.97
C GLY D 256 -11.32 -55.66 -8.18
N ILE D 257 -11.15 -54.34 -8.02
CA ILE D 257 -11.31 -53.39 -9.10
C ILE D 257 -10.02 -52.58 -9.22
N CYS D 258 -9.48 -52.53 -10.43
CA CYS D 258 -8.16 -51.96 -10.67
C CYS D 258 -8.30 -50.59 -11.34
N ILE D 259 -7.51 -49.64 -10.87
CA ILE D 259 -7.57 -48.26 -11.35
C ILE D 259 -6.40 -48.05 -12.31
N ALA D 260 -6.73 -47.71 -13.56
CA ALA D 260 -5.69 -47.45 -14.56
C ALA D 260 -4.72 -46.38 -14.07
N HIS D 261 -5.26 -45.24 -13.64
CA HIS D 261 -4.49 -44.19 -13.00
C HIS D 261 -5.45 -43.15 -12.46
N SER D 262 -5.07 -42.54 -11.35
CA SER D 262 -5.88 -41.49 -10.74
C SER D 262 -5.41 -40.12 -11.19
N TYR D 263 -6.34 -39.18 -11.26
CA TYR D 263 -6.05 -37.84 -11.70
C TYR D 263 -6.81 -36.84 -10.84
N LYS D 264 -6.34 -35.61 -10.85
CA LYS D 264 -6.91 -34.56 -10.01
C LYS D 264 -6.72 -33.21 -10.68
N ILE D 265 -7.66 -32.31 -10.44
CA ILE D 265 -7.73 -31.05 -11.19
C ILE D 265 -8.71 -30.12 -10.47
N TYR D 266 -8.54 -28.81 -10.63
CA TYR D 266 -9.57 -27.91 -10.10
C TYR D 266 -10.57 -27.56 -11.18
N SER D 267 -11.74 -27.09 -10.74
CA SER D 267 -12.79 -26.68 -11.66
C SER D 267 -12.37 -25.47 -12.50
N ASN D 268 -11.47 -24.64 -11.97
CA ASN D 268 -11.05 -23.42 -12.63
C ASN D 268 -9.71 -23.57 -13.36
N ALA D 269 -9.30 -24.81 -13.66
CA ALA D 269 -7.93 -25.05 -14.11
C ALA D 269 -7.68 -24.40 -15.47
N GLY D 270 -8.60 -24.57 -16.41
CA GLY D 270 -8.48 -23.96 -17.72
C GLY D 270 -8.51 -24.99 -18.83
N GLU D 271 -8.69 -24.48 -20.05
CA GLU D 271 -8.84 -25.34 -21.23
C GLU D 271 -7.61 -26.20 -21.45
N GLN D 272 -6.41 -25.61 -21.41
CA GLN D 272 -5.18 -26.37 -21.54
C GLN D 272 -5.14 -27.53 -20.55
N SER D 273 -5.51 -27.26 -19.30
CA SER D 273 -5.41 -28.26 -18.26
C SER D 273 -6.34 -29.44 -18.52
N PHE D 274 -7.60 -29.17 -18.86
CA PHE D 274 -8.51 -30.29 -19.08
C PHE D 274 -8.20 -31.00 -20.38
N ASP D 275 -7.64 -30.31 -21.38
CA ASP D 275 -7.22 -30.99 -22.59
C ASP D 275 -6.08 -31.96 -22.30
N LYS D 276 -5.11 -31.54 -21.48
CA LYS D 276 -4.05 -32.46 -21.07
C LYS D 276 -4.62 -33.64 -20.28
N LEU D 277 -5.57 -33.36 -19.37
CA LEU D 277 -6.21 -34.42 -18.60
C LEU D 277 -6.91 -35.43 -19.53
N LEU D 278 -7.63 -34.93 -20.53
CA LEU D 278 -8.36 -35.83 -21.42
C LEU D 278 -7.40 -36.62 -22.30
N LYS D 279 -6.28 -36.04 -22.69
CA LYS D 279 -5.27 -36.79 -23.43
C LYS D 279 -4.70 -37.92 -22.56
N LYS D 280 -4.42 -37.62 -21.29
CA LYS D 280 -3.98 -38.67 -20.38
C LYS D 280 -5.04 -39.74 -20.19
N LEU D 281 -6.32 -39.36 -20.22
CA LEU D 281 -7.39 -40.36 -20.12
C LEU D 281 -7.44 -41.23 -21.38
N THR D 282 -7.32 -40.62 -22.55
CA THR D 282 -7.31 -41.39 -23.80
C THR D 282 -6.10 -42.32 -23.87
N SER D 283 -5.02 -41.99 -23.16
CA SER D 283 -3.86 -42.87 -23.12
C SER D 283 -4.22 -44.29 -22.67
N HIS D 284 -5.27 -44.43 -21.86
CA HIS D 284 -5.68 -45.73 -21.35
C HIS D 284 -6.70 -46.42 -22.25
N LEU D 285 -7.15 -45.78 -23.32
CA LEU D 285 -8.09 -46.41 -24.24
C LEU D 285 -7.38 -47.53 -25.02
N PRO D 286 -8.13 -48.58 -25.41
CA PRO D 286 -9.56 -48.79 -25.17
C PRO D 286 -9.87 -49.66 -23.96
N LYS D 287 -8.84 -50.04 -23.19
CA LYS D 287 -9.05 -50.97 -22.10
C LYS D 287 -9.98 -50.38 -21.04
N ALA D 288 -9.65 -49.19 -20.54
CA ALA D 288 -10.42 -48.55 -19.47
C ALA D 288 -11.25 -47.42 -20.08
N ARG D 289 -12.52 -47.72 -20.37
CA ARG D 289 -13.43 -46.74 -20.95
C ARG D 289 -14.31 -46.05 -19.91
N VAL D 290 -14.41 -46.60 -18.71
CA VAL D 290 -15.24 -46.02 -17.64
C VAL D 290 -14.36 -45.16 -16.74
N VAL D 291 -14.80 -43.93 -16.49
CA VAL D 291 -14.06 -42.96 -15.69
C VAL D 291 -14.89 -42.65 -14.45
N ALA D 292 -14.44 -43.15 -13.30
CA ALA D 292 -15.08 -42.79 -12.03
C ALA D 292 -14.68 -41.38 -11.65
N CYS D 293 -15.65 -40.48 -11.58
CA CYS D 293 -15.42 -39.04 -11.41
C CYS D 293 -16.03 -38.63 -10.08
N PHE D 294 -15.20 -38.46 -9.05
CA PHE D 294 -15.64 -37.87 -7.79
C PHE D 294 -15.39 -36.38 -7.95
N CYS D 295 -16.37 -35.70 -8.51
CA CYS D 295 -16.15 -34.40 -9.11
C CYS D 295 -17.34 -33.50 -8.82
N GLU D 296 -17.07 -32.22 -8.56
CA GLU D 296 -18.15 -31.26 -8.60
C GLU D 296 -18.48 -30.91 -10.05
N GLY D 297 -19.66 -30.32 -10.24
CA GLY D 297 -20.27 -30.28 -11.56
C GLY D 297 -19.38 -29.66 -12.63
N MET D 298 -18.65 -28.60 -12.27
CA MET D 298 -17.89 -27.87 -13.28
C MET D 298 -16.66 -28.63 -13.75
N THR D 299 -16.11 -29.52 -12.91
CA THR D 299 -15.06 -30.40 -13.39
C THR D 299 -15.59 -31.33 -14.49
N VAL D 300 -16.78 -31.90 -14.27
CA VAL D 300 -17.40 -32.75 -15.28
C VAL D 300 -17.69 -31.94 -16.55
N ARG D 301 -18.18 -30.71 -16.39
CA ARG D 301 -18.48 -29.89 -17.56
C ARG D 301 -17.20 -29.55 -18.33
N GLY D 302 -16.10 -29.32 -17.62
CA GLY D 302 -14.84 -29.09 -18.30
C GLY D 302 -14.36 -30.32 -19.06
N LEU D 303 -14.51 -31.50 -18.46
CA LEU D 303 -14.21 -32.73 -19.20
C LEU D 303 -15.05 -32.84 -20.46
N LEU D 304 -16.33 -32.48 -20.37
CA LEU D 304 -17.21 -32.55 -21.53
C LEU D 304 -16.77 -31.57 -22.62
N MET D 305 -16.43 -30.34 -22.22
CA MET D 305 -15.97 -29.36 -23.19
C MET D 305 -14.63 -29.76 -23.80
N ALA D 306 -13.77 -30.45 -23.04
CA ALA D 306 -12.53 -30.97 -23.61
C ALA D 306 -12.81 -32.08 -24.61
N MET D 307 -13.79 -32.93 -24.33
CA MET D 307 -14.20 -33.94 -25.31
C MET D 307 -14.69 -33.29 -26.59
N ARG D 308 -15.47 -32.20 -26.46
CA ARG D 308 -15.87 -31.42 -27.63
C ARG D 308 -14.65 -30.92 -28.40
N ARG D 309 -13.69 -30.33 -27.68
CA ARG D 309 -12.53 -29.73 -28.34
C ARG D 309 -11.71 -30.79 -29.09
N LEU D 310 -11.55 -31.96 -28.49
CA LEU D 310 -10.73 -33.00 -29.10
C LEU D 310 -11.51 -33.96 -29.99
N GLY D 311 -12.84 -33.91 -29.95
CA GLY D 311 -13.63 -34.77 -30.80
C GLY D 311 -13.72 -36.20 -30.36
N LEU D 312 -13.34 -36.50 -29.11
CA LEU D 312 -13.38 -37.85 -28.57
C LEU D 312 -14.71 -38.19 -27.94
N ALA D 313 -15.79 -37.54 -28.38
CA ALA D 313 -17.12 -37.81 -27.82
C ALA D 313 -17.53 -39.25 -28.08
N GLY D 314 -18.38 -39.78 -27.20
CA GLY D 314 -18.85 -41.14 -27.33
C GLY D 314 -17.77 -42.18 -27.17
N GLU D 315 -16.72 -41.89 -26.40
CA GLU D 315 -15.64 -42.82 -26.15
C GLU D 315 -15.55 -43.26 -24.70
N PHE D 316 -15.93 -42.39 -23.77
CA PHE D 316 -15.87 -42.68 -22.33
C PHE D 316 -17.28 -42.76 -21.75
N LEU D 317 -17.38 -43.40 -20.60
CA LEU D 317 -18.56 -43.34 -19.74
C LEU D 317 -18.17 -42.69 -18.43
N LEU D 318 -18.91 -41.68 -18.01
CA LEU D 318 -18.65 -40.98 -16.77
C LEU D 318 -19.57 -41.50 -15.67
N LEU D 319 -18.98 -41.74 -14.50
CA LEU D 319 -19.70 -42.19 -13.30
C LEU D 319 -19.46 -41.13 -12.22
N GLY D 320 -20.35 -40.16 -12.14
CA GLY D 320 -20.15 -38.98 -11.33
C GLY D 320 -20.80 -39.04 -9.96
N SER D 321 -20.16 -38.37 -9.00
CA SER D 321 -20.72 -38.19 -7.68
C SER D 321 -21.87 -37.18 -7.73
N ASP D 322 -22.50 -36.93 -6.58
CA ASP D 322 -23.63 -36.02 -6.59
C ASP D 322 -23.24 -34.56 -6.82
N GLY D 323 -21.95 -34.27 -7.01
CA GLY D 323 -21.57 -32.96 -7.51
C GLY D 323 -22.22 -32.65 -8.85
N TRP D 324 -22.42 -33.67 -9.67
CA TRP D 324 -23.21 -33.61 -10.90
C TRP D 324 -24.29 -34.69 -10.78
N ALA D 325 -25.39 -34.36 -10.10
CA ALA D 325 -26.46 -35.34 -9.90
C ALA D 325 -27.43 -35.36 -11.07
N ASP D 326 -28.17 -34.26 -11.25
CA ASP D 326 -29.01 -34.03 -12.42
C ASP D 326 -28.98 -32.56 -12.79
N ARG D 327 -27.85 -31.91 -12.53
CA ARG D 327 -27.70 -30.47 -12.74
C ARG D 327 -27.59 -30.20 -14.24
N TYR D 328 -28.59 -29.50 -14.78
CA TYR D 328 -28.61 -29.22 -16.21
C TYR D 328 -27.52 -28.24 -16.61
N ASP D 329 -27.15 -27.31 -15.72
CA ASP D 329 -26.05 -26.39 -16.00
C ASP D 329 -24.71 -27.09 -16.13
N VAL D 330 -24.64 -28.40 -15.90
CA VAL D 330 -23.43 -29.18 -16.18
C VAL D 330 -23.44 -29.73 -17.61
N THR D 331 -24.62 -29.88 -18.22
CA THR D 331 -24.73 -30.52 -19.52
C THR D 331 -25.44 -29.69 -20.58
N ASP D 332 -25.89 -28.46 -20.26
CA ASP D 332 -26.77 -27.71 -21.16
C ASP D 332 -26.24 -27.62 -22.59
N GLY D 333 -24.94 -27.47 -22.76
CA GLY D 333 -24.42 -27.23 -24.08
C GLY D 333 -23.82 -28.43 -24.79
N TYR D 334 -23.47 -29.48 -24.03
CA TYR D 334 -22.68 -30.59 -24.54
C TYR D 334 -23.33 -31.92 -24.20
N GLN D 335 -24.62 -32.05 -24.56
CA GLN D 335 -25.34 -33.29 -24.28
C GLN D 335 -24.73 -34.48 -25.00
N ARG D 336 -24.20 -34.28 -26.22
CA ARG D 336 -23.67 -35.39 -27.01
C ARG D 336 -22.51 -36.07 -26.30
N GLU D 337 -21.70 -35.31 -25.58
CA GLU D 337 -20.50 -35.86 -24.94
C GLU D 337 -20.82 -36.57 -23.63
N ALA D 338 -21.88 -36.14 -22.94
CA ALA D 338 -22.22 -36.70 -21.63
C ALA D 338 -23.23 -37.84 -21.71
N VAL D 339 -23.77 -38.13 -22.89
CA VAL D 339 -24.82 -39.15 -22.99
C VAL D 339 -24.31 -40.49 -22.47
N GLY D 340 -25.18 -41.20 -21.74
CA GLY D 340 -24.84 -42.48 -21.18
C GLY D 340 -24.26 -42.44 -19.79
N GLY D 341 -23.97 -41.26 -19.25
CA GLY D 341 -23.34 -41.17 -17.94
C GLY D 341 -24.31 -41.53 -16.83
N ILE D 342 -23.74 -42.06 -15.75
CA ILE D 342 -24.50 -42.48 -14.57
C ILE D 342 -24.05 -41.62 -13.39
N THR D 343 -25.00 -41.11 -12.62
CA THR D 343 -24.70 -40.22 -11.52
C THR D 343 -25.53 -40.61 -10.30
N ILE D 344 -25.13 -40.07 -9.15
CA ILE D 344 -25.76 -40.30 -7.87
C ILE D 344 -26.44 -39.02 -7.41
N LYS D 345 -27.60 -39.16 -6.77
CA LYS D 345 -28.34 -38.03 -6.22
C LYS D 345 -28.88 -38.42 -4.85
N LEU D 346 -28.66 -37.59 -3.85
CA LEU D 346 -29.12 -37.93 -2.51
C LEU D 346 -30.64 -37.89 -2.49
N GLN D 347 -31.26 -39.03 -2.17
CA GLN D 347 -32.71 -39.15 -2.22
C GLN D 347 -33.34 -38.51 -0.98
N SER D 348 -34.34 -37.65 -1.21
CA SER D 348 -34.98 -36.91 -0.12
C SER D 348 -36.43 -36.66 -0.50
N PRO D 349 -37.36 -37.44 0.03
CA PRO D 349 -38.77 -37.27 -0.32
C PRO D 349 -39.42 -36.14 0.47
N ASP D 350 -40.52 -35.63 -0.08
CA ASP D 350 -41.25 -34.56 0.58
C ASP D 350 -41.91 -35.05 1.87
N VAL D 351 -42.20 -34.09 2.74
CA VAL D 351 -42.99 -34.31 3.95
C VAL D 351 -44.33 -33.62 3.74
N LYS D 352 -45.40 -34.40 3.70
CA LYS D 352 -46.72 -33.85 3.38
C LYS D 352 -47.25 -32.94 4.48
N TRP D 353 -47.12 -33.38 5.74
CA TRP D 353 -47.68 -32.59 6.83
C TRP D 353 -46.96 -31.25 6.99
N PHE D 354 -45.69 -31.17 6.57
CA PHE D 354 -45.04 -29.87 6.57
C PHE D 354 -45.71 -28.91 5.60
N ASP D 355 -46.07 -29.40 4.40
CA ASP D 355 -46.80 -28.53 3.48
C ASP D 355 -48.15 -28.14 4.06
N ASP D 356 -48.87 -29.10 4.64
CA ASP D 356 -50.15 -28.80 5.27
C ASP D 356 -50.02 -27.65 6.27
N TYR D 357 -49.02 -27.73 7.16
CA TYR D 357 -48.80 -26.69 8.15
C TYR D 357 -48.36 -25.38 7.51
N TYR D 358 -47.27 -25.43 6.75
CA TYR D 358 -46.59 -24.22 6.29
C TYR D 358 -47.48 -23.40 5.36
N LEU D 359 -48.17 -24.04 4.42
CA LEU D 359 -48.90 -23.29 3.42
C LEU D 359 -50.07 -22.50 4.01
N LYS D 360 -50.50 -22.83 5.23
CA LYS D 360 -51.55 -22.10 5.91
C LYS D 360 -51.02 -20.92 6.73
N LEU D 361 -49.69 -20.72 6.75
CA LEU D 361 -49.12 -19.65 7.56
C LEU D 361 -49.41 -18.28 6.95
N ARG D 362 -49.43 -17.28 7.83
CA ARG D 362 -50.03 -15.99 7.54
C ARG D 362 -49.34 -14.94 8.41
N PRO D 363 -48.96 -13.79 7.84
CA PRO D 363 -48.23 -12.80 8.64
C PRO D 363 -49.05 -12.17 9.75
N GLU D 364 -50.39 -12.10 9.60
CA GLU D 364 -51.18 -11.46 10.63
C GLU D 364 -51.37 -12.33 11.86
N THR D 365 -50.96 -13.61 11.80
CA THR D 365 -51.27 -14.57 12.85
C THR D 365 -50.07 -15.38 13.34
N ASN D 366 -48.87 -15.18 12.77
CA ASN D 366 -47.78 -16.12 13.01
C ASN D 366 -47.33 -16.11 14.46
N HIS D 367 -46.87 -14.96 14.95
CA HIS D 367 -46.68 -14.67 16.37
C HIS D 367 -45.54 -15.45 17.03
N ARG D 368 -44.77 -16.25 16.28
CA ARG D 368 -43.62 -16.91 16.87
C ARG D 368 -42.38 -16.90 16.00
N ASN D 369 -42.48 -16.54 14.72
CA ASN D 369 -41.34 -16.45 13.84
C ASN D 369 -40.98 -14.98 13.64
N PRO D 370 -39.89 -14.50 14.24
CA PRO D 370 -39.58 -13.06 14.12
C PRO D 370 -39.26 -12.61 12.71
N TRP D 371 -38.65 -13.47 11.90
CA TRP D 371 -38.24 -13.08 10.56
C TRP D 371 -39.38 -13.12 9.55
N PHE D 372 -40.48 -13.82 9.88
CA PHE D 372 -41.51 -14.11 8.89
C PHE D 372 -41.99 -12.84 8.19
N GLN D 373 -42.17 -11.75 8.94
CA GLN D 373 -42.74 -10.55 8.34
C GLN D 373 -41.81 -9.92 7.32
N GLU D 374 -40.49 -10.00 7.51
CA GLU D 374 -39.64 -9.53 6.41
C GLU D 374 -39.62 -10.53 5.28
N PHE D 375 -39.77 -11.82 5.60
CA PHE D 375 -39.88 -12.85 4.56
C PHE D 375 -41.08 -12.59 3.67
N TRP D 376 -42.26 -12.50 4.28
CA TRP D 376 -43.51 -12.32 3.53
C TRP D 376 -43.39 -11.20 2.51
N GLN D 377 -43.02 -10.00 2.98
CA GLN D 377 -42.95 -8.83 2.11
C GLN D 377 -41.66 -8.78 1.29
N HIS D 378 -40.76 -9.73 1.49
CA HIS D 378 -39.73 -10.01 0.48
C HIS D 378 -40.21 -11.03 -0.53
N ARG D 379 -41.07 -11.95 -0.10
CA ARG D 379 -41.60 -12.98 -1.01
C ARG D 379 -42.42 -12.36 -2.13
N PHE D 380 -43.41 -11.53 -1.79
CA PHE D 380 -44.30 -10.92 -2.79
C PHE D 380 -43.97 -9.46 -3.06
N GLN D 381 -42.82 -8.97 -2.59
CA GLN D 381 -42.32 -7.64 -2.97
C GLN D 381 -43.32 -6.53 -2.70
N CYS D 382 -44.12 -6.70 -1.65
CA CYS D 382 -45.05 -5.70 -1.17
C CYS D 382 -44.60 -5.22 0.21
N ARG D 383 -45.41 -4.39 0.86
CA ARG D 383 -45.15 -4.03 2.25
C ARG D 383 -46.41 -4.24 3.06
N LEU D 384 -46.24 -4.78 4.27
CA LEU D 384 -47.33 -4.98 5.21
C LEU D 384 -47.63 -3.64 5.86
N GLU D 385 -48.74 -3.01 5.44
CA GLU D 385 -48.84 -1.55 5.51
C GLU D 385 -48.91 -1.02 6.94
N GLY D 386 -49.37 -1.82 7.89
CA GLY D 386 -49.50 -1.33 9.25
C GLY D 386 -48.80 -2.19 10.27
N PHE D 387 -47.97 -3.10 9.81
CA PHE D 387 -47.40 -4.15 10.62
C PHE D 387 -46.15 -3.67 11.35
N PRO D 388 -45.78 -4.33 12.45
CA PRO D 388 -44.59 -3.89 13.20
C PRO D 388 -43.31 -3.90 12.38
N GLN D 389 -43.10 -4.93 11.57
CA GLN D 389 -41.89 -5.06 10.76
C GLN D 389 -42.18 -4.62 9.33
N GLU D 390 -42.42 -3.32 9.13
CA GLU D 390 -43.11 -2.89 7.92
C GLU D 390 -42.21 -2.77 6.70
N ASN D 391 -40.99 -2.22 6.84
CA ASN D 391 -40.02 -2.17 5.74
C ASN D 391 -40.54 -1.35 4.55
N SER D 392 -40.53 -0.03 4.76
CA SER D 392 -41.05 0.95 3.81
C SER D 392 -40.44 0.89 2.42
N LYS D 393 -39.41 0.05 2.16
CA LYS D 393 -38.77 0.04 0.85
C LYS D 393 -39.78 -0.25 -0.27
N TYR D 394 -40.66 -1.22 -0.08
CA TYR D 394 -41.59 -1.59 -1.13
C TYR D 394 -42.78 -0.66 -1.14
N ASN D 395 -43.14 -0.15 -2.31
CA ASN D 395 -44.20 0.84 -2.41
C ASN D 395 -45.56 0.24 -2.73
N LYS D 396 -45.63 -1.05 -3.10
CA LYS D 396 -46.91 -1.72 -3.26
C LYS D 396 -47.33 -2.35 -1.93
N THR D 397 -48.64 -2.48 -1.75
CA THR D 397 -49.21 -2.96 -0.49
C THR D 397 -49.68 -4.41 -0.65
N CYS D 398 -49.52 -5.19 0.41
CA CYS D 398 -49.81 -6.61 0.37
C CYS D 398 -51.32 -6.85 0.40
N ASN D 399 -51.80 -7.68 -0.52
CA ASN D 399 -53.22 -8.04 -0.54
C ASN D 399 -53.51 -9.12 0.50
N SER D 400 -54.78 -9.20 0.89
CA SER D 400 -55.24 -10.33 1.67
C SER D 400 -55.36 -11.61 0.84
N SER D 401 -55.22 -11.50 -0.48
CA SER D 401 -55.30 -12.63 -1.39
C SER D 401 -53.95 -13.33 -1.59
N LEU D 402 -52.88 -12.79 -1.02
CA LEU D 402 -51.57 -13.43 -1.15
C LEU D 402 -51.53 -14.72 -0.35
N THR D 403 -50.84 -15.72 -0.89
CA THR D 403 -50.72 -17.01 -0.22
C THR D 403 -49.40 -17.65 -0.57
N LEU D 404 -48.86 -18.43 0.38
CA LEU D 404 -47.64 -19.18 0.16
C LEU D 404 -47.83 -20.35 -0.79
N LYS D 405 -49.09 -20.72 -1.09
CA LYS D 405 -49.35 -21.77 -2.07
C LYS D 405 -48.81 -21.42 -3.45
N THR D 406 -48.66 -20.13 -3.73
CA THR D 406 -48.27 -19.68 -5.06
C THR D 406 -46.77 -19.91 -5.29
N HIS D 407 -46.44 -20.69 -6.31
CA HIS D 407 -45.06 -21.02 -6.67
C HIS D 407 -44.32 -21.65 -5.48
N HIS D 408 -45.01 -22.47 -4.71
CA HIS D 408 -44.38 -23.11 -3.56
C HIS D 408 -43.42 -24.20 -4.00
N VAL D 409 -42.30 -24.29 -3.30
CA VAL D 409 -41.33 -25.38 -3.45
C VAL D 409 -40.87 -25.76 -2.05
N GLN D 410 -41.12 -27.01 -1.65
CA GLN D 410 -40.65 -27.45 -0.34
C GLN D 410 -39.13 -27.58 -0.35
N ASP D 411 -38.53 -27.36 0.81
CA ASP D 411 -37.09 -27.51 0.94
C ASP D 411 -36.67 -28.94 0.63
N SER D 412 -35.53 -29.07 -0.06
CA SER D 412 -35.06 -30.39 -0.46
C SER D 412 -34.65 -31.22 0.75
N LYS D 413 -34.07 -30.59 1.77
CA LYS D 413 -33.50 -31.27 2.92
C LYS D 413 -34.46 -31.33 4.10
N MET D 414 -35.76 -31.19 3.86
CA MET D 414 -36.73 -31.06 4.94
C MET D 414 -36.75 -32.29 5.84
N GLY D 415 -36.89 -33.47 5.24
CA GLY D 415 -36.92 -34.69 6.01
C GLY D 415 -35.71 -34.86 6.91
N PHE D 416 -34.54 -34.40 6.46
CA PHE D 416 -33.35 -34.51 7.29
C PHE D 416 -33.43 -33.60 8.51
N VAL D 417 -33.96 -32.39 8.35
CA VAL D 417 -34.14 -31.49 9.49
C VAL D 417 -35.08 -32.14 10.51
N ILE D 418 -36.20 -32.68 10.03
CA ILE D 418 -37.17 -33.27 10.94
C ILE D 418 -36.59 -34.52 11.62
N ASN D 419 -35.80 -35.31 10.89
CA ASN D 419 -35.18 -36.49 11.48
C ASN D 419 -34.12 -36.11 12.52
N ALA D 420 -33.39 -35.01 12.30
CA ALA D 420 -32.45 -34.56 13.31
C ALA D 420 -33.17 -34.12 14.59
N ILE D 421 -34.28 -33.39 14.43
CA ILE D 421 -35.05 -32.97 15.60
C ILE D 421 -35.57 -34.19 16.35
N TYR D 422 -36.05 -35.20 15.61
CA TYR D 422 -36.53 -36.42 16.28
C TYR D 422 -35.39 -37.23 16.89
N SER D 423 -34.19 -37.18 16.31
CA SER D 423 -33.05 -37.82 16.94
C SER D 423 -32.77 -37.21 18.31
N MET D 424 -32.78 -35.88 18.37
CA MET D 424 -32.59 -35.21 19.65
C MET D 424 -33.71 -35.58 20.64
N ALA D 425 -34.96 -35.59 20.15
CA ALA D 425 -36.10 -35.91 21.03
C ALA D 425 -35.98 -37.32 21.59
N TYR D 426 -35.72 -38.31 20.74
CA TYR D 426 -35.60 -39.69 21.21
C TYR D 426 -34.38 -39.88 22.11
N GLY D 427 -33.29 -39.15 21.86
CA GLY D 427 -32.16 -39.23 22.77
C GLY D 427 -32.52 -38.77 24.17
N LEU D 428 -33.16 -37.60 24.26
CA LEU D 428 -33.63 -37.12 25.56
C LEU D 428 -34.61 -38.11 26.18
N HIS D 429 -35.48 -38.72 25.36
CA HIS D 429 -36.46 -39.66 25.88
C HIS D 429 -35.79 -40.90 26.48
N ASN D 430 -34.82 -41.47 25.77
CA ASN D 430 -34.13 -42.65 26.26
C ASN D 430 -33.34 -42.34 27.52
N MET D 431 -32.68 -41.18 27.55
CA MET D 431 -31.97 -40.77 28.76
C MET D 431 -32.95 -40.62 29.93
N GLN D 432 -34.14 -40.09 29.67
CA GLN D 432 -35.16 -39.96 30.71
C GLN D 432 -35.56 -41.34 31.24
N MET D 433 -35.81 -42.29 30.34
CA MET D 433 -36.24 -43.62 30.78
C MET D 433 -35.13 -44.36 31.52
N SER D 434 -33.86 -44.05 31.20
CA SER D 434 -32.78 -44.74 31.89
C SER D 434 -32.46 -44.12 33.25
N LEU D 435 -32.64 -42.80 33.39
CA LEU D 435 -32.31 -42.14 34.64
C LEU D 435 -33.50 -41.91 35.57
N CYS D 436 -34.72 -41.86 35.02
CA CYS D 436 -35.93 -41.65 35.80
C CYS D 436 -36.92 -42.76 35.45
N PRO D 437 -36.62 -44.00 35.84
CA PRO D 437 -37.43 -45.13 35.34
C PRO D 437 -38.89 -45.06 35.76
N GLY D 438 -39.17 -44.92 37.05
CA GLY D 438 -40.53 -44.97 37.53
C GLY D 438 -41.20 -43.61 37.63
N TYR D 439 -40.68 -42.61 36.90
CA TYR D 439 -41.22 -41.27 36.93
C TYR D 439 -41.45 -40.78 35.50
N ALA D 440 -42.49 -39.98 35.34
CA ALA D 440 -42.87 -39.41 34.05
C ALA D 440 -42.58 -37.91 34.10
N GLY D 441 -41.37 -37.53 33.72
CA GLY D 441 -40.91 -36.16 33.76
C GLY D 441 -39.45 -36.13 34.14
N LEU D 442 -38.98 -34.94 34.52
CA LEU D 442 -37.59 -34.76 34.94
C LEU D 442 -37.48 -35.04 36.44
N CYS D 443 -36.78 -36.11 36.80
CA CYS D 443 -36.46 -36.35 38.19
C CYS D 443 -35.12 -35.69 38.52
N ASP D 444 -34.66 -35.86 39.76
CA ASP D 444 -33.44 -35.19 40.18
C ASP D 444 -32.19 -35.74 39.52
N ALA D 445 -32.27 -36.88 38.83
CA ALA D 445 -31.11 -37.40 38.13
C ALA D 445 -30.81 -36.62 36.86
N MET D 446 -31.85 -36.14 36.16
CA MET D 446 -31.68 -35.29 35.00
C MET D 446 -31.73 -33.81 35.34
N LYS D 447 -31.33 -33.43 36.55
CA LYS D 447 -31.29 -32.03 36.97
C LYS D 447 -29.89 -31.74 37.51
N PRO D 448 -28.99 -31.19 36.69
CA PRO D 448 -29.23 -30.83 35.28
C PRO D 448 -29.00 -32.01 34.33
N ILE D 449 -29.10 -31.74 33.03
CA ILE D 449 -28.88 -32.76 32.02
C ILE D 449 -27.39 -32.85 31.72
N ASP D 450 -26.81 -34.03 31.94
CA ASP D 450 -25.39 -34.26 31.68
C ASP D 450 -25.18 -34.43 30.17
N GLY D 451 -24.36 -33.55 29.59
CA GLY D 451 -24.10 -33.64 28.16
C GLY D 451 -23.44 -34.95 27.77
N ARG D 452 -22.54 -35.46 28.61
CA ARG D 452 -21.89 -36.73 28.32
C ARG D 452 -22.90 -37.86 28.28
N LYS D 453 -23.84 -37.89 29.23
CA LYS D 453 -24.87 -38.91 29.23
C LYS D 453 -25.78 -38.77 28.01
N LEU D 454 -26.09 -37.52 27.61
CA LEU D 454 -26.93 -37.32 26.45
C LEU D 454 -26.24 -37.81 25.18
N LEU D 455 -24.94 -37.56 25.05
CA LEU D 455 -24.20 -38.12 23.92
C LEU D 455 -24.20 -39.65 23.96
N GLU D 456 -24.04 -40.21 25.15
CA GLU D 456 -24.10 -41.67 25.31
C GLU D 456 -25.44 -42.21 24.82
N SER D 457 -26.53 -41.50 25.12
CA SER D 457 -27.85 -41.94 24.70
C SER D 457 -28.09 -41.71 23.21
N LEU D 458 -27.51 -40.65 22.64
CA LEU D 458 -27.72 -40.35 21.22
C LEU D 458 -26.92 -41.28 20.33
N MET D 459 -25.73 -41.73 20.77
CA MET D 459 -24.99 -42.69 19.97
C MET D 459 -25.71 -44.03 19.87
N LYS D 460 -26.58 -44.35 20.84
CA LYS D 460 -27.36 -45.57 20.85
C LYS D 460 -28.72 -45.40 20.16
N THR D 461 -28.91 -44.33 19.39
CA THR D 461 -30.23 -43.99 18.87
C THR D 461 -30.63 -44.91 17.74
N ASN D 462 -31.87 -45.39 17.80
CA ASN D 462 -32.43 -46.33 16.83
C ASN D 462 -33.92 -45.99 16.70
N PHE D 463 -34.28 -45.26 15.64
CA PHE D 463 -35.69 -44.89 15.49
C PHE D 463 -36.08 -44.93 14.02
N THR D 464 -37.36 -44.70 13.76
CA THR D 464 -37.92 -44.75 12.41
C THR D 464 -38.20 -43.33 11.93
N GLY D 465 -37.65 -42.97 10.78
CA GLY D 465 -37.66 -41.60 10.31
C GLY D 465 -38.98 -41.18 9.70
N VAL D 466 -39.01 -39.90 9.29
CA VAL D 466 -40.23 -39.28 8.78
C VAL D 466 -40.70 -39.93 7.48
N SER D 467 -39.80 -40.59 6.75
CA SER D 467 -40.14 -41.21 5.47
C SER D 467 -40.15 -42.73 5.55
N GLY D 468 -40.25 -43.29 6.76
CA GLY D 468 -40.26 -44.71 6.96
C GLY D 468 -38.88 -45.33 7.15
N ASP D 469 -37.85 -44.77 6.51
CA ASP D 469 -36.50 -45.25 6.68
C ASP D 469 -36.09 -45.21 8.15
N THR D 470 -35.26 -46.18 8.55
CA THR D 470 -34.81 -46.30 9.93
C THR D 470 -33.51 -45.53 10.12
N ILE D 471 -33.52 -44.56 11.00
CA ILE D 471 -32.38 -43.72 11.29
C ILE D 471 -31.62 -44.31 12.47
N LEU D 472 -30.29 -44.37 12.33
CA LEU D 472 -29.41 -45.05 13.27
C LEU D 472 -27.99 -44.52 13.08
N PHE D 473 -27.26 -44.38 14.18
CA PHE D 473 -25.90 -43.85 14.16
C PHE D 473 -24.89 -44.97 14.40
N ASP D 474 -23.81 -44.95 13.63
CA ASP D 474 -22.77 -45.96 13.75
C ASP D 474 -21.75 -45.53 14.81
N GLU D 475 -20.60 -46.21 14.83
CA GLU D 475 -19.54 -45.88 15.79
C GLU D 475 -18.98 -44.48 15.59
N ASN D 476 -19.27 -43.83 14.47
CA ASN D 476 -18.77 -42.49 14.18
C ASN D 476 -19.89 -41.46 14.14
N GLY D 477 -21.07 -41.79 14.68
CA GLY D 477 -22.19 -40.89 14.61
C GLY D 477 -22.67 -40.60 13.20
N ASP D 478 -22.50 -41.57 12.29
CA ASP D 478 -22.87 -41.41 10.90
C ASP D 478 -24.13 -42.21 10.59
N SER D 479 -24.92 -41.69 9.70
CA SER D 479 -26.20 -42.26 9.29
C SER D 479 -26.06 -43.00 7.96
N PRO D 480 -26.88 -44.03 7.74
CA PRO D 480 -26.81 -44.77 6.46
C PRO D 480 -27.24 -43.90 5.29
N GLY D 481 -26.91 -44.38 4.10
CA GLY D 481 -27.11 -43.63 2.87
C GLY D 481 -28.16 -44.25 1.97
N ARG D 482 -28.88 -43.39 1.24
CA ARG D 482 -30.00 -43.82 0.40
C ARG D 482 -30.04 -42.87 -0.80
N TYR D 483 -29.45 -43.28 -1.92
CA TYR D 483 -29.37 -42.42 -3.09
C TYR D 483 -30.08 -43.00 -4.31
N GLU D 484 -30.46 -42.09 -5.21
CA GLU D 484 -31.02 -42.42 -6.50
C GLU D 484 -29.90 -42.44 -7.54
N ILE D 485 -29.83 -43.53 -8.31
CA ILE D 485 -28.92 -43.63 -9.44
C ILE D 485 -29.67 -43.20 -10.69
N MET D 486 -29.13 -42.23 -11.42
CA MET D 486 -29.83 -41.70 -12.58
C MET D 486 -28.90 -41.53 -13.77
N ASN D 487 -29.44 -41.79 -14.96
CA ASN D 487 -28.70 -41.94 -16.19
C ASN D 487 -29.06 -40.80 -17.16
N PHE D 488 -28.05 -40.30 -17.88
CA PHE D 488 -28.23 -39.22 -18.83
C PHE D 488 -28.33 -39.84 -20.22
N LYS D 489 -29.55 -40.22 -20.60
CA LYS D 489 -29.80 -40.90 -21.86
C LYS D 489 -30.44 -39.95 -22.87
N GLU D 490 -30.40 -40.35 -24.14
CA GLU D 490 -31.06 -39.63 -25.22
C GLU D 490 -32.45 -40.24 -25.41
N MET D 491 -33.48 -39.47 -25.06
CA MET D 491 -34.84 -40.00 -25.17
C MET D 491 -35.37 -39.88 -26.59
N GLY D 492 -35.50 -38.66 -27.09
CA GLY D 492 -35.87 -38.43 -28.47
C GLY D 492 -34.66 -38.05 -29.31
N LYS D 493 -34.89 -37.93 -30.61
CA LYS D 493 -33.82 -37.51 -31.52
C LYS D 493 -33.31 -36.15 -31.12
N ASP D 494 -32.05 -36.08 -30.69
CA ASP D 494 -31.37 -34.87 -30.25
C ASP D 494 -31.98 -34.29 -28.98
N TYR D 495 -32.71 -35.10 -28.22
CA TYR D 495 -33.22 -34.72 -26.90
C TYR D 495 -32.56 -35.58 -25.84
N PHE D 496 -32.08 -34.94 -24.78
CA PHE D 496 -31.26 -35.58 -23.75
C PHE D 496 -31.79 -35.18 -22.39
N ASP D 497 -31.83 -36.13 -21.45
CA ASP D 497 -32.41 -35.85 -20.14
C ASP D 497 -31.99 -36.92 -19.14
N TYR D 498 -32.08 -36.56 -17.87
CA TYR D 498 -31.75 -37.48 -16.78
C TYR D 498 -32.92 -38.39 -16.47
N ILE D 499 -32.64 -39.67 -16.27
CA ILE D 499 -33.66 -40.69 -16.05
C ILE D 499 -33.31 -41.48 -14.80
N ASN D 500 -34.26 -41.60 -13.88
CA ASN D 500 -34.04 -42.37 -12.66
C ASN D 500 -33.94 -43.86 -13.03
N VAL D 501 -32.78 -44.45 -12.76
CA VAL D 501 -32.49 -45.81 -13.16
C VAL D 501 -32.44 -46.78 -11.98
N GLY D 502 -32.07 -46.32 -10.79
CA GLY D 502 -31.99 -47.24 -9.68
C GLY D 502 -31.92 -46.54 -8.34
N SER D 503 -31.65 -47.34 -7.32
CA SER D 503 -31.59 -46.90 -5.94
C SER D 503 -30.52 -47.69 -5.20
N TRP D 504 -29.94 -47.05 -4.20
CA TRP D 504 -28.92 -47.65 -3.34
C TRP D 504 -29.33 -47.36 -1.91
N ASP D 505 -29.65 -48.41 -1.14
CA ASP D 505 -30.08 -48.26 0.24
C ASP D 505 -29.13 -49.04 1.13
N ASN D 506 -28.29 -48.31 1.86
CA ASN D 506 -27.36 -48.85 2.86
C ASN D 506 -26.73 -50.16 2.39
N GLY D 507 -26.23 -50.15 1.16
CA GLY D 507 -25.52 -51.31 0.65
C GLY D 507 -26.23 -52.04 -0.46
N GLU D 508 -27.55 -52.22 -0.35
CA GLU D 508 -28.27 -53.03 -1.33
C GLU D 508 -28.66 -52.15 -2.51
N LEU D 509 -28.27 -52.60 -3.70
CA LEU D 509 -28.39 -51.84 -4.94
C LEU D 509 -29.43 -52.48 -5.84
N LYS D 510 -30.38 -51.68 -6.31
CA LYS D 510 -31.43 -52.14 -7.22
C LYS D 510 -31.44 -51.21 -8.42
N MET D 511 -31.30 -51.76 -9.62
CA MET D 511 -31.31 -50.92 -10.81
C MET D 511 -32.15 -51.53 -11.92
N ASP D 512 -32.26 -50.77 -13.00
CA ASP D 512 -33.14 -51.12 -14.11
C ASP D 512 -32.46 -52.10 -15.07
N ASP D 513 -31.24 -51.77 -15.49
CA ASP D 513 -30.36 -52.64 -16.28
C ASP D 513 -30.88 -52.81 -17.71
N ASP D 514 -32.09 -52.33 -17.98
CA ASP D 514 -32.68 -52.39 -19.31
C ASP D 514 -32.76 -51.04 -19.99
N GLU D 515 -32.77 -49.95 -19.23
CA GLU D 515 -32.61 -48.61 -19.78
C GLU D 515 -31.14 -48.22 -19.89
N VAL D 516 -30.23 -49.14 -19.57
CA VAL D 516 -28.81 -49.00 -19.84
C VAL D 516 -28.48 -50.09 -20.86
N TRP D 517 -29.46 -50.40 -21.70
CA TRP D 517 -29.30 -51.42 -22.75
C TRP D 517 -29.93 -50.96 -24.06
N ILE D 523 -23.76 -52.61 -20.60
CA ILE D 523 -23.54 -53.06 -21.97
C ILE D 523 -22.07 -52.85 -22.35
N ILE D 524 -21.55 -51.65 -22.10
CA ILE D 524 -20.17 -51.34 -22.45
C ILE D 524 -19.23 -52.15 -21.57
N ARG D 525 -18.05 -52.45 -22.11
CA ARG D 525 -17.02 -53.21 -21.41
C ARG D 525 -15.85 -52.30 -21.06
N SER D 526 -15.41 -52.37 -19.80
CA SER D 526 -14.22 -51.64 -19.35
C SER D 526 -13.39 -52.63 -18.51
N VAL D 527 -12.54 -53.40 -19.20
CA VAL D 527 -11.73 -54.43 -18.57
C VAL D 527 -10.35 -54.39 -19.22
N CYS D 528 -9.33 -54.83 -18.48
CA CYS D 528 -7.97 -54.85 -19.00
C CYS D 528 -7.65 -56.12 -19.79
N SER D 529 -8.08 -57.28 -19.30
CA SER D 529 -7.79 -58.56 -19.96
C SER D 529 -9.03 -59.44 -19.96
N GLU D 530 -9.26 -60.11 -21.07
CA GLU D 530 -10.40 -61.01 -21.22
C GLU D 530 -10.09 -62.38 -20.63
N PRO D 531 -11.11 -63.15 -20.26
CA PRO D 531 -10.87 -64.47 -19.67
C PRO D 531 -10.17 -65.39 -20.66
N CYS D 532 -9.59 -66.46 -20.11
CA CYS D 532 -8.76 -67.36 -20.88
C CYS D 532 -9.55 -68.58 -21.36
N GLN D 536 -8.99 -72.46 -22.65
CA GLN D 536 -8.25 -73.54 -22.01
C GLN D 536 -6.86 -73.06 -21.57
N ILE D 537 -6.77 -71.77 -21.25
CA ILE D 537 -5.52 -71.12 -20.94
C ILE D 537 -5.55 -70.73 -19.46
N LYS D 538 -4.40 -70.31 -18.93
CA LYS D 538 -4.30 -69.92 -17.53
C LYS D 538 -3.86 -68.46 -17.40
N VAL D 539 -3.78 -68.00 -16.15
CA VAL D 539 -3.58 -66.60 -15.80
C VAL D 539 -2.16 -66.40 -15.26
N ILE D 540 -1.51 -65.32 -15.68
CA ILE D 540 -0.14 -65.02 -15.27
C ILE D 540 -0.03 -63.52 -14.98
N ARG D 541 0.41 -63.18 -13.77
CA ARG D 541 0.67 -61.81 -13.37
C ARG D 541 2.16 -61.49 -13.52
N LYS D 542 2.45 -60.29 -14.04
CA LYS D 542 3.80 -59.90 -14.41
C LYS D 542 4.28 -58.69 -13.61
N GLY D 543 3.99 -58.69 -12.31
CA GLY D 543 4.30 -57.54 -11.48
C GLY D 543 3.45 -56.32 -11.76
N GLU D 544 2.58 -56.37 -12.77
CA GLU D 544 1.69 -55.27 -13.12
C GLU D 544 0.42 -55.35 -12.30
N VAL D 545 -0.60 -54.59 -12.70
CA VAL D 545 -1.83 -54.50 -11.93
C VAL D 545 -2.57 -55.83 -11.98
N SER D 546 -3.29 -56.14 -10.89
CA SER D 546 -3.87 -57.47 -10.71
C SER D 546 -4.89 -57.82 -11.80
N CYS D 547 -5.50 -56.81 -12.42
CA CYS D 547 -6.54 -57.06 -13.41
C CYS D 547 -5.99 -57.22 -14.82
N CYS D 548 -4.69 -57.02 -15.02
CA CYS D 548 -4.06 -57.13 -16.33
C CYS D 548 -3.23 -58.42 -16.34
N TRP D 549 -3.83 -59.49 -16.83
CA TRP D 549 -3.17 -60.78 -16.95
C TRP D 549 -2.89 -61.11 -18.40
N THR D 550 -2.03 -62.11 -18.59
CA THR D 550 -1.72 -62.65 -19.90
C THR D 550 -2.04 -64.14 -19.91
N CYS D 551 -2.81 -64.58 -20.89
CA CYS D 551 -3.24 -65.97 -20.98
C CYS D 551 -2.08 -66.79 -21.54
N THR D 552 -1.41 -67.55 -20.67
CA THR D 552 -0.27 -68.38 -21.06
C THR D 552 -0.68 -69.85 -21.06
N PRO D 553 -0.55 -70.55 -22.19
CA PRO D 553 -1.07 -71.92 -22.27
C PRO D 553 -0.26 -72.89 -21.41
N CYS D 554 -0.85 -74.07 -21.20
CA CYS D 554 -0.19 -75.15 -20.48
C CYS D 554 0.39 -76.18 -21.44
N GLU D 556 1.59 -79.95 -22.35
CA GLU D 556 0.62 -80.94 -22.83
C GLU D 556 0.28 -81.95 -21.74
N ASN D 557 1.25 -82.24 -20.87
CA ASN D 557 1.01 -83.13 -19.74
C ASN D 557 0.35 -82.44 -18.56
N GLU D 558 0.19 -81.12 -18.62
CA GLU D 558 -0.34 -80.35 -17.51
C GLU D 558 -1.83 -80.11 -17.68
N TYR D 559 -2.56 -80.11 -16.57
CA TYR D 559 -3.98 -79.78 -16.54
C TYR D 559 -4.19 -78.52 -15.72
N VAL D 560 -5.29 -77.84 -16.03
CA VAL D 560 -5.66 -76.56 -15.41
C VAL D 560 -6.22 -76.88 -14.03
N PHE D 561 -5.43 -76.65 -12.98
CA PHE D 561 -5.90 -76.95 -11.62
C PHE D 561 -6.97 -75.96 -11.20
N ASP D 562 -6.71 -74.67 -11.38
CA ASP D 562 -7.72 -73.63 -11.22
C ASP D 562 -7.37 -72.48 -12.18
N GLU D 563 -8.01 -71.33 -11.98
CA GLU D 563 -7.82 -70.20 -12.89
C GLU D 563 -6.37 -69.75 -12.94
N TYR D 564 -5.61 -69.95 -11.85
CA TYR D 564 -4.31 -69.34 -11.71
C TYR D 564 -3.18 -70.35 -11.54
N THR D 565 -3.46 -71.66 -11.62
CA THR D 565 -2.45 -72.67 -11.37
C THR D 565 -2.64 -73.85 -12.31
N CYS D 566 -1.53 -74.44 -12.74
CA CYS D 566 -1.52 -75.50 -13.74
C CYS D 566 -0.48 -76.54 -13.31
N LYS D 567 -0.89 -77.81 -13.23
CA LYS D 567 -0.02 -78.82 -12.65
C LYS D 567 -0.06 -80.10 -13.50
N ALA D 568 1.02 -80.87 -13.46
CA ALA D 568 1.18 -82.04 -14.30
C ALA D 568 0.44 -83.25 -13.74
N CYS D 569 0.43 -84.33 -14.53
CA CYS D 569 -0.37 -85.53 -14.25
C CYS D 569 0.42 -86.73 -13.74
N GLN D 570 1.70 -86.84 -14.10
CA GLN D 570 2.51 -88.06 -13.91
C GLN D 570 1.76 -89.31 -14.36
N GLY D 572 1.12 -92.14 -15.73
CA GLY D 572 0.14 -93.21 -15.83
C GLY D 572 -1.07 -92.84 -16.65
N SER D 573 -1.54 -91.61 -16.49
CA SER D 573 -2.68 -91.10 -17.24
C SER D 573 -2.37 -89.70 -17.76
N TRP D 574 -3.12 -89.30 -18.78
CA TRP D 574 -2.93 -88.10 -19.56
C TRP D 574 -4.06 -87.09 -19.27
N PRO D 575 -3.79 -85.79 -19.38
CA PRO D 575 -4.84 -84.80 -19.11
C PRO D 575 -6.10 -85.04 -19.92
N THR D 576 -7.25 -85.03 -19.24
CA THR D 576 -8.51 -85.31 -19.89
C THR D 576 -8.87 -84.22 -20.90
N ASP D 577 -9.87 -84.52 -21.73
CA ASP D 577 -10.27 -83.61 -22.79
C ASP D 577 -10.82 -82.30 -22.24
N ASP D 578 -11.31 -82.29 -21.00
CA ASP D 578 -11.80 -81.07 -20.37
C ASP D 578 -10.74 -80.35 -19.54
N LEU D 579 -9.59 -81.00 -19.31
CA LEU D 579 -8.44 -80.38 -18.64
C LEU D 579 -8.73 -80.05 -17.17
N THR D 580 -9.39 -80.98 -16.48
CA THR D 580 -9.59 -80.88 -15.03
C THR D 580 -8.88 -81.99 -14.27
N GLY D 581 -8.79 -83.18 -14.84
CA GLY D 581 -8.08 -84.29 -14.23
C GLY D 581 -7.18 -85.00 -15.22
N CYS D 582 -6.89 -86.26 -14.95
CA CYS D 582 -5.97 -87.02 -15.79
C CYS D 582 -6.58 -88.36 -16.14
N GLN E 1 -8.55 -14.28 42.21
CA GLN E 1 -8.84 -13.88 43.56
C GLN E 1 -9.38 -15.07 44.35
N VAL E 2 -8.84 -15.29 45.55
CA VAL E 2 -9.14 -16.45 46.38
C VAL E 2 -9.45 -15.99 47.79
N GLN E 3 -10.41 -16.65 48.44
CA GLN E 3 -10.75 -16.38 49.83
C GLN E 3 -10.65 -17.66 50.64
N LEU E 4 -10.06 -17.55 51.83
CA LEU E 4 -9.86 -18.67 52.74
C LEU E 4 -10.71 -18.44 53.99
N VAL E 5 -11.45 -19.48 54.40
CA VAL E 5 -12.34 -19.39 55.56
C VAL E 5 -12.00 -20.53 56.51
N GLU E 6 -11.63 -20.19 57.75
CA GLU E 6 -11.35 -21.19 58.77
C GLU E 6 -12.59 -21.49 59.58
N SER E 7 -12.61 -22.69 60.16
CA SER E 7 -13.67 -23.09 61.07
C SER E 7 -13.20 -24.31 61.86
N GLY E 8 -13.94 -24.63 62.91
CA GLY E 8 -13.66 -25.79 63.74
C GLY E 8 -12.98 -25.49 65.06
N GLY E 9 -12.75 -24.22 65.39
CA GLY E 9 -12.10 -23.87 66.63
C GLY E 9 -13.07 -23.70 67.78
N GLY E 10 -12.51 -23.52 68.97
CA GLY E 10 -13.33 -23.33 70.16
C GLY E 10 -12.57 -23.76 71.41
N LEU E 11 -13.32 -24.00 72.47
CA LEU E 11 -12.77 -24.42 73.74
C LEU E 11 -12.61 -25.94 73.76
N VAL E 12 -11.49 -26.40 74.32
CA VAL E 12 -11.17 -27.82 74.33
C VAL E 12 -10.29 -28.12 75.53
N GLN E 13 -10.59 -29.22 76.21
CA GLN E 13 -9.82 -29.63 77.38
C GLN E 13 -8.50 -30.26 76.95
N ALA E 14 -7.43 -29.91 77.68
CA ALA E 14 -6.10 -30.38 77.33
C ALA E 14 -6.05 -31.91 77.32
N GLY E 15 -5.38 -32.45 76.31
CA GLY E 15 -5.37 -33.87 76.07
C GLY E 15 -6.39 -34.36 75.06
N GLY E 16 -7.30 -33.48 74.63
CA GLY E 16 -8.33 -33.84 73.68
C GLY E 16 -7.84 -33.72 72.25
N SER E 17 -8.80 -33.58 71.34
CA SER E 17 -8.50 -33.51 69.91
C SER E 17 -9.49 -32.57 69.23
N LEU E 18 -9.05 -32.01 68.11
CA LEU E 18 -9.84 -30.98 67.43
C LEU E 18 -9.36 -30.86 65.99
N ARG E 19 -10.30 -30.73 65.06
CA ARG E 19 -10.00 -30.79 63.63
C ARG E 19 -10.41 -29.47 62.97
N LEU E 20 -9.42 -28.70 62.54
CA LEU E 20 -9.64 -27.40 61.92
C LEU E 20 -9.81 -27.56 60.41
N SER E 21 -10.81 -26.88 59.87
CA SER E 21 -11.09 -26.89 58.43
C SER E 21 -10.84 -25.51 57.84
N CYS E 22 -10.35 -25.49 56.60
CA CYS E 22 -10.08 -24.24 55.88
C CYS E 22 -10.57 -24.42 54.45
N ALA E 23 -11.68 -23.77 54.11
CA ALA E 23 -12.29 -23.90 52.79
C ALA E 23 -11.92 -22.70 51.93
N ALA E 24 -11.63 -22.96 50.66
CA ALA E 24 -11.18 -21.94 49.72
C ALA E 24 -12.20 -21.76 48.60
N SER E 25 -12.29 -20.53 48.10
CA SER E 25 -13.16 -20.20 46.98
C SER E 25 -12.33 -20.10 45.70
N GLY E 26 -12.89 -20.59 44.61
CA GLY E 26 -12.23 -20.53 43.32
C GLY E 26 -11.73 -21.90 42.88
N ARG E 27 -11.55 -22.03 41.57
CA ARG E 27 -11.09 -23.28 40.97
C ARG E 27 -9.57 -23.33 40.82
N THR E 28 -8.84 -22.44 41.50
CA THR E 28 -7.39 -22.43 41.46
C THR E 28 -6.75 -23.17 42.63
N PHE E 29 -7.54 -23.53 43.64
CA PHE E 29 -7.07 -24.18 44.87
C PHE E 29 -6.06 -25.29 44.65
N THR E 30 -6.30 -26.15 43.65
CA THR E 30 -5.43 -27.29 43.40
C THR E 30 -4.01 -26.88 43.03
N SER E 31 -3.78 -25.60 42.74
CA SER E 31 -2.46 -25.12 42.35
C SER E 31 -1.69 -24.48 43.50
N TYR E 32 -2.33 -24.25 44.64
CA TYR E 32 -1.72 -23.56 45.77
C TYR E 32 -1.33 -24.56 46.85
N ALA E 33 -0.10 -24.42 47.35
CA ALA E 33 0.28 -25.09 48.58
C ALA E 33 -0.30 -24.33 49.77
N MET E 34 -0.53 -25.06 50.86
CA MET E 34 -1.26 -24.51 51.98
C MET E 34 -0.43 -24.60 53.26
N GLY E 35 -0.67 -23.65 54.15
CA GLY E 35 0.04 -23.61 55.41
C GLY E 35 -0.81 -23.14 56.57
N TRP E 36 -0.66 -23.79 57.71
CA TRP E 36 -1.31 -23.38 58.94
C TRP E 36 -0.35 -22.53 59.78
N PHE E 37 -0.90 -21.53 60.44
CA PHE E 37 -0.16 -20.64 61.32
C PHE E 37 -0.90 -20.55 62.64
N ARG E 38 -0.22 -20.05 63.66
CA ARG E 38 -0.91 -19.69 64.89
C ARG E 38 -0.31 -18.44 65.49
N GLN E 39 -1.19 -17.55 65.94
CA GLN E 39 -0.84 -16.29 66.58
C GLN E 39 -1.34 -16.33 68.01
N ALA E 40 -0.43 -16.30 68.94
CA ALA E 40 -0.86 -16.13 70.31
C ALA E 40 -0.65 -14.69 70.73
N PRO E 41 -1.52 -14.15 71.60
CA PRO E 41 -1.36 -12.75 72.02
C PRO E 41 -0.04 -12.54 72.74
N GLY E 42 0.67 -11.49 72.35
CA GLY E 42 1.97 -11.19 72.93
C GLY E 42 3.11 -12.04 72.40
N LYS E 43 2.90 -12.80 71.34
CA LYS E 43 3.92 -13.65 70.74
C LYS E 43 3.85 -13.50 69.23
N GLU E 44 4.99 -13.69 68.57
CA GLU E 44 4.99 -13.51 67.13
C GLU E 44 4.45 -14.75 66.42
N ARG E 45 4.02 -14.53 65.17
CA ARG E 45 3.39 -15.59 64.38
C ARG E 45 4.37 -16.73 64.13
N GLU E 46 3.89 -17.97 64.26
CA GLU E 46 4.72 -19.13 63.98
C GLU E 46 4.03 -20.03 62.97
N SER E 47 4.85 -20.72 62.18
CA SER E 47 4.36 -21.68 61.20
C SER E 47 4.13 -23.02 61.88
N VAL E 48 2.96 -23.62 61.64
CA VAL E 48 2.59 -24.85 62.32
C VAL E 48 2.78 -26.04 61.38
N ALA E 49 2.03 -26.08 60.29
CA ALA E 49 2.04 -27.19 59.37
C ALA E 49 1.95 -26.66 57.94
N ALA E 50 2.24 -27.53 56.98
CA ALA E 50 2.16 -27.14 55.58
C ALA E 50 1.99 -28.38 54.73
N ILE E 51 1.38 -28.19 53.56
CA ILE E 51 1.15 -29.26 52.60
C ILE E 51 1.37 -28.69 51.20
N SER E 52 1.93 -29.52 50.33
CA SER E 52 2.22 -29.08 48.96
C SER E 52 0.93 -29.02 48.14
N SER E 53 1.05 -28.45 46.94
CA SER E 53 -0.11 -28.29 46.07
C SER E 53 -0.74 -29.63 45.72
N SER E 54 0.08 -30.64 45.44
CA SER E 54 -0.41 -31.96 45.11
C SER E 54 -0.74 -32.80 46.35
N GLY E 55 -0.60 -32.24 47.54
CA GLY E 55 -0.58 -33.12 48.69
C GLY E 55 0.67 -33.97 48.63
N GLY E 56 0.62 -35.11 49.31
CA GLY E 56 1.71 -36.07 49.26
C GLY E 56 3.05 -35.53 49.71
N SER E 57 3.05 -34.31 50.27
CA SER E 57 4.23 -33.71 50.86
C SER E 57 3.76 -32.83 51.99
N THR E 58 4.05 -33.23 53.23
CA THR E 58 3.62 -32.51 54.41
C THR E 58 4.84 -32.14 55.25
N HIS E 59 4.77 -30.96 55.87
CA HIS E 59 5.84 -30.44 56.70
C HIS E 59 5.24 -29.98 58.02
N TYR E 60 5.98 -30.16 59.11
CA TYR E 60 5.47 -29.85 60.44
C TYR E 60 6.57 -29.17 61.25
N ALA E 61 6.16 -28.24 62.11
CA ALA E 61 7.10 -27.60 63.02
C ALA E 61 7.37 -28.53 64.21
N ASP E 62 8.58 -28.40 64.76
CA ASP E 62 9.02 -29.31 65.82
C ASP E 62 8.05 -29.28 67.00
N SER E 63 7.47 -28.12 67.30
CA SER E 63 6.60 -27.98 68.46
C SER E 63 5.32 -28.79 68.37
N VAL E 64 4.99 -29.34 67.20
CA VAL E 64 3.74 -30.07 67.01
C VAL E 64 3.93 -31.41 66.32
N LYS E 65 5.15 -31.77 65.92
CA LYS E 65 5.36 -33.03 65.23
C LYS E 65 4.92 -34.19 66.10
N GLY E 66 4.24 -35.16 65.47
CA GLY E 66 3.66 -36.28 66.18
C GLY E 66 2.25 -36.02 66.70
N ARG E 67 1.87 -34.76 66.90
CA ARG E 67 0.57 -34.44 67.44
C ARG E 67 -0.41 -33.87 66.42
N PHE E 68 0.07 -33.20 65.38
CA PHE E 68 -0.78 -32.64 64.34
C PHE E 68 -0.56 -33.37 63.02
N THR E 69 -1.61 -33.41 62.20
CA THR E 69 -1.55 -33.97 60.86
C THR E 69 -2.33 -33.09 59.91
N ILE E 70 -1.66 -32.62 58.85
CA ILE E 70 -2.29 -31.77 57.83
C ILE E 70 -2.66 -32.61 56.62
N SER E 71 -3.83 -32.32 56.07
CA SER E 71 -4.31 -33.02 54.88
C SER E 71 -5.09 -32.04 54.01
N ARG E 72 -5.47 -32.49 52.81
CA ARG E 72 -6.27 -31.64 51.94
C ARG E 72 -7.18 -32.49 51.08
N ASP E 73 -8.42 -32.03 50.93
CA ASP E 73 -9.41 -32.61 50.03
C ASP E 73 -9.54 -31.64 48.86
N ASN E 74 -8.94 -32.01 47.73
CA ASN E 74 -9.00 -31.19 46.53
C ASN E 74 -10.39 -31.18 45.93
N SER E 75 -11.14 -32.27 46.09
CA SER E 75 -12.50 -32.32 45.57
C SER E 75 -13.45 -31.39 46.32
N LYS E 76 -13.08 -30.97 47.52
CA LYS E 76 -13.88 -30.04 48.30
C LYS E 76 -13.23 -28.67 48.46
N ASN E 77 -12.04 -28.47 47.88
CA ASN E 77 -11.26 -27.25 48.08
C ASN E 77 -11.08 -26.95 49.56
N THR E 78 -10.66 -27.96 50.32
CA THR E 78 -10.56 -27.78 51.76
C THR E 78 -9.22 -28.33 52.26
N VAL E 79 -8.67 -27.66 53.26
CA VAL E 79 -7.47 -28.11 53.96
C VAL E 79 -7.86 -28.41 55.40
N TYR E 80 -7.16 -29.37 56.00
CA TYR E 80 -7.52 -29.86 57.32
C TYR E 80 -6.28 -29.95 58.19
N LEU E 81 -6.45 -29.59 59.46
CA LEU E 81 -5.40 -29.71 60.48
C LEU E 81 -6.00 -30.49 61.65
N GLN E 82 -5.64 -31.77 61.76
CA GLN E 82 -6.07 -32.60 62.89
C GLN E 82 -5.08 -32.40 64.02
N MET E 83 -5.54 -31.80 65.11
CA MET E 83 -4.73 -31.51 66.28
C MET E 83 -5.08 -32.53 67.35
N ASN E 84 -4.09 -33.32 67.76
CA ASN E 84 -4.28 -34.31 68.81
C ASN E 84 -3.31 -34.02 69.94
N SER E 85 -3.67 -34.50 71.15
CA SER E 85 -2.85 -34.32 72.34
C SER E 85 -2.60 -32.83 72.61
N LEU E 86 -3.68 -32.06 72.65
CA LEU E 86 -3.57 -30.62 72.81
C LEU E 86 -3.05 -30.26 74.19
N LYS E 87 -2.06 -29.37 74.23
CA LYS E 87 -1.41 -28.77 75.37
C LYS E 87 -1.90 -27.34 75.57
N PRO E 88 -1.94 -26.85 76.82
CA PRO E 88 -2.39 -25.47 77.05
C PRO E 88 -1.57 -24.42 76.30
N GLU E 89 -0.31 -24.73 75.97
CA GLU E 89 0.52 -23.83 75.18
C GLU E 89 0.23 -23.91 73.68
N ASP E 90 -0.86 -24.55 73.28
CA ASP E 90 -1.34 -24.52 71.91
C ASP E 90 -2.46 -23.51 71.70
N THR E 91 -2.87 -22.80 72.76
CA THR E 91 -3.94 -21.81 72.66
C THR E 91 -3.48 -20.64 71.78
N ALA E 92 -4.24 -20.37 70.71
CA ALA E 92 -3.93 -19.28 69.80
C ALA E 92 -5.01 -19.13 68.73
N VAL E 93 -4.87 -18.13 67.88
CA VAL E 93 -5.70 -18.00 66.68
C VAL E 93 -4.97 -18.68 65.54
N TYR E 94 -5.56 -19.74 64.98
CA TYR E 94 -4.91 -20.46 63.89
C TYR E 94 -5.38 -19.91 62.55
N TYR E 95 -4.41 -19.58 61.71
CA TYR E 95 -4.63 -18.94 60.42
C TYR E 95 -4.29 -19.92 59.30
N CYS E 96 -4.84 -19.63 58.12
CA CYS E 96 -4.73 -20.50 56.96
C CYS E 96 -4.25 -19.66 55.78
N ALA E 97 -3.13 -20.06 55.18
CA ALA E 97 -2.53 -19.28 54.11
C ALA E 97 -2.29 -20.15 52.88
N ALA E 98 -2.41 -19.52 51.72
CA ALA E 98 -2.20 -20.15 50.43
C ALA E 98 -1.03 -19.47 49.74
N ALA E 99 -0.09 -20.28 49.25
CA ALA E 99 1.16 -19.83 48.65
C ALA E 99 1.48 -20.68 47.44
N MET E 100 1.99 -20.05 46.38
CA MET E 100 2.35 -20.76 45.16
C MET E 100 3.84 -20.73 44.85
N TYR E 101 4.53 -19.66 45.19
CA TYR E 101 5.96 -19.52 44.95
C TYR E 101 6.71 -19.55 46.27
N GLY E 102 7.92 -20.06 46.27
CA GLY E 102 8.73 -20.01 47.48
C GLY E 102 9.81 -21.06 47.51
N SER E 103 10.66 -20.93 48.53
CA SER E 103 11.75 -21.85 48.79
C SER E 103 11.29 -22.91 49.80
N ARG E 104 12.25 -23.64 50.39
CA ARG E 104 11.94 -24.61 51.45
C ARG E 104 11.05 -23.99 52.52
N TRP E 105 10.01 -24.73 52.91
CA TRP E 105 9.12 -24.29 53.98
C TRP E 105 9.94 -24.05 55.25
N PRO E 106 9.57 -23.05 56.07
CA PRO E 106 8.43 -22.11 56.03
C PRO E 106 8.61 -20.84 55.20
N ASP E 107 9.60 -20.84 54.29
CA ASP E 107 9.90 -19.67 53.45
C ASP E 107 9.06 -19.75 52.19
N TRP E 108 7.79 -19.32 52.29
CA TRP E 108 6.82 -19.66 51.23
C TRP E 108 6.04 -18.51 50.59
N GLU E 109 6.20 -17.26 50.99
CA GLU E 109 5.62 -16.13 50.25
C GLU E 109 4.11 -16.33 50.02
N TYR E 110 3.34 -16.36 51.10
CA TYR E 110 1.93 -16.72 50.98
C TYR E 110 1.13 -15.58 50.36
N ASP E 111 0.27 -15.93 49.40
CA ASP E 111 -0.49 -14.96 48.62
C ASP E 111 -1.89 -14.71 49.17
N TYR E 112 -2.44 -15.62 49.96
CA TYR E 112 -3.79 -15.42 50.49
C TYR E 112 -3.87 -15.84 51.95
N TRP E 113 -4.54 -15.02 52.77
CA TRP E 113 -4.67 -15.26 54.19
C TRP E 113 -6.14 -15.48 54.55
N GLY E 114 -6.37 -16.29 55.59
CA GLY E 114 -7.69 -16.44 56.17
C GLY E 114 -7.91 -15.47 57.32
N GLN E 115 -9.07 -15.62 57.95
CA GLN E 115 -9.44 -14.76 59.07
C GLN E 115 -8.98 -15.33 60.41
N GLY E 116 -8.75 -16.64 60.50
CA GLY E 116 -8.27 -17.26 61.72
C GLY E 116 -9.39 -17.72 62.63
N THR E 117 -9.20 -18.88 63.26
CA THR E 117 -10.17 -19.42 64.21
C THR E 117 -9.50 -19.65 65.56
N GLN E 118 -10.20 -19.32 66.63
CA GLN E 118 -9.62 -19.36 67.97
C GLN E 118 -9.64 -20.78 68.53
N VAL E 119 -8.51 -21.23 69.04
CA VAL E 119 -8.38 -22.52 69.71
C VAL E 119 -7.89 -22.25 71.13
N THR E 120 -8.72 -22.59 72.11
CA THR E 120 -8.44 -22.32 73.52
C THR E 120 -8.40 -23.64 74.27
N VAL E 121 -7.25 -23.93 74.89
CA VAL E 121 -7.01 -25.21 75.53
C VAL E 121 -7.05 -25.01 77.05
N SER E 122 -8.13 -25.47 77.67
CA SER E 122 -8.33 -25.31 79.11
C SER E 122 -7.84 -26.55 79.84
N SER E 123 -7.10 -26.34 80.93
CA SER E 123 -6.54 -27.44 81.70
C SER E 123 -7.62 -28.31 82.35
N GLN F 1 -3.61 8.98 -47.86
CA GLN F 1 -2.73 9.38 -48.96
C GLN F 1 -3.43 10.34 -49.90
N VAL F 2 -2.68 11.31 -50.41
CA VAL F 2 -3.18 12.30 -51.36
C VAL F 2 -2.69 11.92 -52.75
N GLN F 3 -3.54 12.08 -53.74
CA GLN F 3 -3.19 11.85 -55.15
C GLN F 3 -3.12 13.18 -55.87
N LEU F 4 -2.07 13.37 -56.66
CA LEU F 4 -1.87 14.56 -57.47
C LEU F 4 -1.83 14.16 -58.94
N VAL F 5 -2.69 14.76 -59.76
CA VAL F 5 -2.79 14.41 -61.17
C VAL F 5 -2.66 15.68 -62.00
N GLU F 6 -1.68 15.70 -62.89
CA GLU F 6 -1.44 16.84 -63.76
C GLU F 6 -2.20 16.69 -65.07
N SER F 7 -2.42 17.82 -65.74
CA SER F 7 -3.06 17.84 -67.05
C SER F 7 -2.77 19.19 -67.69
N GLY F 8 -3.04 19.27 -69.00
CA GLY F 8 -2.91 20.50 -69.73
C GLY F 8 -1.66 20.63 -70.57
N GLY F 9 -0.76 19.64 -70.53
CA GLY F 9 0.44 19.68 -71.34
C GLY F 9 0.18 19.29 -72.78
N GLY F 10 1.24 19.37 -73.58
CA GLY F 10 1.16 19.01 -74.98
C GLY F 10 2.13 19.84 -75.80
N LEU F 11 1.90 19.85 -77.11
CA LEU F 11 2.74 20.59 -78.04
C LEU F 11 2.29 22.04 -78.11
N VAL F 12 3.25 22.96 -78.04
CA VAL F 12 2.95 24.40 -78.07
C VAL F 12 4.03 25.12 -78.87
N GLN F 13 3.59 25.97 -79.79
CA GLN F 13 4.52 26.75 -80.61
C GLN F 13 5.16 27.83 -79.76
N ALA F 14 6.46 28.06 -79.97
CA ALA F 14 7.22 29.00 -79.14
C ALA F 14 6.55 30.36 -79.09
N GLY F 15 6.71 31.04 -77.96
CA GLY F 15 6.07 32.31 -77.74
C GLY F 15 4.59 32.22 -77.40
N GLY F 16 4.04 31.01 -77.28
CA GLY F 16 2.64 30.83 -76.95
C GLY F 16 2.42 30.67 -75.47
N SER F 17 1.17 30.34 -75.12
CA SER F 17 0.74 30.24 -73.74
C SER F 17 0.14 28.86 -73.48
N LEU F 18 0.32 28.37 -72.25
CA LEU F 18 -0.18 27.05 -71.88
C LEU F 18 -0.44 27.01 -70.38
N ARG F 19 -1.55 26.39 -69.99
CA ARG F 19 -2.01 26.43 -68.61
C ARG F 19 -2.07 24.99 -68.07
N LEU F 20 -1.20 24.68 -67.11
CA LEU F 20 -1.18 23.36 -66.50
C LEU F 20 -2.04 23.32 -65.25
N SER F 21 -2.81 22.25 -65.12
CA SER F 21 -3.70 22.04 -63.98
C SER F 21 -3.22 20.86 -63.17
N CYS F 22 -3.34 20.97 -61.85
CA CYS F 22 -2.97 19.90 -60.92
C CYS F 22 -4.13 19.67 -59.97
N ALA F 23 -4.84 18.55 -60.15
CA ALA F 23 -5.99 18.22 -59.34
C ALA F 23 -5.58 17.24 -58.24
N ALA F 24 -6.03 17.52 -57.02
CA ALA F 24 -5.69 16.72 -55.85
C ALA F 24 -6.93 15.99 -55.34
N SER F 25 -6.69 14.88 -54.65
CA SER F 25 -7.74 14.08 -54.04
C SER F 25 -7.56 14.08 -52.52
N GLY F 26 -8.66 14.24 -51.81
CA GLY F 26 -8.62 14.33 -50.37
C GLY F 26 -8.97 15.73 -49.89
N ARG F 27 -9.54 15.81 -48.69
CA ARG F 27 -9.96 17.07 -48.12
C ARG F 27 -8.86 17.76 -47.30
N THR F 28 -7.61 17.32 -47.45
CA THR F 28 -6.48 17.93 -46.77
C THR F 28 -5.76 18.96 -47.63
N PHE F 29 -6.27 19.21 -48.84
CA PHE F 29 -5.58 20.07 -49.80
C PHE F 29 -5.30 21.45 -49.25
N THR F 30 -6.26 22.05 -48.54
CA THR F 30 -6.08 23.40 -48.02
C THR F 30 -4.99 23.49 -46.98
N SER F 31 -4.42 22.36 -46.53
CA SER F 31 -3.38 22.36 -45.52
C SER F 31 -1.99 22.11 -46.10
N TYR F 32 -1.88 21.99 -47.42
CA TYR F 32 -0.61 21.72 -48.08
C TYR F 32 -0.20 22.88 -48.97
N ALA F 33 1.07 23.26 -48.87
CA ALA F 33 1.67 24.13 -49.87
C ALA F 33 2.04 23.33 -51.10
N MET F 34 2.04 23.99 -52.25
CA MET F 34 2.21 23.31 -53.52
C MET F 34 3.40 23.87 -54.28
N GLY F 35 4.03 23.00 -55.06
CA GLY F 35 5.17 23.39 -55.88
C GLY F 35 5.18 22.70 -57.23
N TRP F 36 5.49 23.46 -58.28
CA TRP F 36 5.69 22.90 -59.60
C TRP F 36 7.16 22.62 -59.83
N PHE F 37 7.43 21.53 -60.56
CA PHE F 37 8.78 21.11 -60.91
C PHE F 37 8.82 20.80 -62.40
N ARG F 38 10.03 20.70 -62.93
CA ARG F 38 10.17 20.22 -64.30
C ARG F 38 11.44 19.39 -64.44
N GLN F 39 11.31 18.29 -65.17
CA GLN F 39 12.42 17.39 -65.49
C GLN F 39 12.59 17.39 -67.00
N ALA F 40 13.74 17.84 -67.47
CA ALA F 40 14.03 17.69 -68.87
C ALA F 40 15.02 16.55 -69.07
N PRO F 41 14.93 15.81 -70.19
CA PRO F 41 15.81 14.66 -70.39
C PRO F 41 17.27 15.07 -70.35
N GLY F 42 18.06 14.29 -69.60
CA GLY F 42 19.47 14.57 -69.45
C GLY F 42 19.80 15.73 -68.54
N LYS F 43 18.82 16.24 -67.81
CA LYS F 43 19.03 17.39 -66.92
C LYS F 43 18.40 17.10 -65.57
N GLU F 44 18.96 17.70 -64.52
CA GLU F 44 18.50 17.47 -63.16
C GLU F 44 17.22 18.25 -62.89
N ARG F 45 16.38 17.69 -62.03
CA ARG F 45 15.08 18.28 -61.75
C ARG F 45 15.23 19.62 -61.04
N GLU F 46 14.45 20.61 -61.48
CA GLU F 46 14.53 21.95 -60.94
C GLU F 46 13.16 22.42 -60.47
N SER F 47 13.16 23.37 -59.53
CA SER F 47 11.93 23.97 -59.04
C SER F 47 11.53 25.11 -59.94
N VAL F 48 10.23 25.20 -60.23
CA VAL F 48 9.71 26.22 -61.12
C VAL F 48 8.99 27.31 -60.33
N ALA F 49 7.92 26.92 -59.62
CA ALA F 49 7.13 27.87 -58.87
C ALA F 49 6.58 27.18 -57.63
N ALA F 50 6.04 27.99 -56.71
CA ALA F 50 5.48 27.48 -55.48
C ALA F 50 4.47 28.47 -54.91
N ILE F 51 3.51 27.93 -54.16
CA ILE F 51 2.47 28.72 -53.51
C ILE F 51 2.18 28.11 -52.14
N SER F 52 1.87 28.97 -51.18
CA SER F 52 1.64 28.53 -49.82
C SER F 52 0.25 27.91 -49.67
N SER F 53 0.01 27.32 -48.50
CA SER F 53 -1.25 26.63 -48.25
C SER F 53 -2.44 27.58 -48.38
N SER F 54 -2.30 28.80 -47.87
CA SER F 54 -3.34 29.81 -47.99
C SER F 54 -3.39 30.45 -49.37
N GLY F 55 -2.45 30.12 -50.26
CA GLY F 55 -2.27 30.96 -51.41
C GLY F 55 -1.66 32.28 -50.94
N GLY F 56 -1.86 33.31 -51.77
CA GLY F 56 -1.44 34.66 -51.40
C GLY F 56 0.00 34.80 -50.96
N SER F 57 0.84 33.83 -51.35
CA SER F 57 2.28 33.90 -51.10
C SER F 57 2.94 33.01 -52.15
N THR F 58 3.43 33.64 -53.22
CA THR F 58 3.94 32.92 -54.38
C THR F 58 5.45 33.15 -54.51
N HIS F 59 6.13 32.14 -55.04
CA HIS F 59 7.58 32.16 -55.21
C HIS F 59 7.91 31.57 -56.57
N TYR F 60 8.86 32.18 -57.27
CA TYR F 60 9.20 31.79 -58.63
C TYR F 60 10.71 31.67 -58.79
N ALA F 61 11.12 30.72 -59.61
CA ALA F 61 12.53 30.57 -59.95
C ALA F 61 12.96 31.67 -60.93
N ASP F 62 14.26 31.96 -60.92
CA ASP F 62 14.77 33.07 -61.71
C ASP F 62 14.60 32.86 -63.21
N SER F 63 14.60 31.59 -63.66
CA SER F 63 14.50 31.31 -65.08
C SER F 63 13.08 31.50 -65.62
N VAL F 64 12.08 31.69 -64.76
CA VAL F 64 10.70 31.79 -65.20
C VAL F 64 9.97 32.98 -64.59
N LYS F 65 10.63 33.82 -63.80
CA LYS F 65 9.98 35.00 -63.25
C LYS F 65 9.55 35.93 -64.38
N GLY F 66 8.35 36.49 -64.25
CA GLY F 66 7.79 37.35 -65.27
C GLY F 66 7.10 36.62 -66.41
N ARG F 67 7.21 35.30 -66.49
CA ARG F 67 6.54 34.53 -67.52
C ARG F 67 5.50 33.58 -66.97
N PHE F 68 5.78 32.92 -65.84
CA PHE F 68 4.84 32.00 -65.22
C PHE F 68 4.14 32.65 -64.03
N THR F 69 2.91 32.22 -63.80
CA THR F 69 2.17 32.60 -62.60
C THR F 69 1.50 31.37 -62.01
N ILE F 70 1.75 31.12 -60.73
CA ILE F 70 1.15 30.00 -60.00
C ILE F 70 -0.03 30.50 -59.21
N SER F 71 -1.10 29.71 -59.18
CA SER F 71 -2.31 30.06 -58.45
C SER F 71 -2.93 28.78 -57.90
N ARG F 72 -3.96 28.94 -57.09
CA ARG F 72 -4.66 27.78 -56.55
C ARG F 72 -6.11 28.12 -56.27
N ASP F 73 -7.00 27.21 -56.64
CA ASP F 73 -8.41 27.26 -56.29
C ASP F 73 -8.63 26.20 -55.22
N ASN F 74 -8.86 26.65 -53.98
CA ASN F 74 -9.04 25.75 -52.86
C ASN F 74 -10.42 25.10 -52.86
N SER F 75 -11.42 25.79 -53.42
CA SER F 75 -12.75 25.21 -53.52
C SER F 75 -12.81 24.07 -54.54
N LYS F 76 -11.83 23.98 -55.43
CA LYS F 76 -11.75 22.91 -56.42
C LYS F 76 -10.59 21.96 -56.17
N ASN F 77 -9.80 22.19 -55.13
CA ASN F 77 -8.60 21.39 -54.85
C ASN F 77 -7.68 21.33 -56.07
N THR F 78 -7.41 22.49 -56.66
CA THR F 78 -6.61 22.50 -57.87
C THR F 78 -5.55 23.59 -57.80
N VAL F 79 -4.37 23.29 -58.35
CA VAL F 79 -3.28 24.25 -58.51
C VAL F 79 -3.14 24.53 -60.00
N TYR F 80 -2.69 25.73 -60.34
CA TYR F 80 -2.59 26.14 -61.73
C TYR F 80 -1.24 26.80 -61.97
N LEU F 81 -0.62 26.45 -63.09
CA LEU F 81 0.60 27.11 -63.56
C LEU F 81 0.31 27.69 -64.94
N GLN F 82 0.20 29.01 -65.02
CA GLN F 82 0.02 29.69 -66.29
C GLN F 82 1.39 30.04 -66.84
N MET F 83 1.70 29.52 -68.03
CA MET F 83 3.01 29.65 -68.65
C MET F 83 2.87 30.50 -69.90
N ASN F 84 3.54 31.65 -69.90
CA ASN F 84 3.48 32.59 -71.01
C ASN F 84 4.88 32.82 -71.56
N SER F 85 4.94 33.18 -72.85
CA SER F 85 6.21 33.44 -73.53
C SER F 85 7.09 32.19 -73.53
N LEU F 86 6.49 31.06 -73.87
CA LEU F 86 7.17 29.77 -73.82
C LEU F 86 8.35 29.73 -74.77
N LYS F 87 9.54 29.44 -74.25
CA LYS F 87 10.82 29.27 -74.88
C LYS F 87 11.11 27.78 -75.09
N PRO F 88 11.86 27.42 -76.14
CA PRO F 88 12.15 26.00 -76.37
C PRO F 88 12.87 25.33 -75.21
N GLU F 89 13.64 26.09 -74.44
CA GLU F 89 14.31 25.57 -73.26
C GLU F 89 13.38 25.37 -72.07
N ASP F 90 12.06 25.45 -72.28
CA ASP F 90 11.07 25.08 -71.27
C ASP F 90 10.56 23.65 -71.47
N THR F 91 10.89 23.01 -72.58
CA THR F 91 10.36 21.68 -72.89
C THR F 91 10.80 20.66 -71.86
N ALA F 92 9.83 20.09 -71.13
CA ALA F 92 10.13 19.15 -70.06
C ALA F 92 8.84 18.55 -69.55
N VAL F 93 8.98 17.56 -68.66
CA VAL F 93 7.85 16.99 -67.94
C VAL F 93 7.64 17.81 -66.67
N TYR F 94 6.49 18.45 -66.55
CA TYR F 94 6.21 19.24 -65.36
C TYR F 94 5.45 18.40 -64.33
N TYR F 95 5.95 18.44 -63.10
CA TYR F 95 5.46 17.68 -61.97
C TYR F 95 4.83 18.61 -60.94
N CYS F 96 3.94 18.02 -60.13
CA CYS F 96 3.19 18.75 -59.10
C CYS F 96 3.46 18.08 -57.77
N ALA F 97 3.79 18.88 -56.75
CA ALA F 97 4.21 18.31 -55.48
C ALA F 97 3.56 19.04 -54.32
N ALA F 98 3.18 18.28 -53.31
CA ALA F 98 2.56 18.79 -52.09
C ALA F 98 3.52 18.63 -50.92
N ALA F 99 3.69 19.70 -50.15
CA ALA F 99 4.59 19.76 -49.00
C ALA F 99 3.87 20.45 -47.85
N MET F 100 4.14 19.99 -46.62
CA MET F 100 3.51 20.57 -45.45
C MET F 100 4.47 21.31 -44.54
N TYR F 101 5.67 20.79 -44.31
CA TYR F 101 6.67 21.49 -43.52
C TYR F 101 7.89 21.82 -44.37
N GLY F 102 8.72 22.70 -43.86
CA GLY F 102 9.93 23.10 -44.55
C GLY F 102 10.30 24.54 -44.20
N SER F 103 11.51 24.91 -44.63
CA SER F 103 12.05 26.24 -44.43
C SER F 103 11.70 27.12 -45.64
N ARG F 104 12.39 28.24 -45.80
CA ARG F 104 12.18 29.09 -46.96
C ARG F 104 12.36 28.33 -48.26
N TRP F 105 11.48 28.59 -49.22
CA TRP F 105 11.51 27.94 -50.52
C TRP F 105 12.85 28.19 -51.21
N PRO F 106 13.36 27.24 -52.02
CA PRO F 106 12.82 25.94 -52.45
C PRO F 106 13.02 24.81 -51.45
N ASP F 107 13.45 25.14 -50.23
CA ASP F 107 13.78 24.14 -49.23
C ASP F 107 12.51 23.69 -48.49
N TRP F 108 11.68 22.95 -49.21
CA TRP F 108 10.46 22.38 -48.66
C TRP F 108 10.54 20.86 -48.64
N GLU F 109 9.81 20.25 -47.71
CA GLU F 109 9.76 18.80 -47.56
C GLU F 109 8.50 18.31 -48.27
N TYR F 110 8.65 17.97 -49.55
CA TYR F 110 7.53 17.59 -50.39
C TYR F 110 7.10 16.16 -50.05
N ASP F 111 5.84 16.01 -49.66
CA ASP F 111 5.32 14.73 -49.21
C ASP F 111 4.61 13.95 -50.31
N TYR F 112 4.13 14.61 -51.36
CA TYR F 112 3.40 13.90 -52.40
C TYR F 112 3.81 14.41 -53.77
N TRP F 113 3.91 13.49 -54.75
CA TRP F 113 4.33 13.80 -56.10
C TRP F 113 3.25 13.38 -57.09
N GLY F 114 3.20 14.09 -58.22
CA GLY F 114 2.32 13.72 -59.31
C GLY F 114 3.06 12.95 -60.40
N GLN F 115 2.28 12.43 -61.34
CA GLN F 115 2.88 11.66 -62.44
C GLN F 115 3.56 12.55 -63.47
N GLY F 116 3.05 13.74 -63.69
CA GLY F 116 3.71 14.66 -64.59
C GLY F 116 2.99 14.78 -65.92
N THR F 117 3.11 15.95 -66.54
CA THR F 117 2.53 16.20 -67.85
C THR F 117 3.60 16.82 -68.74
N GLN F 118 3.68 16.35 -69.99
CA GLN F 118 4.72 16.79 -70.90
C GLN F 118 4.37 18.12 -71.54
N VAL F 119 5.35 19.03 -71.59
CA VAL F 119 5.22 20.30 -72.30
C VAL F 119 6.35 20.36 -73.32
N THR F 120 5.98 20.36 -74.60
CA THR F 120 6.93 20.35 -75.71
C THR F 120 6.82 21.67 -76.45
N VAL F 121 7.87 22.47 -76.39
CA VAL F 121 7.87 23.81 -77.00
C VAL F 121 8.61 23.70 -78.33
N SER F 122 7.84 23.69 -79.41
CA SER F 122 8.41 23.72 -80.74
C SER F 122 8.87 25.13 -81.11
N SER F 123 9.87 25.21 -81.97
CA SER F 123 10.43 26.50 -82.36
C SER F 123 9.56 27.22 -83.37
N GLN G 1 -35.20 -10.15 28.04
CA GLN G 1 -35.99 -9.30 28.93
C GLN G 1 -35.67 -7.84 28.66
N VAL G 2 -36.71 -7.02 28.49
CA VAL G 2 -36.57 -5.62 28.09
C VAL G 2 -37.30 -4.75 29.10
N GLN G 3 -36.74 -3.59 29.38
CA GLN G 3 -37.38 -2.60 30.24
C GLN G 3 -37.46 -1.26 29.52
N LEU G 4 -38.64 -0.65 29.57
CA LEU G 4 -38.90 0.63 28.93
C LEU G 4 -39.07 1.70 30.01
N VAL G 5 -38.46 2.86 29.81
CA VAL G 5 -38.47 3.93 30.80
C VAL G 5 -38.89 5.22 30.12
N GLU G 6 -40.01 5.79 30.57
CA GLU G 6 -40.49 7.06 30.06
C GLU G 6 -39.82 8.22 30.79
N SER G 7 -39.84 9.39 30.15
CA SER G 7 -39.35 10.63 30.74
C SER G 7 -39.83 11.78 29.88
N GLY G 8 -39.74 12.99 30.43
CA GLY G 8 -40.07 14.20 29.71
C GLY G 8 -41.45 14.78 29.98
N GLY G 9 -42.23 14.17 30.87
CA GLY G 9 -43.54 14.70 31.19
C GLY G 9 -43.48 15.81 32.23
N GLY G 10 -44.62 16.42 32.46
CA GLY G 10 -44.74 17.47 33.44
C GLY G 10 -45.86 18.43 33.11
N LEU G 11 -45.79 19.61 33.72
CA LEU G 11 -46.79 20.65 33.54
C LEU G 11 -46.43 21.55 32.36
N VAL G 12 -47.45 21.89 31.57
CA VAL G 12 -47.25 22.67 30.35
C VAL G 12 -48.52 23.47 30.08
N GLN G 13 -48.34 24.68 29.54
CA GLN G 13 -49.46 25.54 29.23
C GLN G 13 -50.34 24.93 28.14
N ALA G 14 -51.56 25.44 28.04
CA ALA G 14 -52.42 25.09 26.90
C ALA G 14 -51.85 25.72 25.64
N GLY G 15 -51.63 24.89 24.61
CA GLY G 15 -50.97 25.33 23.41
C GLY G 15 -49.47 25.20 23.41
N GLY G 16 -48.88 24.68 24.48
CA GLY G 16 -47.45 24.50 24.56
C GLY G 16 -46.98 23.20 23.93
N SER G 17 -45.68 22.99 24.00
CA SER G 17 -45.04 21.83 23.38
C SER G 17 -44.28 21.04 24.44
N LEU G 18 -44.15 19.73 24.20
CA LEU G 18 -43.50 18.85 25.17
C LEU G 18 -43.02 17.59 24.44
N ARG G 19 -41.81 17.15 24.77
CA ARG G 19 -41.16 16.05 24.06
C ARG G 19 -40.92 14.90 25.01
N LEU G 20 -41.67 13.81 24.84
CA LEU G 20 -41.52 12.63 25.68
C LEU G 20 -40.49 11.69 25.10
N SER G 21 -39.67 11.12 25.97
CA SER G 21 -38.64 10.16 25.60
C SER G 21 -38.95 8.82 26.24
N CYS G 22 -38.57 7.74 25.55
CA CYS G 22 -38.76 6.38 26.05
C CYS G 22 -37.50 5.61 25.73
N ALA G 23 -36.70 5.33 26.76
CA ALA G 23 -35.43 4.63 26.60
C ALA G 23 -35.63 3.15 26.91
N ALA G 24 -35.07 2.30 26.06
CA ALA G 24 -35.17 0.85 26.22
C ALA G 24 -33.85 0.28 26.72
N SER G 25 -33.96 -0.81 27.48
CA SER G 25 -32.79 -1.51 27.99
C SER G 25 -32.63 -2.85 27.27
N GLY G 26 -31.39 -3.32 27.20
CA GLY G 26 -31.08 -4.54 26.49
C GLY G 26 -30.80 -4.30 25.02
N ARG G 27 -30.74 -5.39 24.27
CA ARG G 27 -30.51 -5.36 22.85
C ARG G 27 -31.83 -5.62 22.11
N THR G 28 -31.74 -5.77 20.78
CA THR G 28 -32.88 -6.07 19.90
C THR G 28 -33.96 -5.00 19.96
N PHE G 29 -33.65 -3.81 20.48
CA PHE G 29 -34.57 -2.68 20.35
C PHE G 29 -34.87 -2.38 18.88
N THR G 30 -33.86 -2.52 18.02
CA THR G 30 -34.05 -2.24 16.60
C THR G 30 -35.06 -3.17 15.95
N SER G 31 -35.41 -4.28 16.59
CA SER G 31 -36.33 -5.26 16.03
C SER G 31 -37.72 -5.22 16.66
N TYR G 32 -37.98 -4.26 17.53
CA TYR G 32 -39.30 -4.06 18.12
C TYR G 32 -39.93 -2.79 17.56
N ALA G 33 -41.19 -2.90 17.14
CA ALA G 33 -41.99 -1.72 16.88
C ALA G 33 -42.49 -1.13 18.20
N MET G 34 -42.74 0.17 18.18
CA MET G 34 -43.05 0.91 19.39
C MET G 34 -44.38 1.64 19.25
N GLY G 35 -45.09 1.76 20.37
CA GLY G 35 -46.36 2.46 20.39
C GLY G 35 -46.56 3.29 21.63
N TRP G 36 -47.12 4.48 21.47
CA TRP G 36 -47.46 5.34 22.59
C TRP G 36 -48.93 5.20 22.93
N PHE G 37 -49.22 5.20 24.23
CA PHE G 37 -50.57 5.13 24.77
C PHE G 37 -50.77 6.28 25.74
N ARG G 38 -52.03 6.54 26.10
CA ARG G 38 -52.31 7.49 27.16
C ARG G 38 -53.55 7.06 27.93
N GLN G 39 -53.46 7.14 29.25
CA GLN G 39 -54.55 6.85 30.16
C GLN G 39 -54.95 8.16 30.85
N ALA G 40 -56.17 8.59 30.62
CA ALA G 40 -56.65 9.77 31.31
C ALA G 40 -57.59 9.37 32.44
N PRO G 41 -57.67 10.16 33.51
CA PRO G 41 -58.55 9.80 34.63
C PRO G 41 -60.00 9.72 34.20
N GLY G 42 -60.67 8.65 34.63
CA GLY G 42 -62.06 8.44 34.27
C GLY G 42 -62.29 8.02 32.83
N LYS G 43 -61.23 7.68 32.09
CA LYS G 43 -61.36 7.28 30.70
C LYS G 43 -60.45 6.08 30.44
N GLU G 44 -60.87 5.24 29.51
CA GLU G 44 -60.09 4.07 29.13
C GLU G 44 -58.98 4.47 28.16
N ARG G 45 -57.84 3.79 28.26
CA ARG G 45 -56.67 4.24 27.51
C ARG G 45 -56.90 4.10 26.01
N GLU G 46 -56.10 4.84 25.25
CA GLU G 46 -56.22 4.89 23.80
C GLU G 46 -54.84 4.81 23.17
N SER G 47 -54.80 4.28 21.95
CA SER G 47 -53.57 4.22 21.18
C SER G 47 -53.31 5.58 20.54
N VAL G 48 -52.14 6.14 20.78
CA VAL G 48 -51.84 7.51 20.33
C VAL G 48 -51.05 7.48 19.04
N ALA G 49 -49.85 6.92 19.07
CA ALA G 49 -48.97 6.89 17.92
C ALA G 49 -48.25 5.55 17.88
N ALA G 50 -47.58 5.28 16.76
CA ALA G 50 -46.86 4.03 16.59
C ALA G 50 -45.81 4.21 15.51
N ILE G 51 -44.72 3.45 15.64
CA ILE G 51 -43.62 3.46 14.68
C ILE G 51 -43.10 2.03 14.53
N SER G 52 -42.62 1.71 13.33
CA SER G 52 -42.16 0.38 13.03
C SER G 52 -40.73 0.17 13.53
N SER G 53 -40.31 -1.09 13.59
CA SER G 53 -38.99 -1.43 14.09
C SER G 53 -37.90 -0.69 13.34
N SER G 54 -38.03 -0.56 12.02
CA SER G 54 -37.07 0.16 11.21
C SER G 54 -37.26 1.66 11.25
N GLY G 55 -38.32 2.15 11.88
CA GLY G 55 -38.68 3.54 11.69
C GLY G 55 -39.22 3.73 10.28
N GLY G 56 -39.30 5.00 9.88
CA GLY G 56 -39.75 5.32 8.54
C GLY G 56 -41.14 4.82 8.20
N SER G 57 -41.94 4.46 9.20
CA SER G 57 -43.32 4.03 8.98
C SER G 57 -44.08 4.36 10.27
N THR G 58 -44.77 5.49 10.27
CA THR G 58 -45.45 6.00 11.46
C THR G 58 -46.96 5.97 11.27
N HIS G 59 -47.67 5.86 12.40
CA HIS G 59 -49.12 5.80 12.41
C HIS G 59 -49.61 6.64 13.59
N TYR G 60 -50.71 7.36 13.37
CA TYR G 60 -51.22 8.29 14.37
C TYR G 60 -52.73 8.13 14.50
N ALA G 61 -53.23 8.26 15.72
CA ALA G 61 -54.67 8.26 15.95
C ALA G 61 -55.25 9.63 15.62
N ASP G 62 -56.50 9.62 15.14
CA ASP G 62 -57.12 10.83 14.60
C ASP G 62 -57.10 11.99 15.58
N SER G 63 -57.15 11.70 16.89
CA SER G 63 -57.25 12.76 17.89
C SER G 63 -55.98 13.59 17.99
N VAL G 64 -54.83 13.05 17.59
CA VAL G 64 -53.55 13.73 17.75
C VAL G 64 -52.86 14.01 16.43
N LYS G 65 -53.49 13.69 15.30
CA LYS G 65 -52.84 13.83 14.01
C LYS G 65 -52.61 15.30 13.67
N GLY G 66 -51.46 15.58 13.06
CA GLY G 66 -51.02 16.94 12.83
C GLY G 66 -50.33 17.59 14.01
N ARG G 67 -50.62 17.14 15.23
CA ARG G 67 -50.08 17.73 16.45
C ARG G 67 -48.93 16.92 17.04
N PHE G 68 -49.06 15.60 17.12
CA PHE G 68 -47.98 14.76 17.60
C PHE G 68 -47.15 14.23 16.44
N THR G 69 -45.89 13.91 16.74
CA THR G 69 -45.00 13.24 15.81
C THR G 69 -44.12 12.26 16.56
N ILE G 70 -44.14 11.00 16.13
CA ILE G 70 -43.37 9.93 16.77
C ILE G 70 -42.12 9.67 15.94
N SER G 71 -41.01 9.41 16.63
CA SER G 71 -39.75 9.12 15.97
C SER G 71 -38.97 8.13 16.82
N ARG G 72 -37.85 7.65 16.28
CA ARG G 72 -37.00 6.74 17.05
C ARG G 72 -35.55 6.88 16.60
N ASP G 73 -34.66 6.85 17.58
CA ASP G 73 -33.22 6.83 17.37
C ASP G 73 -32.74 5.43 17.75
N ASN G 74 -32.39 4.64 16.74
CA ASN G 74 -31.97 3.26 16.95
C ASN G 74 -30.53 3.17 17.49
N SER G 75 -29.73 4.21 17.29
CA SER G 75 -28.38 4.23 17.85
C SER G 75 -28.38 4.55 19.34
N LYS G 76 -29.48 5.06 19.87
CA LYS G 76 -29.60 5.36 21.30
C LYS G 76 -30.72 4.56 21.96
N ASN G 77 -31.30 3.59 21.25
CA ASN G 77 -32.39 2.76 21.76
C ASN G 77 -33.52 3.59 22.35
N THR G 78 -33.90 4.66 21.65
CA THR G 78 -34.85 5.60 22.22
C THR G 78 -35.99 5.89 21.24
N VAL G 79 -37.17 6.08 21.80
CA VAL G 79 -38.34 6.50 21.04
C VAL G 79 -38.75 7.87 21.56
N TYR G 80 -39.35 8.68 20.68
CA TYR G 80 -39.71 10.03 21.03
C TYR G 80 -41.12 10.35 20.55
N LEU G 81 -41.85 11.11 21.35
CA LEU G 81 -43.16 11.63 20.99
C LEU G 81 -43.13 13.14 21.19
N GLN G 82 -43.08 13.88 20.10
CA GLN G 82 -43.13 15.34 20.13
C GLN G 82 -44.59 15.77 20.09
N MET G 83 -45.05 16.44 21.14
CA MET G 83 -46.43 16.85 21.30
C MET G 83 -46.50 18.37 21.15
N ASN G 84 -47.22 18.82 20.14
CA ASN G 84 -47.38 20.24 19.85
C ASN G 84 -48.86 20.59 19.90
N SER G 85 -49.14 21.87 20.14
CA SER G 85 -50.51 22.38 20.23
C SER G 85 -51.30 21.62 21.30
N LEU G 86 -50.70 21.52 22.49
CA LEU G 86 -51.29 20.73 23.56
C LEU G 86 -52.58 21.38 24.08
N LYS G 87 -53.67 20.58 24.08
CA LYS G 87 -55.02 20.83 24.53
C LYS G 87 -55.24 20.26 25.93
N PRO G 88 -56.15 20.82 26.71
CA PRO G 88 -56.38 20.27 28.06
C PRO G 88 -56.84 18.82 28.07
N GLU G 89 -57.55 18.39 27.04
CA GLU G 89 -57.97 16.99 26.94
C GLU G 89 -56.85 16.05 26.51
N ASP G 90 -55.60 16.52 26.56
CA ASP G 90 -54.43 15.65 26.41
C ASP G 90 -53.83 15.23 27.76
N THR G 91 -54.28 15.82 28.86
CA THR G 91 -53.70 15.54 30.17
C THR G 91 -53.94 14.09 30.55
N ALA G 92 -52.84 13.34 30.69
CA ALA G 92 -52.94 11.90 30.94
C ALA G 92 -51.56 11.36 31.30
N VAL G 93 -51.54 10.09 31.69
CA VAL G 93 -50.30 9.36 31.85
C VAL G 93 -49.99 8.69 30.51
N TYR G 94 -48.87 9.05 29.89
CA TYR G 94 -48.50 8.43 28.63
C TYR G 94 -47.59 7.23 28.89
N TYR G 95 -47.92 6.12 28.23
CA TYR G 95 -47.25 4.85 28.35
C TYR G 95 -46.55 4.51 27.05
N CYS G 96 -45.54 3.65 27.16
CA CYS G 96 -44.66 3.30 26.05
C CYS G 96 -44.59 1.79 25.96
N ALA G 97 -44.97 1.23 24.82
CA ALA G 97 -45.12 -0.22 24.67
C ALA G 97 -44.33 -0.72 23.48
N ALA G 98 -43.76 -1.92 23.64
CA ALA G 98 -42.91 -2.56 22.65
C ALA G 98 -43.56 -3.86 22.20
N ALA G 99 -43.68 -4.02 20.88
CA ALA G 99 -44.33 -5.16 20.26
C ALA G 99 -43.49 -5.66 19.08
N MET G 100 -43.51 -6.97 18.84
CA MET G 100 -42.81 -7.53 17.69
C MET G 100 -43.73 -8.09 16.62
N TYR G 101 -44.78 -8.83 16.98
CA TYR G 101 -45.74 -9.31 16.00
C TYR G 101 -47.08 -8.62 16.19
N GLY G 102 -47.95 -8.84 15.22
CA GLY G 102 -49.26 -8.21 15.22
C GLY G 102 -49.70 -7.88 13.81
N SER G 103 -50.95 -7.45 13.70
CA SER G 103 -51.58 -7.06 12.45
C SER G 103 -51.45 -5.55 12.23
N ARG G 104 -52.25 -5.01 11.31
CA ARG G 104 -52.32 -3.57 11.08
C ARG G 104 -52.65 -2.83 12.38
N TRP G 105 -51.90 -1.77 12.66
CA TRP G 105 -52.04 -1.01 13.89
C TRP G 105 -53.45 -0.42 13.99
N PRO G 106 -54.01 -0.29 15.21
CA PRO G 106 -53.47 -0.59 16.55
C PRO G 106 -53.56 -2.04 17.01
N ASP G 107 -53.73 -2.98 16.09
CA ASP G 107 -53.85 -4.40 16.45
C ASP G 107 -52.46 -5.04 16.52
N TRP G 108 -51.72 -4.65 17.55
CA TRP G 108 -50.39 -5.19 17.78
C TRP G 108 -50.35 -6.03 19.06
N GLU G 109 -49.32 -6.85 19.16
CA GLU G 109 -49.11 -7.76 20.28
C GLU G 109 -47.96 -7.21 21.12
N TYR G 110 -48.30 -6.33 22.07
CA TYR G 110 -47.29 -5.64 22.85
C TYR G 110 -46.73 -6.56 23.92
N ASP G 111 -45.40 -6.72 23.93
CA ASP G 111 -44.75 -7.59 24.90
C ASP G 111 -44.11 -6.84 26.06
N TYR G 112 -43.90 -5.53 25.95
CA TYR G 112 -43.30 -4.81 27.06
C TYR G 112 -43.98 -3.47 27.27
N TRP G 113 -44.19 -3.11 28.54
CA TRP G 113 -44.79 -1.83 28.90
C TRP G 113 -43.80 -0.99 29.68
N GLY G 114 -44.08 0.31 29.74
CA GLY G 114 -43.29 1.24 30.50
C GLY G 114 -44.02 1.70 31.77
N GLN G 115 -43.23 2.30 32.67
CA GLN G 115 -43.76 2.85 33.91
C GLN G 115 -44.90 3.82 33.64
N GLY G 116 -44.63 4.83 32.81
CA GLY G 116 -45.60 5.87 32.55
C GLY G 116 -45.02 7.23 32.90
N THR G 117 -45.48 8.28 32.21
CA THR G 117 -45.04 9.63 32.54
C THR G 117 -46.24 10.57 32.47
N GLN G 118 -46.42 11.38 33.50
CA GLN G 118 -47.59 12.24 33.59
C GLN G 118 -47.39 13.50 32.75
N VAL G 119 -48.40 13.86 31.98
CA VAL G 119 -48.42 15.11 31.21
C VAL G 119 -49.69 15.85 31.59
N THR G 120 -49.52 17.07 32.12
CA THR G 120 -50.62 17.88 32.64
C THR G 120 -50.69 19.17 31.86
N VAL G 121 -51.80 19.39 31.16
CA VAL G 121 -52.02 20.58 30.34
C VAL G 121 -52.99 21.48 31.08
N SER G 122 -52.49 22.60 31.58
CA SER G 122 -53.29 23.51 32.39
C SER G 122 -53.95 24.57 31.51
N SER G 123 -54.85 25.33 32.13
CA SER G 123 -55.45 26.50 31.51
C SER G 123 -55.85 27.48 32.61
N GLN H 3 27.37 54.17 18.89
CA GLN H 3 26.80 55.18 19.79
C GLN H 3 26.71 56.55 19.11
N LEU H 4 25.51 57.10 19.04
CA LEU H 4 25.25 58.38 18.41
C LEU H 4 25.25 59.48 19.47
N VAL H 5 25.93 60.59 19.19
CA VAL H 5 26.09 61.69 20.13
C VAL H 5 25.74 62.99 19.41
N GLU H 6 24.76 63.73 19.94
CA GLU H 6 24.36 64.99 19.34
C GLU H 6 24.91 66.18 20.10
N SER H 7 24.88 67.33 19.44
CA SER H 7 25.35 68.59 20.01
C SER H 7 24.83 69.73 19.14
N GLY H 8 24.98 70.95 19.65
CA GLY H 8 24.60 72.15 18.93
C GLY H 8 23.29 72.77 19.36
N GLY H 9 22.53 72.10 20.22
CA GLY H 9 21.29 72.65 20.71
C GLY H 9 21.52 73.84 21.63
N GLY H 10 20.42 74.45 22.05
CA GLY H 10 20.45 75.57 22.94
C GLY H 10 19.35 76.56 22.61
N LEU H 11 19.48 77.76 23.17
CA LEU H 11 18.47 78.79 23.00
C LEU H 11 18.69 79.56 21.70
N VAL H 12 17.60 79.86 21.01
CA VAL H 12 17.64 80.62 19.76
C VAL H 12 16.35 81.40 19.63
N GLN H 13 16.47 82.64 19.17
CA GLN H 13 15.31 83.52 19.04
C GLN H 13 14.51 83.14 17.80
N ALA H 14 13.27 83.64 17.73
CA ALA H 14 12.39 83.34 16.60
C ALA H 14 12.97 83.87 15.30
N GLY H 15 13.01 83.00 14.29
CA GLY H 15 13.56 83.35 13.00
C GLY H 15 15.06 83.17 12.86
N GLY H 16 15.72 82.51 13.83
CA GLY H 16 17.14 82.32 13.80
C GLY H 16 17.55 81.01 13.17
N SER H 17 18.86 80.75 13.20
CA SER H 17 19.45 79.56 12.62
C SER H 17 20.20 78.77 13.69
N LEU H 18 20.25 77.45 13.51
CA LEU H 18 20.92 76.58 14.47
C LEU H 18 21.28 75.27 13.78
N ARG H 19 22.51 74.81 14.00
CA ARG H 19 23.06 73.68 13.26
C ARG H 19 23.35 72.54 14.22
N LEU H 20 22.50 71.51 14.19
CA LEU H 20 22.67 70.35 15.06
C LEU H 20 23.61 69.34 14.41
N SER H 21 24.51 68.78 15.22
CA SER H 21 25.48 67.80 14.76
C SER H 21 25.27 66.48 15.51
N CYS H 22 25.55 65.37 14.82
CA CYS H 22 25.36 64.03 15.35
C CYS H 22 26.53 63.16 14.89
N ALA H 23 27.43 62.83 15.80
CA ALA H 23 28.61 62.04 15.49
C ALA H 23 28.42 60.59 15.92
N ALA H 24 29.03 59.69 15.17
CA ALA H 24 28.86 58.26 15.35
C ALA H 24 30.20 57.56 15.47
N SER H 25 30.30 56.65 16.43
CA SER H 25 31.48 55.80 16.57
C SER H 25 31.37 54.60 15.63
N GLY H 26 32.44 53.83 15.56
CA GLY H 26 32.48 52.65 14.71
C GLY H 26 32.73 52.99 13.26
N ARG H 27 33.27 52.03 12.50
CA ARG H 27 33.58 52.23 11.09
C ARG H 27 32.45 51.77 10.17
N THR H 28 31.25 51.59 10.69
CA THR H 28 30.11 51.14 9.91
C THR H 28 29.14 52.27 9.58
N PHE H 29 29.50 53.52 9.93
CA PHE H 29 28.60 54.65 9.69
C PHE H 29 28.21 54.77 8.23
N THR H 30 29.14 54.47 7.32
CA THR H 30 28.87 54.60 5.89
C THR H 30 27.79 53.64 5.41
N SER H 31 27.47 52.60 6.18
CA SER H 31 26.45 51.64 5.79
C SER H 31 25.09 51.95 6.38
N TYR H 32 24.96 53.00 7.19
CA TYR H 32 23.72 53.35 7.85
C TYR H 32 23.15 54.64 7.28
N ALA H 33 21.84 54.65 7.04
CA ALA H 33 21.09 55.87 6.77
C ALA H 33 20.66 56.50 8.09
N MET H 34 20.48 57.82 8.06
CA MET H 34 20.30 58.58 9.28
C MET H 34 19.00 59.38 9.22
N GLY H 35 18.41 59.61 10.39
CA GLY H 35 17.18 60.36 10.47
C GLY H 35 17.15 61.21 11.73
N TRP H 36 16.53 62.37 11.61
CA TRP H 36 16.33 63.29 12.72
C TRP H 36 14.88 63.24 13.19
N PHE H 37 14.71 63.42 14.50
CA PHE H 37 13.41 63.36 15.15
C PHE H 37 13.32 64.51 16.15
N ARG H 38 12.12 64.77 16.65
CA ARG H 38 11.97 65.74 17.72
C ARG H 38 10.80 65.36 18.62
N GLN H 39 11.04 65.46 19.92
CA GLN H 39 10.08 65.13 20.96
C GLN H 39 9.76 66.42 21.72
N ALA H 40 8.54 66.90 21.58
CA ALA H 40 8.09 68.03 22.38
C ALA H 40 7.25 67.53 23.56
N PRO H 41 7.32 68.21 24.71
CA PRO H 41 6.55 67.75 25.87
C PRO H 41 5.06 67.72 25.58
N GLY H 42 4.41 66.65 26.01
CA GLY H 42 2.99 66.48 25.77
C GLY H 42 2.63 66.09 24.35
N LYS H 43 3.62 65.81 23.51
CA LYS H 43 3.36 65.43 22.12
C LYS H 43 4.23 64.24 21.77
N GLU H 44 3.72 63.38 20.89
CA GLU H 44 4.47 62.25 20.38
C GLU H 44 5.48 62.72 19.35
N ARG H 45 6.68 62.13 19.39
CA ARG H 45 7.75 62.53 18.49
C ARG H 45 7.36 62.39 17.04
N GLU H 46 7.92 63.26 16.20
CA GLU H 46 7.71 63.23 14.77
C GLU H 46 9.06 63.10 14.07
N SER H 47 9.02 62.61 12.84
CA SER H 47 10.22 62.45 12.04
C SER H 47 10.44 63.73 11.23
N VAL H 48 11.64 64.29 11.31
CA VAL H 48 11.92 65.61 10.76
C VAL H 48 12.59 65.51 9.40
N ALA H 49 13.74 64.85 9.34
CA ALA H 49 14.50 64.74 8.10
C ALA H 49 15.22 63.40 8.07
N ALA H 50 15.80 63.07 6.92
CA ALA H 50 16.49 61.81 6.76
C ALA H 50 17.40 61.90 5.54
N ILE H 51 18.49 61.10 5.59
CA ILE H 51 19.44 61.00 4.50
C ILE H 51 19.84 59.54 4.37
N SER H 52 20.04 59.10 3.13
CA SER H 52 20.39 57.70 2.88
C SER H 52 21.85 57.45 3.22
N SER H 53 22.22 56.16 3.26
CA SER H 53 23.58 55.78 3.62
C SER H 53 24.61 56.44 2.71
N SER H 54 24.35 56.43 1.41
CA SER H 54 25.26 57.01 0.43
C SER H 54 25.16 58.53 0.34
N GLY H 55 24.28 59.16 1.12
CA GLY H 55 23.98 60.55 0.90
C GLY H 55 23.24 60.72 -0.42
N GLY H 56 23.16 61.96 -0.86
CA GLY H 56 22.52 62.26 -2.14
C GLY H 56 21.09 61.77 -2.27
N SER H 57 20.42 61.52 -1.14
CA SER H 57 19.01 61.12 -1.15
C SER H 57 18.42 61.60 0.17
N THR H 58 17.81 62.78 0.14
CA THR H 58 17.31 63.42 1.36
C THR H 58 15.79 63.43 1.35
N HIS H 59 15.22 63.41 2.56
CA HIS H 59 13.78 63.38 2.75
C HIS H 59 13.44 64.31 3.91
N TYR H 60 12.39 65.10 3.76
CA TYR H 60 12.00 66.09 4.76
C TYR H 60 10.51 66.00 5.04
N ALA H 61 10.15 66.22 6.30
CA ALA H 61 8.74 66.29 6.67
C ALA H 61 8.15 67.61 6.20
N ASP H 62 6.85 67.57 5.85
CA ASP H 62 6.17 68.76 5.33
C ASP H 62 6.28 69.95 6.28
N SER H 63 6.32 69.69 7.58
CA SER H 63 6.36 70.78 8.55
C SER H 63 7.66 71.57 8.51
N VAL H 64 8.72 71.02 7.92
CA VAL H 64 10.02 71.68 7.91
C VAL H 64 10.59 71.79 6.51
N LYS H 65 9.80 71.42 5.50
CA LYS H 65 10.26 71.50 4.12
C LYS H 65 10.52 72.96 3.73
N GLY H 66 11.73 73.22 3.25
CA GLY H 66 12.15 74.56 2.89
C GLY H 66 12.93 75.29 3.95
N ARG H 67 12.92 74.80 5.19
CA ARG H 67 13.63 75.45 6.29
C ARG H 67 14.82 74.64 6.79
N PHE H 68 14.72 73.33 6.86
CA PHE H 68 15.81 72.50 7.34
C PHE H 68 16.52 71.82 6.17
N THR H 69 17.81 71.57 6.34
CA THR H 69 18.60 70.80 5.37
C THR H 69 19.44 69.77 6.10
N ILE H 70 19.33 68.51 5.67
CA ILE H 70 20.10 67.42 6.25
C ILE H 70 21.27 67.08 5.33
N SER H 71 22.43 66.83 5.93
CA SER H 71 23.62 66.47 5.16
C SER H 71 24.45 65.51 6.00
N ARG H 72 25.45 64.89 5.37
CA ARG H 72 26.29 63.97 6.10
C ARG H 72 27.72 64.03 5.59
N ASP H 73 28.67 63.99 6.52
CA ASP H 73 30.09 63.92 6.25
C ASP H 73 30.54 62.52 6.67
N ASN H 74 30.75 61.66 5.66
CA ASN H 74 31.09 60.26 5.93
C ASN H 74 32.53 60.12 6.39
N SER H 75 33.42 60.99 5.92
CA SER H 75 34.81 60.96 6.39
C SER H 75 34.94 61.45 7.83
N LYS H 76 33.91 62.08 8.39
CA LYS H 76 33.90 62.50 9.78
C LYS H 76 32.88 61.74 10.62
N ASN H 77 32.19 60.76 10.03
CA ASN H 77 31.11 60.02 10.70
C ASN H 77 30.13 60.97 11.38
N THR H 78 29.58 61.92 10.61
CA THR H 78 28.74 62.93 11.24
C THR H 78 27.57 63.28 10.34
N VAL H 79 26.44 63.57 10.96
CA VAL H 79 25.22 64.01 10.29
C VAL H 79 24.88 65.41 10.79
N TYR H 80 24.37 66.25 9.90
CA TYR H 80 24.10 67.63 10.22
C TYR H 80 22.66 67.97 9.85
N LEU H 81 21.99 68.69 10.75
CA LEU H 81 20.67 69.26 10.48
C LEU H 81 20.80 70.77 10.63
N GLN H 82 20.82 71.48 9.51
CA GLN H 82 20.82 72.93 9.51
C GLN H 82 19.37 73.41 9.58
N MET H 83 19.02 74.08 10.67
CA MET H 83 17.67 74.55 10.93
C MET H 83 17.63 76.05 10.71
N ASN H 84 16.81 76.49 9.76
CA ASN H 84 16.67 77.90 9.44
C ASN H 84 15.22 78.31 9.60
N SER H 85 15.01 79.61 9.83
CA SER H 85 13.67 80.17 10.05
C SER H 85 12.96 79.45 11.20
N LEU H 86 13.65 79.35 12.33
CA LEU H 86 13.14 78.62 13.48
C LEU H 86 11.96 79.35 14.11
N LYS H 87 10.81 78.70 14.16
CA LYS H 87 9.52 79.09 14.73
C LYS H 87 9.45 78.63 16.19
N PRO H 88 8.65 79.33 17.02
CA PRO H 88 8.49 78.87 18.41
C PRO H 88 7.93 77.46 18.51
N GLU H 89 7.14 77.02 17.53
CA GLU H 89 6.59 75.67 17.52
C GLU H 89 7.59 74.62 17.04
N ASP H 90 8.88 74.95 16.97
CA ASP H 90 9.91 73.96 16.73
C ASP H 90 10.46 73.43 18.06
N ALA H 92 11.62 71.69 21.29
CA ALA H 92 11.59 70.25 21.45
C ALA H 92 13.01 69.68 21.52
N VAL H 93 13.12 68.42 21.95
CA VAL H 93 14.41 67.74 22.01
C VAL H 93 14.61 66.99 20.71
N TYR H 94 15.69 67.29 20.00
CA TYR H 94 15.93 66.65 18.71
C TYR H 94 16.84 65.45 18.86
N TYR H 95 16.39 64.32 18.31
CA TYR H 95 17.06 63.03 18.40
C TYR H 95 17.61 62.62 17.04
N CYS H 96 18.53 61.66 17.08
CA CYS H 96 19.28 61.21 15.91
C CYS H 96 19.27 59.69 15.91
N ALA H 97 18.93 59.10 14.76
CA ALA H 97 18.73 57.65 14.72
C ALA H 97 19.31 57.05 13.44
N ALA H 98 19.95 55.90 13.59
CA ALA H 98 20.56 55.17 12.48
C ALA H 98 19.71 53.96 12.12
N ALA H 99 19.66 53.64 10.83
CA ALA H 99 18.87 52.52 10.33
C ALA H 99 19.46 52.06 9.01
N MET H 100 19.49 50.74 8.79
CA MET H 100 19.95 50.22 7.52
C MET H 100 18.94 49.33 6.81
N TYR H 101 17.98 48.76 7.52
CA TYR H 101 16.85 48.09 6.90
C TYR H 101 15.63 49.01 6.94
N GLY H 102 14.59 48.62 6.23
CA GLY H 102 13.32 49.34 6.30
C GLY H 102 12.77 49.68 4.93
N SER H 103 11.56 50.23 4.94
CA SER H 103 10.81 50.61 3.77
C SER H 103 10.98 52.11 3.49
N ARG H 104 10.15 52.66 2.61
CA ARG H 104 10.18 54.08 2.30
C ARG H 104 10.00 54.92 3.57
N TRP H 105 10.88 55.90 3.75
CA TRP H 105 10.81 56.79 4.89
C TRP H 105 9.39 57.32 5.07
N PRO H 106 8.88 57.45 6.32
CA PRO H 106 9.55 57.39 7.62
C PRO H 106 9.74 56.03 8.32
N ASP H 107 8.99 54.97 8.00
CA ASP H 107 9.19 53.71 8.73
C ASP H 107 10.51 53.08 8.27
N TRP H 108 11.55 53.24 9.10
CA TRP H 108 12.89 52.79 8.73
C TRP H 108 13.53 51.80 9.69
N GLU H 109 12.84 51.33 10.72
CA GLU H 109 13.39 50.30 11.61
C GLU H 109 14.77 50.69 12.13
N TYR H 110 14.81 51.80 12.87
CA TYR H 110 16.10 52.32 13.32
C TYR H 110 16.68 51.45 14.43
N ASP H 111 17.98 51.18 14.32
CA ASP H 111 18.67 50.26 15.20
C ASP H 111 19.36 50.95 16.38
N TYR H 112 19.70 52.22 16.24
CA TYR H 112 20.45 52.94 17.27
C TYR H 112 19.90 54.35 17.40
N TRP H 113 19.94 54.89 18.62
CA TRP H 113 19.48 56.24 18.92
C TRP H 113 20.58 57.04 19.61
N GLY H 114 20.32 58.34 19.71
CA GLY H 114 21.21 59.27 20.39
C GLY H 114 20.59 59.85 21.65
N GLN H 115 21.40 60.67 22.33
CA GLN H 115 21.01 61.18 23.64
C GLN H 115 19.86 62.18 23.55
N GLY H 116 19.96 63.16 22.65
CA GLY H 116 18.92 64.17 22.53
C GLY H 116 19.29 65.50 23.13
N THR H 117 19.57 66.48 22.29
CA THR H 117 19.87 67.85 22.72
C THR H 117 18.61 68.71 22.60
N GLN H 118 18.59 69.79 23.38
CA GLN H 118 17.43 70.66 23.48
C GLN H 118 17.55 71.85 22.52
N VAL H 119 16.47 72.12 21.80
CA VAL H 119 16.37 73.29 20.93
C VAL H 119 15.17 74.09 21.39
N THR H 120 15.42 75.28 21.94
CA THR H 120 14.37 76.12 22.53
C THR H 120 14.30 77.42 21.73
N VAL H 121 13.13 77.67 21.14
CA VAL H 121 12.89 78.87 20.33
C VAL H 121 12.01 79.80 21.13
N SER H 122 12.60 80.87 21.65
CA SER H 122 11.88 81.81 22.51
C SER H 122 11.24 82.94 21.69
#